data_2KQ9
#
_entry.id   2KQ9
#
loop_
_entity.id
_entity.type
_entity.pdbx_description
1 polymer 'DnaK suppressor protein'
2 non-polymer 'ZINC ION'
#
_entity_poly.entity_id   1
_entity_poly.type   'polypeptide(L)'
_entity_poly.pdbx_seq_one_letter_code
;LAGGKSMNVESYEKILRDRQRELYRRLHKIEADFEEPRNPDDEDRASERSNDEVLDELGQVGQDELRAIDAALARIASGT
FGTCVKCGKRISEDRLKAVPYTPFCQECAAAL
;
_entity_poly.pdbx_strand_id   A
#
# COMPACT_ATOMS: atom_id res chain seq x y z
N LEU A 1 -9.80 -17.69 -4.90
CA LEU A 1 -10.46 -16.97 -6.01
C LEU A 1 -9.63 -17.14 -7.29
N ALA A 2 -10.10 -18.01 -8.20
CA ALA A 2 -9.49 -18.18 -9.51
C ALA A 2 -9.94 -17.03 -10.43
N GLY A 3 -9.07 -16.01 -10.57
CA GLY A 3 -9.36 -14.83 -11.39
C GLY A 3 -8.07 -14.14 -11.81
N GLY A 4 -7.36 -14.77 -12.77
CA GLY A 4 -6.09 -14.24 -13.30
C GLY A 4 -6.31 -13.09 -14.30
N LYS A 5 -7.40 -13.18 -15.09
CA LYS A 5 -7.75 -12.17 -16.11
C LYS A 5 -8.52 -11.01 -15.46
N SER A 6 -8.47 -9.83 -16.13
CA SER A 6 -9.07 -8.56 -15.68
C SER A 6 -8.34 -7.97 -14.45
N MET A 7 -8.07 -6.65 -14.48
CA MET A 7 -7.40 -5.91 -13.40
C MET A 7 -5.94 -6.40 -13.23
N ASN A 8 -5.00 -5.71 -13.91
CA ASN A 8 -3.58 -6.10 -13.94
C ASN A 8 -2.91 -5.83 -12.58
N VAL A 9 -2.77 -6.91 -11.78
CA VAL A 9 -2.25 -6.85 -10.40
C VAL A 9 -0.83 -6.26 -10.33
N GLU A 10 0.02 -6.56 -11.35
CA GLU A 10 1.45 -6.15 -11.37
C GLU A 10 1.61 -4.62 -11.21
N SER A 11 0.75 -3.87 -11.94
CA SER A 11 0.73 -2.40 -11.90
C SER A 11 0.48 -1.89 -10.47
N TYR A 12 -0.48 -2.55 -9.80
CA TYR A 12 -0.93 -2.18 -8.46
C TYR A 12 0.11 -2.59 -7.41
N GLU A 13 0.75 -3.74 -7.63
CA GLU A 13 1.73 -4.33 -6.73
C GLU A 13 2.91 -3.35 -6.49
N LYS A 14 3.46 -2.85 -7.62
CA LYS A 14 4.61 -1.95 -7.58
C LYS A 14 4.22 -0.56 -7.05
N ILE A 15 3.05 0.00 -7.49
CA ILE A 15 2.61 1.36 -7.07
C ILE A 15 2.27 1.38 -5.55
N LEU A 16 1.82 0.22 -5.03
CA LEU A 16 1.60 0.03 -3.58
C LEU A 16 2.92 0.16 -2.81
N ARG A 17 3.97 -0.51 -3.32
CA ARG A 17 5.32 -0.42 -2.76
C ARG A 17 5.87 1.02 -2.86
N ASP A 18 5.65 1.69 -4.00
CA ASP A 18 6.10 3.09 -4.21
C ASP A 18 5.44 4.03 -3.18
N ARG A 19 4.12 3.82 -2.99
CA ARG A 19 3.28 4.63 -2.08
C ARG A 19 3.67 4.41 -0.61
N GLN A 20 3.92 3.15 -0.22
CA GLN A 20 4.18 2.82 1.19
C GLN A 20 5.54 3.35 1.62
N ARG A 21 6.54 3.32 0.70
CA ARG A 21 7.94 3.66 1.03
C ARG A 21 8.14 5.17 1.16
N GLU A 22 7.48 5.94 0.28
CA GLU A 22 7.50 7.43 0.39
C GLU A 22 6.81 7.88 1.70
N LEU A 23 5.70 7.19 2.04
CA LEU A 23 4.98 7.44 3.30
C LEU A 23 5.75 6.88 4.52
N TYR A 24 6.55 5.80 4.29
CA TYR A 24 7.38 5.18 5.35
C TYR A 24 8.45 6.15 5.79
N ARG A 25 9.24 6.65 4.83
CA ARG A 25 10.38 7.57 5.10
C ARG A 25 9.87 8.92 5.64
N ARG A 26 8.62 9.26 5.24
CA ARG A 26 7.90 10.44 5.75
C ARG A 26 7.73 10.35 7.28
N LEU A 27 7.19 9.22 7.78
CA LEU A 27 6.98 9.01 9.22
C LEU A 27 8.23 8.41 9.91
N HIS A 28 9.21 7.94 9.12
CA HIS A 28 10.51 7.42 9.63
C HIS A 28 11.56 8.54 9.67
N LYS A 29 11.12 9.81 9.62
CA LYS A 29 12.00 11.01 9.70
C LYS A 29 12.91 10.99 10.95
N ILE A 30 12.44 10.31 12.02
CA ILE A 30 13.19 10.16 13.29
C ILE A 30 14.45 9.31 13.12
N GLU A 31 14.34 8.22 12.33
CA GLU A 31 15.40 7.21 12.17
C GLU A 31 16.09 7.33 10.80
N ALA A 32 15.57 8.24 9.95
CA ALA A 32 16.10 8.46 8.59
C ALA A 32 16.46 9.95 8.43
N ASP A 33 17.76 10.26 8.56
CA ASP A 33 18.32 11.59 8.26
C ASP A 33 18.30 11.83 6.74
N PHE A 34 18.46 10.72 5.99
CA PHE A 34 18.49 10.72 4.52
C PHE A 34 17.07 10.83 3.96
N GLU A 35 16.83 11.91 3.18
CA GLU A 35 15.54 12.13 2.48
C GLU A 35 15.79 12.34 0.97
N GLU A 36 17.06 12.63 0.60
CA GLU A 36 17.53 12.97 -0.77
C GLU A 36 16.91 14.31 -1.30
N PRO A 37 17.67 15.08 -2.17
CA PRO A 37 17.12 16.26 -2.87
C PRO A 37 15.90 15.88 -3.75
N ARG A 38 16.10 14.94 -4.70
CA ARG A 38 15.02 14.38 -5.54
C ARG A 38 15.14 12.84 -5.57
N ASN A 39 16.01 12.32 -6.47
CA ASN A 39 16.14 10.86 -6.73
C ASN A 39 16.86 10.15 -5.57
N PRO A 40 16.68 8.78 -5.42
CA PRO A 40 17.47 7.99 -4.44
C PRO A 40 18.97 7.92 -4.80
N ASP A 41 19.31 8.34 -6.05
CA ASP A 41 20.68 8.30 -6.63
C ASP A 41 21.03 6.88 -7.08
N ASP A 42 21.15 5.97 -6.09
CA ASP A 42 21.46 4.54 -6.32
C ASP A 42 20.22 3.77 -6.79
N GLU A 43 20.36 2.44 -6.90
CA GLU A 43 19.29 1.53 -7.35
C GLU A 43 18.09 1.57 -6.38
N ASP A 44 18.33 1.12 -5.13
CA ASP A 44 17.28 0.92 -4.11
C ASP A 44 17.92 0.54 -2.76
N ARG A 45 17.42 1.14 -1.67
CA ARG A 45 17.83 0.80 -0.29
C ARG A 45 16.90 -0.30 0.26
N ALA A 46 17.24 -1.58 -0.02
CA ALA A 46 16.42 -2.73 0.41
C ALA A 46 16.60 -3.00 1.92
N SER A 47 15.91 -2.18 2.74
CA SER A 47 15.88 -2.27 4.21
C SER A 47 14.49 -1.81 4.72
N GLU A 48 13.49 -1.90 3.83
CA GLU A 48 12.15 -1.33 4.07
C GLU A 48 11.27 -2.31 4.87
N ARG A 49 10.36 -1.74 5.71
CA ARG A 49 9.40 -2.50 6.56
C ARG A 49 10.16 -3.45 7.53
N SER A 50 11.43 -3.11 7.81
CA SER A 50 12.34 -3.91 8.65
C SER A 50 12.16 -3.55 10.15
N ASN A 51 11.40 -2.48 10.42
CA ASN A 51 11.12 -2.02 11.79
C ASN A 51 9.77 -2.60 12.26
N ASP A 52 9.84 -3.69 13.05
CA ASP A 52 8.63 -4.32 13.64
C ASP A 52 8.34 -3.69 15.01
N GLU A 53 7.93 -2.42 14.97
CA GLU A 53 7.49 -1.64 16.16
C GLU A 53 6.27 -0.79 15.77
N VAL A 54 5.51 -0.36 16.78
CA VAL A 54 4.36 0.55 16.60
C VAL A 54 4.87 2.00 16.43
N LEU A 55 5.52 2.51 17.50
CA LEU A 55 6.08 3.88 17.59
C LEU A 55 5.03 5.00 17.34
N ASP A 56 4.82 5.83 18.37
CA ASP A 56 3.80 6.90 18.37
C ASP A 56 4.24 8.11 17.50
N GLU A 57 5.57 8.23 17.25
CA GLU A 57 6.13 9.30 16.41
C GLU A 57 5.80 9.12 14.91
N LEU A 58 5.39 7.89 14.53
CA LEU A 58 4.92 7.63 13.15
C LEU A 58 3.52 8.22 13.00
N GLY A 59 3.30 9.00 11.91
CA GLY A 59 1.99 9.59 11.60
C GLY A 59 0.91 8.53 11.45
N GLN A 60 -0.19 8.64 12.21
CA GLN A 60 -1.27 7.61 12.25
C GLN A 60 -1.96 7.44 10.89
N VAL A 61 -2.06 8.55 10.13
CA VAL A 61 -2.58 8.53 8.75
C VAL A 61 -1.67 7.66 7.84
N GLY A 62 -0.35 7.76 8.07
CA GLY A 62 0.63 6.98 7.32
C GLY A 62 0.64 5.52 7.72
N GLN A 63 0.56 5.26 9.05
CA GLN A 63 0.50 3.89 9.62
C GLN A 63 -0.74 3.13 9.09
N ASP A 64 -1.88 3.83 9.10
CA ASP A 64 -3.19 3.29 8.68
C ASP A 64 -3.19 3.02 7.16
N GLU A 65 -2.58 3.96 6.42
CA GLU A 65 -2.46 3.88 4.96
C GLU A 65 -1.56 2.68 4.57
N LEU A 66 -0.46 2.52 5.34
CA LEU A 66 0.54 1.45 5.18
C LEU A 66 -0.03 0.09 5.57
N ARG A 67 -0.97 0.09 6.53
CA ARG A 67 -1.70 -1.13 6.96
C ARG A 67 -2.64 -1.60 5.83
N ALA A 68 -3.26 -0.61 5.15
CA ALA A 68 -4.15 -0.86 4.00
C ALA A 68 -3.35 -1.34 2.78
N ILE A 69 -2.14 -0.77 2.61
CA ILE A 69 -1.19 -1.18 1.55
C ILE A 69 -0.64 -2.58 1.85
N ASP A 70 -0.36 -2.85 3.12
CA ASP A 70 0.20 -4.13 3.60
C ASP A 70 -0.83 -5.26 3.41
N ALA A 71 -2.10 -4.93 3.67
CA ALA A 71 -3.24 -5.86 3.48
C ALA A 71 -3.43 -6.18 2.00
N ALA A 72 -3.30 -5.14 1.16
CA ALA A 72 -3.42 -5.24 -0.31
C ALA A 72 -2.30 -6.11 -0.91
N LEU A 73 -1.05 -5.85 -0.47
CA LEU A 73 0.16 -6.61 -0.88
C LEU A 73 0.09 -8.07 -0.39
N ALA A 74 -0.55 -8.27 0.77
CA ALA A 74 -0.77 -9.60 1.37
C ALA A 74 -1.81 -10.40 0.57
N ARG A 75 -2.82 -9.70 0.00
CA ARG A 75 -3.81 -10.30 -0.92
C ARG A 75 -3.12 -10.76 -2.21
N ILE A 76 -2.12 -9.99 -2.67
CA ILE A 76 -1.32 -10.33 -3.87
C ILE A 76 -0.49 -11.60 -3.60
N ALA A 77 0.12 -11.64 -2.41
CA ALA A 77 0.89 -12.79 -1.89
C ALA A 77 -0.01 -14.04 -1.71
N SER A 78 -1.30 -13.79 -1.41
CA SER A 78 -2.33 -14.84 -1.27
C SER A 78 -2.94 -15.22 -2.63
N GLY A 79 -2.74 -14.36 -3.64
CA GLY A 79 -3.26 -14.56 -5.01
C GLY A 79 -4.72 -14.15 -5.18
N THR A 80 -5.26 -13.42 -4.18
CA THR A 80 -6.68 -12.98 -4.14
C THR A 80 -6.78 -11.44 -3.98
N PHE A 81 -5.81 -10.72 -4.56
CA PHE A 81 -5.92 -9.26 -4.76
C PHE A 81 -7.11 -8.95 -5.71
N GLY A 82 -7.80 -7.83 -5.42
CA GLY A 82 -9.03 -7.48 -6.11
C GLY A 82 -10.22 -8.21 -5.49
N THR A 83 -10.14 -8.48 -4.17
CA THR A 83 -11.23 -9.08 -3.40
C THR A 83 -11.49 -8.25 -2.11
N CYS A 84 -12.69 -7.63 -2.03
CA CYS A 84 -13.21 -6.98 -0.82
C CYS A 84 -13.33 -8.01 0.29
N VAL A 85 -12.41 -7.95 1.27
CA VAL A 85 -12.42 -8.83 2.46
C VAL A 85 -13.72 -8.67 3.26
N LYS A 86 -14.29 -7.45 3.21
CA LYS A 86 -15.49 -7.06 3.97
C LYS A 86 -16.79 -7.57 3.28
N CYS A 87 -16.64 -8.11 2.06
CA CYS A 87 -17.74 -8.74 1.29
C CYS A 87 -17.45 -10.23 0.99
N GLY A 88 -16.15 -10.59 0.97
CA GLY A 88 -15.70 -11.86 0.38
C GLY A 88 -15.95 -11.93 -1.13
N LYS A 89 -15.96 -10.74 -1.79
CA LYS A 89 -16.36 -10.61 -3.22
C LYS A 89 -15.35 -9.71 -3.96
N ARG A 90 -15.51 -9.61 -5.30
CA ARG A 90 -14.56 -8.93 -6.21
C ARG A 90 -14.59 -7.37 -6.02
N ILE A 91 -13.46 -6.71 -6.30
CA ILE A 91 -13.29 -5.23 -6.29
C ILE A 91 -13.38 -4.68 -7.75
N SER A 92 -13.82 -3.42 -7.91
CA SER A 92 -13.84 -2.73 -9.22
C SER A 92 -12.39 -2.36 -9.63
N GLU A 93 -12.08 -2.46 -10.93
CA GLU A 93 -10.76 -2.06 -11.48
C GLU A 93 -10.58 -0.53 -11.34
N ASP A 94 -11.71 0.21 -11.44
CA ASP A 94 -11.75 1.68 -11.26
C ASP A 94 -11.44 2.07 -9.81
N ARG A 95 -11.89 1.21 -8.86
CA ARG A 95 -11.57 1.34 -7.43
C ARG A 95 -10.05 1.25 -7.21
N LEU A 96 -9.40 0.27 -7.88
CA LEU A 96 -7.98 -0.04 -7.67
C LEU A 96 -7.04 0.89 -8.45
N LYS A 97 -7.50 1.44 -9.59
CA LYS A 97 -6.68 2.39 -10.38
C LYS A 97 -6.62 3.75 -9.65
N ALA A 98 -7.72 4.07 -8.93
CA ALA A 98 -7.84 5.29 -8.11
C ALA A 98 -7.15 5.09 -6.73
N VAL A 99 -7.38 3.92 -6.13
CA VAL A 99 -6.86 3.55 -4.81
C VAL A 99 -6.66 2.00 -4.75
N PRO A 100 -5.41 1.50 -5.03
CA PRO A 100 -5.09 0.04 -4.94
C PRO A 100 -4.92 -0.45 -3.49
N TYR A 101 -4.87 0.50 -2.54
CA TYR A 101 -4.64 0.22 -1.11
C TYR A 101 -5.94 0.29 -0.34
N THR A 102 -6.96 -0.39 -0.86
CA THR A 102 -8.22 -0.57 -0.16
C THR A 102 -8.61 -2.07 -0.17
N PRO A 103 -8.68 -2.74 1.03
CA PRO A 103 -9.22 -4.11 1.15
C PRO A 103 -10.76 -4.13 1.07
N PHE A 104 -11.37 -2.94 0.91
CA PHE A 104 -12.82 -2.76 0.87
C PHE A 104 -13.24 -2.24 -0.51
N CYS A 105 -14.43 -2.66 -0.97
CA CYS A 105 -15.04 -2.14 -2.21
C CYS A 105 -15.63 -0.75 -1.92
N GLN A 106 -15.93 0.05 -2.97
CA GLN A 106 -16.38 1.46 -2.80
C GLN A 106 -17.69 1.55 -1.98
N GLU A 107 -18.52 0.50 -2.09
CA GLU A 107 -19.73 0.31 -1.25
C GLU A 107 -19.36 0.35 0.24
N CYS A 108 -18.36 -0.48 0.64
CA CYS A 108 -17.86 -0.56 2.02
C CYS A 108 -17.12 0.74 2.43
N ALA A 109 -16.32 1.31 1.49
CA ALA A 109 -15.51 2.52 1.72
C ALA A 109 -16.40 3.74 2.04
N ALA A 110 -17.56 3.81 1.36
CA ALA A 110 -18.57 4.85 1.55
C ALA A 110 -19.45 4.54 2.78
N ALA A 111 -19.51 3.25 3.17
CA ALA A 111 -20.27 2.77 4.35
C ALA A 111 -19.44 2.83 5.65
N LEU A 112 -18.13 3.12 5.55
CA LEU A 112 -17.24 3.27 6.73
C LEU A 112 -17.67 4.50 7.57
N LEU A 1 9.57 -9.52 -14.75
CA LEU A 1 9.84 -10.97 -14.93
C LEU A 1 8.55 -11.65 -15.45
N ALA A 2 7.57 -11.86 -14.54
CA ALA A 2 6.26 -12.45 -14.86
C ALA A 2 5.34 -12.37 -13.62
N GLY A 3 4.12 -11.84 -13.81
CA GLY A 3 3.13 -11.73 -12.74
C GLY A 3 1.88 -11.06 -13.23
N GLY A 4 1.15 -11.74 -14.13
CA GLY A 4 -0.09 -11.22 -14.72
C GLY A 4 -1.00 -12.34 -15.23
N LYS A 5 -2.30 -12.25 -14.89
CA LYS A 5 -3.32 -13.26 -15.25
C LYS A 5 -4.47 -12.59 -16.02
N SER A 6 -5.17 -11.66 -15.35
CA SER A 6 -6.36 -10.98 -15.92
C SER A 6 -6.23 -9.45 -15.71
N MET A 7 -6.16 -9.03 -14.44
CA MET A 7 -5.94 -7.61 -14.09
C MET A 7 -4.43 -7.35 -13.93
N ASN A 8 -3.99 -6.13 -14.28
CA ASN A 8 -2.59 -5.72 -14.14
C ASN A 8 -2.26 -5.43 -12.66
N VAL A 9 -2.07 -6.54 -11.91
CA VAL A 9 -1.80 -6.50 -10.46
C VAL A 9 -0.33 -6.11 -10.20
N GLU A 10 0.56 -6.41 -11.17
CA GLU A 10 2.01 -6.08 -11.07
C GLU A 10 2.22 -4.55 -11.10
N SER A 11 1.36 -3.87 -11.86
CA SER A 11 1.31 -2.39 -11.90
C SER A 11 0.97 -1.83 -10.51
N TYR A 12 -0.02 -2.48 -9.86
CA TYR A 12 -0.46 -2.14 -8.50
C TYR A 12 0.64 -2.48 -7.48
N GLU A 13 1.32 -3.60 -7.71
CA GLU A 13 2.34 -4.17 -6.81
C GLU A 13 3.46 -3.14 -6.54
N LYS A 14 4.06 -2.64 -7.64
CA LYS A 14 5.14 -1.65 -7.57
C LYS A 14 4.64 -0.28 -7.02
N ILE A 15 3.47 0.21 -7.51
CA ILE A 15 2.97 1.57 -7.14
C ILE A 15 2.64 1.64 -5.63
N LEU A 16 2.19 0.48 -5.08
CA LEU A 16 1.92 0.33 -3.64
C LEU A 16 3.23 0.47 -2.84
N ARG A 17 4.29 -0.18 -3.34
CA ARG A 17 5.63 -0.11 -2.72
C ARG A 17 6.18 1.33 -2.77
N ASP A 18 5.96 2.04 -3.89
CA ASP A 18 6.47 3.40 -4.09
C ASP A 18 5.81 4.38 -3.10
N ARG A 19 4.48 4.24 -2.95
CA ARG A 19 3.67 5.06 -2.02
C ARG A 19 4.04 4.76 -0.56
N GLN A 20 4.20 3.47 -0.23
CA GLN A 20 4.52 3.07 1.16
C GLN A 20 5.95 3.48 1.52
N ARG A 21 6.87 3.55 0.53
CA ARG A 21 8.30 3.90 0.75
C ARG A 21 8.50 5.40 1.02
N GLU A 22 7.83 6.26 0.22
CA GLU A 22 7.90 7.72 0.40
C GLU A 22 7.31 8.11 1.78
N LEU A 23 6.18 7.46 2.11
CA LEU A 23 5.52 7.63 3.40
C LEU A 23 6.35 6.99 4.52
N TYR A 24 7.04 5.87 4.20
CA TYR A 24 7.85 5.10 5.18
C TYR A 24 8.94 6.00 5.76
N ARG A 25 9.77 6.56 4.86
CA ARG A 25 10.92 7.42 5.25
C ARG A 25 10.43 8.72 5.93
N ARG A 26 9.22 9.19 5.54
CA ARG A 26 8.56 10.34 6.16
C ARG A 26 8.32 10.11 7.68
N LEU A 27 7.59 9.04 8.01
CA LEU A 27 7.20 8.76 9.41
C LEU A 27 8.30 8.03 10.19
N HIS A 28 9.19 7.30 9.47
CA HIS A 28 10.34 6.57 10.08
C HIS A 28 11.57 7.49 10.12
N LYS A 29 11.32 8.70 10.62
CA LYS A 29 12.34 9.76 10.81
C LYS A 29 13.41 9.35 11.85
N ILE A 30 13.03 8.42 12.75
CA ILE A 30 13.92 7.87 13.81
C ILE A 30 15.13 7.12 13.22
N GLU A 31 14.91 6.41 12.10
CA GLU A 31 15.98 5.67 11.39
C GLU A 31 16.46 6.45 10.17
N ALA A 32 15.58 7.28 9.60
CA ALA A 32 15.81 8.01 8.34
C ALA A 32 15.61 9.52 8.54
N ASP A 33 16.72 10.20 8.86
CA ASP A 33 16.75 11.68 8.88
C ASP A 33 16.67 12.19 7.42
N PHE A 34 15.81 13.21 7.18
CA PHE A 34 15.59 13.79 5.85
C PHE A 34 16.87 14.50 5.36
N GLU A 35 17.76 13.71 4.75
CA GLU A 35 19.02 14.18 4.19
C GLU A 35 18.91 14.34 2.67
N GLU A 36 17.87 13.71 2.10
CA GLU A 36 17.57 13.75 0.67
C GLU A 36 16.99 15.14 0.31
N PRO A 37 17.40 15.76 -0.85
CA PRO A 37 16.81 17.04 -1.34
C PRO A 37 15.30 16.93 -1.62
N ARG A 38 14.62 18.09 -1.66
CA ARG A 38 13.19 18.18 -2.03
C ARG A 38 12.98 17.94 -3.54
N ASN A 39 14.06 18.08 -4.31
CA ASN A 39 14.11 17.66 -5.73
C ASN A 39 14.08 16.12 -5.82
N PRO A 40 13.57 15.51 -6.94
CA PRO A 40 13.59 14.04 -7.15
C PRO A 40 15.03 13.50 -7.32
N ASP A 41 15.73 13.37 -6.18
CA ASP A 41 17.15 12.92 -6.12
C ASP A 41 17.19 11.52 -5.48
N ASP A 42 16.13 10.72 -5.81
CA ASP A 42 15.97 9.34 -5.34
C ASP A 42 16.94 8.43 -6.11
N GLU A 43 18.20 8.44 -5.68
CA GLU A 43 19.29 7.67 -6.29
C GLU A 43 19.26 6.23 -5.76
N ASP A 44 19.24 6.12 -4.44
CA ASP A 44 19.13 4.84 -3.73
C ASP A 44 18.73 5.09 -2.26
N ARG A 45 17.62 4.48 -1.85
CA ARG A 45 17.13 4.50 -0.47
C ARG A 45 16.67 3.07 -0.15
N ALA A 46 17.53 2.33 0.58
CA ALA A 46 17.44 0.87 0.76
C ALA A 46 16.09 0.40 1.33
N SER A 47 15.46 1.26 2.18
CA SER A 47 14.23 0.94 2.96
C SER A 47 14.37 -0.41 3.70
N GLU A 48 15.61 -0.67 4.17
CA GLU A 48 16.02 -1.93 4.85
C GLU A 48 15.34 -2.06 6.22
N ARG A 49 14.93 -0.90 6.78
CA ARG A 49 14.20 -0.76 8.06
C ARG A 49 15.12 -0.98 9.28
N SER A 50 14.66 -0.51 10.45
CA SER A 50 15.32 -0.70 11.75
C SER A 50 14.23 -1.08 12.78
N ASN A 51 13.93 -0.22 13.78
CA ASN A 51 12.79 -0.43 14.68
C ASN A 51 11.50 -0.06 13.95
N ASP A 52 10.60 -1.06 13.79
CA ASP A 52 9.31 -0.88 13.12
C ASP A 52 8.18 -1.33 14.05
N GLU A 53 7.73 -0.39 14.88
CA GLU A 53 6.58 -0.57 15.77
C GLU A 53 5.49 0.48 15.42
N VAL A 54 4.45 0.58 16.28
CA VAL A 54 3.38 1.59 16.14
C VAL A 54 3.97 3.01 16.12
N LEU A 55 4.66 3.35 17.23
CA LEU A 55 5.47 4.59 17.40
C LEU A 55 4.66 5.89 17.23
N ASP A 56 4.71 6.76 18.26
CA ASP A 56 4.11 8.11 18.22
C ASP A 56 4.84 9.00 17.18
N GLU A 57 6.07 8.57 16.84
CA GLU A 57 6.93 9.19 15.82
C GLU A 57 6.30 9.07 14.42
N LEU A 58 5.52 7.99 14.20
CA LEU A 58 4.83 7.77 12.92
C LEU A 58 3.54 8.60 12.86
N GLY A 59 3.23 9.16 11.67
CA GLY A 59 2.01 9.94 11.47
C GLY A 59 0.79 9.05 11.23
N GLN A 60 -0.38 9.45 11.77
CA GLN A 60 -1.64 8.65 11.74
C GLN A 60 -2.04 8.27 10.30
N VAL A 61 -2.15 9.30 9.42
CA VAL A 61 -2.48 9.12 7.99
C VAL A 61 -1.53 8.13 7.31
N GLY A 62 -0.24 8.22 7.65
CA GLY A 62 0.79 7.34 7.09
C GLY A 62 0.63 5.90 7.55
N GLN A 63 0.34 5.69 8.84
CA GLN A 63 0.20 4.33 9.43
C GLN A 63 -1.02 3.60 8.85
N ASP A 64 -2.16 4.32 8.78
CA ASP A 64 -3.43 3.80 8.22
C ASP A 64 -3.27 3.48 6.73
N GLU A 65 -2.49 4.33 6.03
CA GLU A 65 -2.24 4.19 4.59
C GLU A 65 -1.32 2.98 4.32
N LEU A 66 -0.27 2.87 5.14
CA LEU A 66 0.71 1.75 5.12
C LEU A 66 0.02 0.41 5.45
N ARG A 67 -1.00 0.47 6.32
CA ARG A 67 -1.82 -0.68 6.70
C ARG A 67 -2.66 -1.16 5.51
N ALA A 68 -3.25 -0.20 4.80
CA ALA A 68 -4.09 -0.45 3.61
C ALA A 68 -3.24 -1.01 2.43
N ILE A 69 -2.02 -0.46 2.30
CA ILE A 69 -1.04 -0.89 1.29
C ILE A 69 -0.52 -2.31 1.63
N ASP A 70 -0.25 -2.54 2.93
CA ASP A 70 0.21 -3.85 3.44
C ASP A 70 -0.86 -4.93 3.22
N ALA A 71 -2.13 -4.53 3.41
CA ALA A 71 -3.29 -5.41 3.22
C ALA A 71 -3.41 -5.84 1.74
N ALA A 72 -3.19 -4.85 0.85
CA ALA A 72 -3.23 -5.04 -0.60
C ALA A 72 -2.09 -5.97 -1.07
N LEU A 73 -0.84 -5.65 -0.66
CA LEU A 73 0.38 -6.39 -1.02
C LEU A 73 0.35 -7.84 -0.48
N ALA A 74 -0.23 -8.01 0.72
CA ALA A 74 -0.43 -9.33 1.34
C ALA A 74 -1.33 -10.20 0.46
N ARG A 75 -2.41 -9.58 -0.05
CA ARG A 75 -3.38 -10.25 -0.92
C ARG A 75 -2.82 -10.49 -2.35
N ILE A 76 -1.86 -9.66 -2.80
CA ILE A 76 -1.18 -9.89 -4.11
C ILE A 76 -0.28 -11.13 -4.02
N ALA A 77 0.48 -11.20 -2.92
CA ALA A 77 1.39 -12.31 -2.60
C ALA A 77 0.59 -13.62 -2.40
N SER A 78 -0.60 -13.49 -1.80
CA SER A 78 -1.53 -14.60 -1.56
C SER A 78 -2.36 -14.93 -2.83
N GLY A 79 -2.40 -13.97 -3.79
CA GLY A 79 -3.11 -14.13 -5.07
C GLY A 79 -4.62 -13.87 -4.97
N THR A 80 -5.06 -13.33 -3.82
CA THR A 80 -6.46 -13.00 -3.54
C THR A 80 -6.68 -11.47 -3.58
N PHE A 81 -5.77 -10.74 -4.27
CA PHE A 81 -5.93 -9.30 -4.53
C PHE A 81 -7.21 -9.04 -5.35
N GLY A 82 -7.88 -7.93 -5.02
CA GLY A 82 -9.15 -7.60 -5.63
C GLY A 82 -10.32 -8.31 -4.98
N THR A 83 -10.13 -8.80 -3.73
CA THR A 83 -11.22 -9.41 -2.95
C THR A 83 -11.57 -8.52 -1.74
N CYS A 84 -12.76 -7.91 -1.79
CA CYS A 84 -13.36 -7.15 -0.70
C CYS A 84 -13.86 -8.12 0.38
N VAL A 85 -12.99 -8.35 1.38
CA VAL A 85 -13.25 -9.31 2.49
C VAL A 85 -14.45 -8.88 3.38
N LYS A 86 -14.80 -7.58 3.35
CA LYS A 86 -15.89 -7.03 4.17
C LYS A 86 -17.28 -7.52 3.67
N CYS A 87 -17.36 -7.90 2.38
CA CYS A 87 -18.59 -8.51 1.81
C CYS A 87 -18.25 -9.84 1.08
N GLY A 88 -16.99 -10.32 1.29
CA GLY A 88 -16.52 -11.61 0.74
C GLY A 88 -16.62 -11.74 -0.78
N LYS A 89 -16.58 -10.60 -1.50
CA LYS A 89 -16.79 -10.53 -2.96
C LYS A 89 -15.74 -9.60 -3.60
N ARG A 90 -15.86 -9.40 -4.91
CA ARG A 90 -14.86 -8.69 -5.74
C ARG A 90 -14.79 -7.17 -5.42
N ILE A 91 -13.60 -6.57 -5.65
CA ILE A 91 -13.41 -5.12 -5.72
C ILE A 91 -13.56 -4.68 -7.19
N SER A 92 -14.12 -3.48 -7.44
CA SER A 92 -14.24 -2.92 -8.80
C SER A 92 -12.85 -2.61 -9.37
N GLU A 93 -12.69 -2.80 -10.69
CA GLU A 93 -11.44 -2.49 -11.42
C GLU A 93 -11.12 -0.99 -11.30
N ASP A 94 -12.17 -0.15 -11.41
CA ASP A 94 -12.08 1.33 -11.29
C ASP A 94 -11.64 1.75 -9.88
N ARG A 95 -12.12 0.99 -8.89
CA ARG A 95 -11.75 1.17 -7.48
C ARG A 95 -10.24 0.91 -7.29
N LEU A 96 -9.73 -0.18 -7.90
CA LEU A 96 -8.31 -0.61 -7.77
C LEU A 96 -7.35 0.27 -8.58
N LYS A 97 -7.77 0.72 -9.77
CA LYS A 97 -6.90 1.51 -10.67
C LYS A 97 -6.71 2.94 -10.13
N ALA A 98 -7.72 3.41 -9.39
CA ALA A 98 -7.68 4.71 -8.70
C ALA A 98 -6.91 4.58 -7.38
N VAL A 99 -7.27 3.55 -6.59
CA VAL A 99 -6.67 3.26 -5.27
C VAL A 99 -6.59 1.73 -5.07
N PRO A 100 -5.40 1.09 -5.29
CA PRO A 100 -5.22 -0.37 -5.10
C PRO A 100 -5.07 -0.77 -3.62
N TYR A 101 -5.00 0.24 -2.73
CA TYR A 101 -4.85 0.04 -1.29
C TYR A 101 -6.17 0.33 -0.58
N THR A 102 -7.23 -0.36 -1.03
CA THR A 102 -8.53 -0.34 -0.36
C THR A 102 -9.09 -1.79 -0.26
N PRO A 103 -8.98 -2.44 0.95
CA PRO A 103 -9.62 -3.77 1.22
C PRO A 103 -11.16 -3.75 1.07
N PHE A 104 -11.74 -2.55 1.10
CA PHE A 104 -13.19 -2.34 1.02
C PHE A 104 -13.57 -1.82 -0.38
N CYS A 105 -14.50 -2.50 -1.05
CA CYS A 105 -15.09 -2.02 -2.32
C CYS A 105 -15.96 -0.78 -2.02
N GLN A 106 -16.23 0.05 -3.04
CA GLN A 106 -16.87 1.38 -2.89
C GLN A 106 -18.14 1.39 -2.00
N GLU A 107 -19.00 0.35 -2.12
CA GLU A 107 -20.23 0.24 -1.31
C GLU A 107 -19.92 -0.02 0.19
N CYS A 108 -18.85 -0.79 0.45
CA CYS A 108 -18.34 -1.05 1.82
C CYS A 108 -17.66 0.21 2.41
N ALA A 109 -16.91 0.93 1.55
CA ALA A 109 -16.25 2.20 1.90
C ALA A 109 -17.30 3.30 2.21
N ALA A 110 -18.43 3.22 1.52
CA ALA A 110 -19.58 4.12 1.71
C ALA A 110 -20.37 3.75 2.98
N ALA A 111 -20.37 2.45 3.31
CA ALA A 111 -21.10 1.90 4.47
C ALA A 111 -20.33 2.10 5.79
N LEU A 112 -19.05 2.53 5.71
CA LEU A 112 -18.21 2.82 6.89
C LEU A 112 -18.82 4.00 7.70
N LEU A 1 1.58 -16.07 -5.27
CA LEU A 1 1.81 -14.76 -5.93
C LEU A 1 0.70 -14.52 -6.96
N ALA A 2 0.64 -15.42 -7.97
CA ALA A 2 -0.33 -15.36 -9.10
C ALA A 2 -0.12 -14.08 -9.92
N GLY A 3 0.61 -14.21 -11.06
CA GLY A 3 0.85 -13.09 -11.97
C GLY A 3 -0.43 -12.64 -12.67
N GLY A 4 -1.23 -11.81 -11.97
CA GLY A 4 -2.52 -11.34 -12.46
C GLY A 4 -2.38 -10.19 -13.46
N LYS A 5 -1.94 -10.55 -14.68
CA LYS A 5 -1.74 -9.58 -15.78
C LYS A 5 -3.08 -9.00 -16.25
N SER A 6 -4.13 -9.86 -16.19
CA SER A 6 -5.50 -9.53 -16.58
C SER A 6 -6.09 -8.41 -15.69
N MET A 7 -6.01 -8.62 -14.36
CA MET A 7 -6.53 -7.65 -13.36
C MET A 7 -5.46 -6.57 -13.03
N ASN A 8 -4.30 -6.61 -13.75
CA ASN A 8 -3.22 -5.60 -13.68
C ASN A 8 -2.59 -5.53 -12.27
N VAL A 9 -2.64 -6.68 -11.55
CA VAL A 9 -2.11 -6.85 -10.19
C VAL A 9 -0.66 -6.35 -10.08
N GLU A 10 0.17 -6.66 -11.10
CA GLU A 10 1.62 -6.32 -11.10
C GLU A 10 1.84 -4.78 -11.09
N SER A 11 0.96 -4.06 -11.82
CA SER A 11 0.97 -2.58 -11.88
C SER A 11 0.68 -2.00 -10.48
N TYR A 12 -0.31 -2.63 -9.81
CA TYR A 12 -0.74 -2.25 -8.47
C TYR A 12 0.32 -2.66 -7.43
N GLU A 13 1.01 -3.78 -7.68
CA GLU A 13 1.99 -4.39 -6.77
C GLU A 13 3.15 -3.41 -6.50
N LYS A 14 3.72 -2.90 -7.60
CA LYS A 14 4.83 -1.94 -7.54
C LYS A 14 4.36 -0.60 -6.95
N ILE A 15 3.22 -0.04 -7.45
CA ILE A 15 2.77 1.33 -7.06
C ILE A 15 2.42 1.37 -5.54
N LEU A 16 1.96 0.21 -5.01
CA LEU A 16 1.73 0.04 -3.56
C LEU A 16 3.05 0.18 -2.79
N ARG A 17 4.08 -0.55 -3.26
CA ARG A 17 5.41 -0.53 -2.65
C ARG A 17 6.08 0.84 -2.75
N ASP A 18 5.74 1.62 -3.80
CA ASP A 18 6.35 2.93 -4.06
C ASP A 18 5.68 4.02 -3.19
N ARG A 19 4.37 3.84 -2.92
CA ARG A 19 3.62 4.69 -1.97
C ARG A 19 4.10 4.42 -0.54
N GLN A 20 4.31 3.13 -0.20
CA GLN A 20 4.77 2.76 1.14
C GLN A 20 6.25 3.15 1.33
N ARG A 21 7.00 3.32 0.21
CA ARG A 21 8.40 3.84 0.24
C ARG A 21 8.42 5.29 0.77
N GLU A 22 7.70 6.19 0.06
CA GLU A 22 7.65 7.62 0.41
C GLU A 22 7.05 7.83 1.82
N LEU A 23 6.07 6.95 2.19
CA LEU A 23 5.47 6.95 3.53
C LEU A 23 6.46 6.50 4.59
N TYR A 24 7.11 5.33 4.38
CA TYR A 24 7.99 4.68 5.40
C TYR A 24 9.12 5.62 5.86
N ARG A 25 9.69 6.38 4.92
CA ARG A 25 10.74 7.36 5.23
C ARG A 25 10.17 8.66 5.86
N ARG A 26 8.93 9.04 5.43
CA ARG A 26 8.20 10.21 5.97
C ARG A 26 7.83 10.01 7.46
N LEU A 27 7.38 8.78 7.81
CA LEU A 27 6.84 8.49 9.16
C LEU A 27 7.93 7.94 10.08
N HIS A 28 8.94 7.25 9.50
CA HIS A 28 10.19 6.90 10.24
C HIS A 28 11.24 8.01 10.05
N LYS A 29 10.76 9.26 9.95
CA LYS A 29 11.55 10.51 9.98
C LYS A 29 12.58 10.52 11.14
N ILE A 30 12.13 10.06 12.32
CA ILE A 30 12.96 9.98 13.55
C ILE A 30 14.16 9.02 13.38
N GLU A 31 13.98 7.98 12.54
CA GLU A 31 15.04 6.99 12.23
C GLU A 31 15.80 7.38 10.96
N ALA A 32 15.16 8.23 10.13
CA ALA A 32 15.73 8.72 8.87
C ALA A 32 16.66 9.91 9.11
N ASP A 33 17.40 10.32 8.06
CA ASP A 33 18.40 11.40 8.12
C ASP A 33 17.75 12.80 7.95
N PHE A 34 16.47 12.95 8.38
CA PHE A 34 15.65 14.17 8.20
C PHE A 34 15.47 14.45 6.69
N GLU A 35 14.33 13.99 6.14
CA GLU A 35 14.10 13.94 4.67
C GLU A 35 14.14 15.33 4.02
N GLU A 36 13.14 16.18 4.39
CA GLU A 36 12.84 17.47 3.71
C GLU A 36 12.47 17.24 2.23
N PRO A 37 11.17 17.42 1.83
CA PRO A 37 10.73 17.24 0.42
C PRO A 37 11.23 18.40 -0.48
N ARG A 38 12.52 18.32 -0.87
CA ARG A 38 13.18 19.33 -1.73
C ARG A 38 12.51 19.35 -3.11
N ASN A 39 12.11 18.15 -3.55
CA ASN A 39 11.40 17.92 -4.82
C ASN A 39 10.37 16.78 -4.61
N PRO A 40 9.12 16.90 -5.18
CA PRO A 40 8.10 15.81 -5.12
C PRO A 40 8.56 14.56 -5.90
N ASP A 41 9.45 14.80 -6.89
CA ASP A 41 10.05 13.76 -7.73
C ASP A 41 11.31 13.19 -7.05
N ASP A 42 11.43 11.85 -7.03
CA ASP A 42 12.65 11.15 -6.58
C ASP A 42 13.73 11.19 -7.66
N GLU A 43 14.93 10.72 -7.28
CA GLU A 43 16.06 10.53 -8.19
C GLU A 43 15.97 9.11 -8.77
N ASP A 44 15.01 8.96 -9.71
CA ASP A 44 14.74 7.69 -10.43
C ASP A 44 14.13 6.64 -9.46
N ARG A 45 13.40 7.14 -8.44
CA ARG A 45 12.78 6.33 -7.34
C ARG A 45 13.86 5.74 -6.40
N ALA A 46 13.70 5.99 -5.09
CA ALA A 46 14.63 5.50 -4.06
C ALA A 46 13.89 5.16 -2.75
N SER A 47 14.69 4.77 -1.72
CA SER A 47 14.27 4.48 -0.34
C SER A 47 13.60 3.09 -0.19
N GLU A 48 13.78 2.51 1.01
CA GLU A 48 13.14 1.26 1.44
C GLU A 48 13.15 1.25 2.98
N ARG A 49 13.60 0.14 3.63
CA ARG A 49 13.68 0.01 5.10
C ARG A 49 12.27 0.03 5.72
N SER A 50 11.60 -1.13 5.66
CA SER A 50 10.26 -1.34 6.20
C SER A 50 10.36 -1.66 7.71
N ASN A 51 10.71 -0.61 8.49
CA ASN A 51 10.89 -0.72 9.96
C ASN A 51 9.51 -0.93 10.63
N ASP A 52 9.40 -2.01 11.41
CA ASP A 52 8.16 -2.35 12.15
C ASP A 52 8.39 -2.09 13.66
N GLU A 53 9.11 -0.99 13.95
CA GLU A 53 9.51 -0.62 15.32
C GLU A 53 8.30 -0.28 16.21
N VAL A 54 8.45 -0.53 17.52
CA VAL A 54 7.40 -0.26 18.54
C VAL A 54 7.17 1.25 18.70
N LEU A 55 8.21 2.05 18.38
CA LEU A 55 8.16 3.52 18.45
C LEU A 55 7.04 4.05 17.52
N ASP A 56 6.00 4.62 18.15
CA ASP A 56 4.79 5.12 17.47
C ASP A 56 4.91 6.66 17.29
N GLU A 57 6.09 7.08 16.77
CA GLU A 57 6.39 8.48 16.39
C GLU A 57 6.08 8.69 14.89
N LEU A 58 5.15 7.88 14.38
CA LEU A 58 4.84 7.77 12.95
C LEU A 58 3.53 8.53 12.66
N GLY A 59 3.41 9.13 11.46
CA GLY A 59 2.22 9.89 11.06
C GLY A 59 0.96 9.02 10.95
N GLN A 60 -0.22 9.59 11.31
CA GLN A 60 -1.50 8.85 11.38
C GLN A 60 -1.93 8.35 9.98
N VAL A 61 -2.13 9.29 9.04
CA VAL A 61 -2.50 8.99 7.63
C VAL A 61 -1.41 8.11 6.97
N GLY A 62 -0.15 8.32 7.42
CA GLY A 62 0.98 7.49 6.99
C GLY A 62 0.79 6.01 7.34
N GLN A 63 0.48 5.72 8.64
CA GLN A 63 0.36 4.34 9.17
C GLN A 63 -0.90 3.62 8.67
N ASP A 64 -1.98 4.38 8.53
CA ASP A 64 -3.30 3.85 8.14
C ASP A 64 -3.31 3.49 6.65
N GLU A 65 -2.64 4.34 5.85
CA GLU A 65 -2.43 4.08 4.42
C GLU A 65 -1.43 2.94 4.23
N LEU A 66 -0.40 2.92 5.13
CA LEU A 66 0.65 1.87 5.18
C LEU A 66 -0.02 0.50 5.38
N ARG A 67 -0.96 0.45 6.34
CA ARG A 67 -1.69 -0.76 6.74
C ARG A 67 -2.56 -1.27 5.58
N ALA A 68 -3.16 -0.32 4.85
CA ALA A 68 -3.97 -0.60 3.66
C ALA A 68 -3.11 -1.16 2.52
N ILE A 69 -1.86 -0.65 2.41
CA ILE A 69 -0.88 -1.10 1.39
C ILE A 69 -0.39 -2.53 1.69
N ASP A 70 0.03 -2.76 2.95
CA ASP A 70 0.58 -4.06 3.41
C ASP A 70 -0.48 -5.16 3.35
N ALA A 71 -1.74 -4.79 3.65
CA ALA A 71 -2.91 -5.69 3.55
C ALA A 71 -3.13 -6.07 2.08
N ALA A 72 -3.08 -5.06 1.19
CA ALA A 72 -3.27 -5.22 -0.26
C ALA A 72 -2.13 -6.04 -0.91
N LEU A 73 -0.90 -5.86 -0.38
CA LEU A 73 0.30 -6.61 -0.83
C LEU A 73 0.25 -8.06 -0.35
N ALA A 74 -0.36 -8.27 0.83
CA ALA A 74 -0.62 -9.59 1.41
C ALA A 74 -1.71 -10.32 0.62
N ARG A 75 -2.63 -9.54 0.00
CA ARG A 75 -3.65 -10.09 -0.90
C ARG A 75 -2.98 -10.59 -2.18
N ILE A 76 -2.01 -9.82 -2.70
CA ILE A 76 -1.22 -10.18 -3.91
C ILE A 76 -0.37 -11.44 -3.63
N ALA A 77 0.22 -11.47 -2.44
CA ALA A 77 1.05 -12.60 -1.96
C ALA A 77 0.25 -13.92 -1.93
N SER A 78 -1.03 -13.80 -1.53
CA SER A 78 -1.99 -14.93 -1.46
C SER A 78 -2.70 -15.12 -2.82
N GLY A 79 -2.59 -14.13 -3.72
CA GLY A 79 -3.27 -14.14 -5.03
C GLY A 79 -4.76 -13.77 -4.95
N THR A 80 -5.20 -13.32 -3.76
CA THR A 80 -6.60 -12.92 -3.47
C THR A 80 -6.75 -11.39 -3.50
N PHE A 81 -5.83 -10.72 -4.25
CA PHE A 81 -5.95 -9.29 -4.55
C PHE A 81 -7.22 -9.01 -5.36
N GLY A 82 -7.73 -7.78 -5.23
CA GLY A 82 -8.97 -7.38 -5.88
C GLY A 82 -10.20 -8.04 -5.27
N THR A 83 -10.07 -8.52 -4.01
CA THR A 83 -11.17 -9.15 -3.27
C THR A 83 -11.48 -8.33 -2.01
N CYS A 84 -12.69 -7.74 -1.98
CA CYS A 84 -13.23 -7.06 -0.79
C CYS A 84 -13.64 -8.12 0.24
N VAL A 85 -12.68 -8.46 1.12
CA VAL A 85 -12.83 -9.50 2.15
C VAL A 85 -13.96 -9.17 3.17
N LYS A 86 -14.30 -7.87 3.30
CA LYS A 86 -15.34 -7.39 4.23
C LYS A 86 -16.74 -7.93 3.84
N CYS A 87 -16.95 -8.22 2.54
CA CYS A 87 -18.26 -8.73 2.05
C CYS A 87 -18.08 -9.90 1.06
N GLY A 88 -16.83 -10.35 0.86
CA GLY A 88 -16.52 -11.46 -0.09
C GLY A 88 -16.87 -11.13 -1.55
N LYS A 89 -16.78 -9.84 -1.91
CA LYS A 89 -17.08 -9.34 -3.28
C LYS A 89 -15.78 -8.97 -4.02
N ARG A 90 -15.91 -8.67 -5.32
CA ARG A 90 -14.81 -8.25 -6.19
C ARG A 90 -14.67 -6.71 -6.16
N ILE A 91 -13.44 -6.22 -5.90
CA ILE A 91 -13.12 -4.78 -6.00
C ILE A 91 -13.24 -4.34 -7.49
N SER A 92 -13.74 -3.12 -7.72
CA SER A 92 -13.86 -2.56 -9.07
C SER A 92 -12.48 -2.14 -9.59
N GLU A 93 -12.28 -2.18 -10.93
CA GLU A 93 -11.03 -1.72 -11.56
C GLU A 93 -10.83 -0.21 -11.30
N ASP A 94 -11.96 0.54 -11.29
CA ASP A 94 -11.99 2.00 -10.98
C ASP A 94 -11.51 2.24 -9.55
N ARG A 95 -12.04 1.44 -8.63
CA ARG A 95 -11.65 1.45 -7.21
C ARG A 95 -10.15 1.14 -7.06
N LEU A 96 -9.65 0.15 -7.85
CA LEU A 96 -8.24 -0.31 -7.82
C LEU A 96 -7.27 0.76 -8.39
N LYS A 97 -7.68 1.46 -9.45
CA LYS A 97 -6.80 2.42 -10.15
C LYS A 97 -6.72 3.75 -9.37
N ALA A 98 -7.82 4.10 -8.67
CA ALA A 98 -7.91 5.31 -7.83
C ALA A 98 -7.23 5.07 -6.47
N VAL A 99 -7.42 3.87 -5.93
CA VAL A 99 -6.88 3.44 -4.64
C VAL A 99 -6.59 1.92 -4.67
N PRO A 100 -5.33 1.49 -5.05
CA PRO A 100 -4.93 0.05 -5.01
C PRO A 100 -4.77 -0.49 -3.57
N TYR A 101 -4.64 0.45 -2.61
CA TYR A 101 -4.49 0.15 -1.18
C TYR A 101 -5.86 0.20 -0.51
N THR A 102 -6.75 -0.72 -0.95
CA THR A 102 -8.09 -0.82 -0.39
C THR A 102 -8.48 -2.32 -0.19
N PRO A 103 -8.72 -2.74 1.09
CA PRO A 103 -9.30 -4.07 1.37
C PRO A 103 -10.84 -4.06 1.22
N PHE A 104 -11.43 -2.86 1.01
CA PHE A 104 -12.89 -2.66 0.94
C PHE A 104 -13.30 -2.15 -0.45
N CYS A 105 -14.46 -2.61 -0.93
CA CYS A 105 -15.04 -2.13 -2.21
C CYS A 105 -15.74 -0.79 -1.95
N GLN A 106 -16.06 -0.02 -3.02
CA GLN A 106 -16.71 1.31 -2.92
C GLN A 106 -17.98 1.25 -2.05
N GLU A 107 -18.72 0.14 -2.18
CA GLU A 107 -19.93 -0.16 -1.37
C GLU A 107 -19.59 -0.09 0.14
N CYS A 108 -18.55 -0.85 0.55
CA CYS A 108 -18.13 -0.97 1.96
C CYS A 108 -17.47 0.32 2.47
N ALA A 109 -16.74 1.01 1.57
CA ALA A 109 -16.06 2.29 1.88
C ALA A 109 -17.09 3.38 2.24
N ALA A 110 -18.22 3.36 1.51
CA ALA A 110 -19.36 4.27 1.74
C ALA A 110 -20.19 3.82 2.96
N ALA A 111 -20.14 2.50 3.27
CA ALA A 111 -20.92 1.89 4.34
C ALA A 111 -20.03 1.53 5.57
N LEU A 112 -18.88 2.20 5.72
CA LEU A 112 -18.00 2.07 6.91
C LEU A 112 -18.71 2.67 8.15
N LEU A 1 -18.80 -10.36 -12.38
CA LEU A 1 -18.24 -11.57 -13.06
C LEU A 1 -16.75 -11.33 -13.41
N ALA A 2 -16.14 -12.30 -14.14
CA ALA A 2 -14.79 -12.19 -14.74
C ALA A 2 -13.69 -11.90 -13.70
N GLY A 3 -13.16 -12.97 -13.09
CA GLY A 3 -12.10 -12.86 -12.09
C GLY A 3 -10.77 -12.37 -12.68
N GLY A 4 -10.41 -12.94 -13.83
CA GLY A 4 -9.20 -12.58 -14.55
C GLY A 4 -9.51 -11.79 -15.80
N LYS A 5 -9.65 -10.46 -15.66
CA LYS A 5 -9.93 -9.54 -16.77
C LYS A 5 -9.47 -8.11 -16.45
N SER A 6 -10.20 -7.45 -15.53
CA SER A 6 -10.02 -6.02 -15.22
C SER A 6 -9.22 -5.84 -13.92
N MET A 7 -7.96 -6.32 -13.95
CA MET A 7 -7.05 -6.27 -12.78
C MET A 7 -5.61 -6.61 -13.22
N ASN A 8 -4.79 -5.58 -13.48
CA ASN A 8 -3.35 -5.74 -13.71
C ASN A 8 -2.63 -5.64 -12.36
N VAL A 9 -2.59 -6.80 -11.66
CA VAL A 9 -2.09 -6.92 -10.27
C VAL A 9 -0.65 -6.38 -10.12
N GLU A 10 0.21 -6.69 -11.12
CA GLU A 10 1.64 -6.29 -11.11
C GLU A 10 1.80 -4.76 -11.10
N SER A 11 0.93 -4.06 -11.85
CA SER A 11 0.90 -2.59 -11.91
C SER A 11 0.57 -2.02 -10.52
N TYR A 12 -0.40 -2.67 -9.87
CA TYR A 12 -0.87 -2.30 -8.53
C TYR A 12 0.19 -2.66 -7.47
N GLU A 13 0.93 -3.74 -7.70
CA GLU A 13 1.92 -4.28 -6.77
C GLU A 13 3.11 -3.31 -6.62
N LYS A 14 3.69 -2.94 -7.78
CA LYS A 14 4.85 -2.03 -7.84
C LYS A 14 4.50 -0.63 -7.28
N ILE A 15 3.31 -0.09 -7.66
CA ILE A 15 2.89 1.26 -7.25
C ILE A 15 2.69 1.32 -5.71
N LEU A 16 2.24 0.18 -5.13
CA LEU A 16 2.05 0.06 -3.67
C LEU A 16 3.38 0.09 -2.92
N ARG A 17 4.43 -0.51 -3.51
CA ARG A 17 5.80 -0.48 -2.94
C ARG A 17 6.34 0.95 -2.88
N ASP A 18 6.10 1.73 -3.95
CA ASP A 18 6.58 3.13 -4.05
C ASP A 18 5.81 4.04 -3.07
N ARG A 19 4.50 3.82 -2.95
CA ARG A 19 3.61 4.58 -2.05
C ARG A 19 4.02 4.35 -0.60
N GLN A 20 4.17 3.08 -0.21
CA GLN A 20 4.53 2.71 1.18
C GLN A 20 5.94 3.22 1.51
N ARG A 21 6.85 3.29 0.50
CA ARG A 21 8.25 3.76 0.67
C ARG A 21 8.32 5.26 0.99
N GLU A 22 7.65 6.10 0.17
CA GLU A 22 7.62 7.57 0.38
C GLU A 22 6.97 7.88 1.74
N LEU A 23 5.96 7.05 2.10
CA LEU A 23 5.31 7.12 3.42
C LEU A 23 6.29 6.69 4.52
N TYR A 24 7.03 5.60 4.31
CA TYR A 24 7.91 4.99 5.33
C TYR A 24 9.01 5.95 5.80
N ARG A 25 9.67 6.60 4.85
CA ARG A 25 10.70 7.62 5.15
C ARG A 25 10.05 8.86 5.81
N ARG A 26 8.80 9.19 5.36
CA ARG A 26 8.02 10.32 5.89
C ARG A 26 7.66 10.13 7.38
N LEU A 27 7.24 8.92 7.76
CA LEU A 27 6.81 8.60 9.14
C LEU A 27 8.00 8.22 10.03
N HIS A 28 9.11 7.80 9.40
CA HIS A 28 10.40 7.57 10.10
C HIS A 28 11.22 8.88 10.08
N LYS A 29 10.53 10.03 9.99
CA LYS A 29 11.10 11.41 9.94
C LYS A 29 12.16 11.68 11.04
N ILE A 30 12.00 11.00 12.20
CA ILE A 30 12.87 11.15 13.39
C ILE A 30 14.33 10.74 13.10
N GLU A 31 14.52 9.85 12.11
CA GLU A 31 15.86 9.33 11.73
C GLU A 31 16.14 9.62 10.23
N ALA A 32 15.08 9.53 9.41
CA ALA A 32 15.16 9.71 7.96
C ALA A 32 15.20 11.20 7.63
N ASP A 33 16.43 11.70 7.49
CA ASP A 33 16.73 13.09 7.09
C ASP A 33 17.58 13.05 5.81
N PHE A 34 18.51 12.08 5.77
CA PHE A 34 19.40 11.84 4.64
C PHE A 34 18.95 10.59 3.85
N GLU A 35 17.89 10.75 3.04
CA GLU A 35 17.51 9.73 2.05
C GLU A 35 18.58 9.75 0.95
N GLU A 36 18.63 10.90 0.25
CA GLU A 36 19.59 11.17 -0.82
C GLU A 36 20.46 12.37 -0.41
N PRO A 37 21.71 12.51 -0.96
CA PRO A 37 22.58 13.69 -0.70
C PRO A 37 21.87 15.03 -0.98
N ARG A 38 21.47 15.22 -2.25
CA ARG A 38 20.68 16.40 -2.70
C ARG A 38 20.16 16.13 -4.13
N ASN A 39 19.41 15.03 -4.27
CA ASN A 39 18.91 14.56 -5.57
C ASN A 39 17.52 15.14 -5.88
N PRO A 40 17.22 15.48 -7.19
CA PRO A 40 15.86 15.87 -7.63
C PRO A 40 14.87 14.71 -7.42
N ASP A 41 13.66 15.05 -6.93
CA ASP A 41 12.55 14.08 -6.74
C ASP A 41 12.22 13.39 -8.10
N ASP A 42 12.71 12.16 -8.26
CA ASP A 42 12.68 11.43 -9.53
C ASP A 42 12.57 9.93 -9.27
N GLU A 43 13.65 9.35 -8.75
CA GLU A 43 13.74 7.92 -8.46
C GLU A 43 13.33 7.68 -7.00
N ASP A 44 14.06 8.35 -6.08
CA ASP A 44 13.85 8.31 -4.62
C ASP A 44 13.73 6.85 -4.13
N ARG A 45 14.72 6.04 -4.55
CA ARG A 45 14.73 4.58 -4.35
C ARG A 45 14.66 4.22 -2.86
N ALA A 46 15.71 4.65 -2.11
CA ALA A 46 15.87 4.37 -0.67
C ALA A 46 16.02 2.87 -0.38
N SER A 47 16.13 2.55 0.92
CA SER A 47 16.23 1.19 1.42
C SER A 47 15.80 1.20 2.90
N GLU A 48 14.80 2.07 3.19
CA GLU A 48 14.33 2.35 4.56
C GLU A 48 13.77 1.10 5.24
N ARG A 49 13.90 1.08 6.58
CA ARG A 49 13.46 -0.03 7.44
C ARG A 49 11.92 -0.16 7.44
N SER A 50 11.43 -0.97 6.49
CA SER A 50 10.00 -1.29 6.36
C SER A 50 9.62 -2.36 7.38
N ASN A 51 8.47 -2.15 8.05
CA ASN A 51 7.95 -3.00 9.15
C ASN A 51 8.97 -3.04 10.31
N ASP A 52 8.91 -2.00 11.14
CA ASP A 52 9.86 -1.78 12.25
C ASP A 52 9.08 -1.15 13.42
N GLU A 53 8.50 -2.02 14.27
CA GLU A 53 7.67 -1.66 15.45
C GLU A 53 6.41 -0.81 15.08
N VAL A 54 5.60 -0.48 16.10
CA VAL A 54 4.43 0.41 15.94
C VAL A 54 4.92 1.86 15.86
N LEU A 55 5.60 2.30 16.94
CA LEU A 55 6.18 3.66 17.12
C LEU A 55 5.14 4.78 16.89
N ASP A 56 4.76 5.46 17.98
CA ASP A 56 3.80 6.59 17.94
C ASP A 56 4.34 7.77 17.08
N GLU A 57 5.67 7.85 16.94
CA GLU A 57 6.35 8.92 16.15
C GLU A 57 6.22 8.69 14.63
N LEU A 58 5.50 7.62 14.22
CA LEU A 58 5.17 7.40 12.80
C LEU A 58 4.03 8.34 12.38
N GLY A 59 2.85 8.15 12.99
CA GLY A 59 1.67 9.00 12.72
C GLY A 59 0.50 8.19 12.18
N GLN A 60 -0.75 8.59 12.54
CA GLN A 60 -1.98 7.84 12.21
C GLN A 60 -2.15 7.65 10.70
N VAL A 61 -2.04 8.76 9.94
CA VAL A 61 -2.16 8.77 8.47
C VAL A 61 -1.19 7.77 7.81
N GLY A 62 0.04 7.69 8.38
CA GLY A 62 1.08 6.80 7.90
C GLY A 62 0.78 5.33 8.20
N GLN A 63 0.51 5.02 9.48
CA GLN A 63 0.30 3.63 9.98
C GLN A 63 -0.96 2.99 9.37
N ASP A 64 -2.02 3.82 9.22
CA ASP A 64 -3.32 3.40 8.67
C ASP A 64 -3.19 3.09 7.17
N GLU A 65 -2.46 3.96 6.45
CA GLU A 65 -2.24 3.79 5.01
C GLU A 65 -1.30 2.59 4.74
N LEU A 66 -0.32 2.41 5.65
CA LEU A 66 0.62 1.27 5.63
C LEU A 66 -0.13 -0.05 5.83
N ARG A 67 -1.13 -0.03 6.72
CA ARG A 67 -2.02 -1.18 6.97
C ARG A 67 -2.77 -1.57 5.69
N ALA A 68 -3.28 -0.53 5.00
CA ALA A 68 -4.07 -0.67 3.77
C ALA A 68 -3.22 -1.24 2.60
N ILE A 69 -1.99 -0.71 2.46
CA ILE A 69 -1.05 -1.10 1.39
C ILE A 69 -0.51 -2.53 1.64
N ASP A 70 -0.13 -2.80 2.89
CA ASP A 70 0.50 -4.08 3.29
C ASP A 70 -0.51 -5.24 3.19
N ALA A 71 -1.78 -4.95 3.55
CA ALA A 71 -2.88 -5.92 3.44
C ALA A 71 -3.15 -6.26 1.98
N ALA A 72 -3.13 -5.22 1.12
CA ALA A 72 -3.31 -5.37 -0.34
C ALA A 72 -2.18 -6.23 -0.96
N LEU A 73 -0.93 -5.95 -0.55
CA LEU A 73 0.28 -6.70 -0.98
C LEU A 73 0.23 -8.17 -0.49
N ALA A 74 -0.35 -8.37 0.71
CA ALA A 74 -0.53 -9.71 1.31
C ALA A 74 -1.52 -10.55 0.48
N ARG A 75 -2.54 -9.86 -0.06
CA ARG A 75 -3.55 -10.49 -0.94
C ARG A 75 -2.96 -10.80 -2.31
N ILE A 76 -1.95 -10.00 -2.75
CA ILE A 76 -1.24 -10.24 -4.03
C ILE A 76 -0.42 -11.55 -3.94
N ALA A 77 0.26 -11.72 -2.80
CA ALA A 77 1.05 -12.94 -2.51
C ALA A 77 0.14 -14.18 -2.38
N SER A 78 -1.06 -13.97 -1.83
CA SER A 78 -2.09 -15.01 -1.68
C SER A 78 -2.85 -15.26 -3.00
N GLY A 79 -2.79 -14.28 -3.92
CA GLY A 79 -3.48 -14.34 -5.23
C GLY A 79 -4.97 -13.99 -5.14
N THR A 80 -5.38 -13.42 -3.99
CA THR A 80 -6.77 -13.01 -3.74
C THR A 80 -6.87 -11.46 -3.68
N PHE A 81 -5.90 -10.76 -4.30
CA PHE A 81 -5.94 -9.29 -4.49
C PHE A 81 -7.16 -8.87 -5.33
N GLY A 82 -7.71 -7.69 -4.99
CA GLY A 82 -8.92 -7.17 -5.63
C GLY A 82 -10.17 -7.88 -5.16
N THR A 83 -10.17 -8.19 -3.85
CA THR A 83 -11.31 -8.80 -3.15
C THR A 83 -11.65 -7.96 -1.91
N CYS A 84 -12.88 -7.39 -1.89
CA CYS A 84 -13.46 -6.76 -0.70
C CYS A 84 -13.59 -7.81 0.41
N VAL A 85 -12.66 -7.77 1.38
CA VAL A 85 -12.61 -8.68 2.53
C VAL A 85 -13.94 -8.66 3.34
N LYS A 86 -14.52 -7.44 3.46
CA LYS A 86 -15.76 -7.20 4.23
C LYS A 86 -16.98 -7.84 3.54
N CYS A 87 -16.87 -8.11 2.23
CA CYS A 87 -17.95 -8.76 1.43
C CYS A 87 -17.62 -10.22 1.10
N GLY A 88 -16.31 -10.54 0.99
CA GLY A 88 -15.87 -11.75 0.31
C GLY A 88 -16.17 -11.69 -1.20
N LYS A 89 -16.15 -10.48 -1.76
CA LYS A 89 -16.54 -10.21 -3.19
C LYS A 89 -15.48 -9.38 -3.91
N ARG A 90 -15.74 -9.06 -5.18
CA ARG A 90 -14.80 -8.37 -6.08
C ARG A 90 -14.62 -6.87 -5.71
N ILE A 91 -13.50 -6.31 -6.19
CA ILE A 91 -13.26 -4.85 -6.28
C ILE A 91 -13.36 -4.43 -7.77
N SER A 92 -13.85 -3.21 -8.00
CA SER A 92 -14.00 -2.64 -9.36
C SER A 92 -12.61 -2.24 -9.91
N GLU A 93 -12.44 -2.31 -11.26
CA GLU A 93 -11.21 -1.86 -11.95
C GLU A 93 -10.95 -0.38 -11.66
N ASP A 94 -12.02 0.43 -11.76
CA ASP A 94 -11.98 1.88 -11.52
C ASP A 94 -11.64 2.21 -10.06
N ARG A 95 -12.07 1.31 -9.15
CA ARG A 95 -11.74 1.42 -7.73
C ARG A 95 -10.26 1.10 -7.50
N LEU A 96 -9.74 0.07 -8.22
CA LEU A 96 -8.34 -0.38 -8.08
C LEU A 96 -7.35 0.64 -8.68
N LYS A 97 -7.71 1.24 -9.82
CA LYS A 97 -6.84 2.18 -10.54
C LYS A 97 -6.73 3.51 -9.78
N ALA A 98 -7.82 3.88 -9.07
CA ALA A 98 -7.84 5.05 -8.19
C ALA A 98 -7.10 4.75 -6.87
N VAL A 99 -7.59 3.73 -6.16
CA VAL A 99 -7.07 3.29 -4.85
C VAL A 99 -6.83 1.74 -4.87
N PRO A 100 -5.57 1.27 -5.15
CA PRO A 100 -5.23 -0.18 -5.15
C PRO A 100 -4.97 -0.72 -3.72
N TYR A 101 -4.84 0.20 -2.75
CA TYR A 101 -4.60 -0.14 -1.34
C TYR A 101 -5.92 -0.19 -0.55
N THR A 102 -7.00 -0.67 -1.18
CA THR A 102 -8.30 -0.79 -0.50
C THR A 102 -8.62 -2.29 -0.22
N PRO A 103 -8.81 -2.68 1.09
CA PRO A 103 -9.35 -4.01 1.44
C PRO A 103 -10.89 -4.08 1.27
N PHE A 104 -11.54 -2.92 1.03
CA PHE A 104 -13.02 -2.82 0.95
C PHE A 104 -13.45 -2.35 -0.45
N CYS A 105 -14.71 -2.63 -0.81
CA CYS A 105 -15.30 -2.13 -2.08
C CYS A 105 -15.85 -0.72 -1.87
N GLN A 106 -16.24 -0.02 -2.96
CA GLN A 106 -16.72 1.39 -2.88
C GLN A 106 -17.97 1.50 -1.99
N GLU A 107 -18.75 0.41 -1.93
CA GLU A 107 -19.98 0.31 -1.16
C GLU A 107 -19.67 0.31 0.34
N CYS A 108 -18.67 -0.52 0.74
CA CYS A 108 -18.17 -0.59 2.12
C CYS A 108 -17.42 0.70 2.50
N ALA A 109 -16.70 1.28 1.52
CA ALA A 109 -15.93 2.52 1.68
C ALA A 109 -16.85 3.70 2.00
N ALA A 110 -18.05 3.69 1.40
CA ALA A 110 -19.11 4.66 1.68
C ALA A 110 -19.72 4.41 3.07
N ALA A 111 -19.78 3.13 3.46
CA ALA A 111 -20.33 2.68 4.76
C ALA A 111 -19.33 2.86 5.92
N LEU A 112 -18.05 3.18 5.62
CA LEU A 112 -16.99 3.35 6.65
C LEU A 112 -17.31 4.56 7.58
N LEU A 1 4.81 -13.22 -9.33
CA LEU A 1 3.72 -13.31 -8.33
C LEU A 1 2.44 -12.69 -8.94
N ALA A 2 1.53 -13.57 -9.40
CA ALA A 2 0.22 -13.23 -10.01
C ALA A 2 0.42 -12.52 -11.39
N GLY A 3 0.89 -11.26 -11.37
CA GLY A 3 1.23 -10.51 -12.60
C GLY A 3 0.00 -10.07 -13.39
N GLY A 4 -0.59 -11.03 -14.13
CA GLY A 4 -1.82 -10.82 -14.88
C GLY A 4 -2.79 -11.96 -14.63
N LYS A 5 -3.22 -12.08 -13.36
CA LYS A 5 -4.07 -13.19 -12.90
C LYS A 5 -5.53 -13.01 -13.41
N SER A 6 -6.15 -11.91 -12.98
CA SER A 6 -7.51 -11.51 -13.40
C SER A 6 -7.57 -9.97 -13.56
N MET A 7 -6.37 -9.36 -13.61
CA MET A 7 -6.14 -7.90 -13.67
C MET A 7 -4.64 -7.69 -13.81
N ASN A 8 -4.22 -6.42 -14.02
CA ASN A 8 -2.80 -6.05 -14.10
C ASN A 8 -2.23 -5.93 -12.67
N VAL A 9 -2.08 -7.10 -12.01
CA VAL A 9 -1.69 -7.21 -10.59
C VAL A 9 -0.28 -6.64 -10.36
N GLU A 10 0.63 -6.88 -11.35
CA GLU A 10 2.04 -6.44 -11.30
C GLU A 10 2.13 -4.92 -11.16
N SER A 11 1.26 -4.21 -11.89
CA SER A 11 1.14 -2.73 -11.84
C SER A 11 0.82 -2.28 -10.42
N TYR A 12 -0.18 -2.95 -9.81
CA TYR A 12 -0.65 -2.66 -8.44
C TYR A 12 0.42 -3.02 -7.39
N GLU A 13 1.14 -4.13 -7.64
CA GLU A 13 2.14 -4.68 -6.73
C GLU A 13 3.27 -3.65 -6.50
N LYS A 14 3.89 -3.22 -7.61
CA LYS A 14 5.04 -2.31 -7.59
C LYS A 14 4.64 -0.88 -7.19
N ILE A 15 3.44 -0.41 -7.62
CA ILE A 15 2.98 0.97 -7.27
C ILE A 15 2.73 1.08 -5.76
N LEU A 16 2.26 -0.02 -5.14
CA LEU A 16 2.07 -0.12 -3.69
C LEU A 16 3.43 -0.09 -2.97
N ARG A 17 4.45 -0.75 -3.56
CA ARG A 17 5.82 -0.74 -3.02
C ARG A 17 6.40 0.69 -3.07
N ASP A 18 6.24 1.37 -4.23
CA ASP A 18 6.78 2.73 -4.45
C ASP A 18 6.18 3.74 -3.47
N ARG A 19 4.83 3.68 -3.31
CA ARG A 19 4.08 4.56 -2.41
C ARG A 19 4.45 4.25 -0.95
N GLN A 20 4.60 2.96 -0.61
CA GLN A 20 4.94 2.59 0.77
C GLN A 20 6.37 3.06 1.12
N ARG A 21 7.31 3.01 0.14
CA ARG A 21 8.73 3.40 0.36
C ARG A 21 8.83 4.87 0.77
N GLU A 22 8.17 5.76 -0.03
CA GLU A 22 8.14 7.21 0.27
C GLU A 22 7.39 7.50 1.58
N LEU A 23 6.36 6.69 1.89
CA LEU A 23 5.56 6.85 3.12
C LEU A 23 6.29 6.31 4.36
N TYR A 24 7.13 5.26 4.19
CA TYR A 24 7.89 4.63 5.30
C TYR A 24 8.90 5.64 5.85
N ARG A 25 9.65 6.27 4.93
CA ARG A 25 10.66 7.31 5.28
C ARG A 25 9.98 8.62 5.69
N ARG A 26 8.74 8.86 5.19
CA ARG A 26 7.90 10.00 5.60
C ARG A 26 7.63 9.94 7.12
N LEU A 27 7.05 8.83 7.59
CA LEU A 27 6.62 8.70 8.99
C LEU A 27 7.78 8.33 9.92
N HIS A 28 8.83 7.69 9.36
CA HIS A 28 10.10 7.40 10.07
C HIS A 28 11.08 8.57 9.87
N LYS A 29 10.51 9.79 9.65
CA LYS A 29 11.22 11.08 9.54
C LYS A 29 12.35 11.29 10.59
N ILE A 30 12.12 10.76 11.80
CA ILE A 30 13.04 10.90 12.95
C ILE A 30 14.38 10.15 12.75
N GLU A 31 14.36 9.06 11.97
CA GLU A 31 15.58 8.29 11.60
C GLU A 31 15.96 8.57 10.14
N ALA A 32 14.96 8.96 9.33
CA ALA A 32 15.12 9.26 7.90
C ALA A 32 15.40 10.76 7.75
N ASP A 33 16.69 11.09 7.63
CA ASP A 33 17.15 12.48 7.48
C ASP A 33 16.53 13.12 6.23
N PHE A 34 15.92 14.31 6.43
CA PHE A 34 15.42 15.15 5.34
C PHE A 34 16.59 15.69 4.49
N GLU A 35 17.05 14.83 3.58
CA GLU A 35 18.09 15.17 2.61
C GLU A 35 17.44 15.65 1.30
N GLU A 36 16.17 15.25 1.10
CA GLU A 36 15.43 15.42 -0.16
C GLU A 36 16.22 14.74 -1.30
N PRO A 37 16.08 13.38 -1.46
CA PRO A 37 16.84 12.60 -2.48
C PRO A 37 16.64 13.14 -3.92
N ARG A 38 17.56 14.02 -4.32
CA ARG A 38 17.64 14.56 -5.70
C ARG A 38 18.27 13.51 -6.63
N ASN A 39 18.91 12.51 -6.00
CA ASN A 39 19.45 11.33 -6.67
C ASN A 39 18.41 10.19 -6.58
N PRO A 40 18.27 9.32 -7.65
CA PRO A 40 17.28 8.21 -7.68
C PRO A 40 17.71 6.96 -6.87
N ASP A 41 18.81 7.11 -6.10
CA ASP A 41 19.41 6.04 -5.26
C ASP A 41 18.48 5.63 -4.08
N ASP A 42 17.48 6.49 -3.80
CA ASP A 42 16.47 6.26 -2.73
C ASP A 42 15.57 5.04 -3.01
N GLU A 43 15.63 4.55 -4.26
CA GLU A 43 14.98 3.31 -4.71
C GLU A 43 15.35 2.12 -3.80
N ASP A 44 16.67 2.00 -3.56
CA ASP A 44 17.28 0.89 -2.79
C ASP A 44 17.04 1.07 -1.27
N ARG A 45 16.67 2.29 -0.85
CA ARG A 45 16.33 2.60 0.55
C ARG A 45 14.93 2.05 0.87
N ALA A 46 14.90 0.73 1.17
CA ALA A 46 13.69 0.01 1.54
C ALA A 46 13.70 -0.25 3.05
N SER A 47 13.00 0.65 3.80
CA SER A 47 12.79 0.50 5.25
C SER A 47 11.91 -0.74 5.53
N GLU A 48 12.57 -1.90 5.70
CA GLU A 48 11.91 -3.18 6.00
C GLU A 48 11.73 -3.30 7.52
N ARG A 49 10.71 -4.10 7.95
CA ARG A 49 10.21 -4.10 9.34
C ARG A 49 9.65 -2.70 9.70
N SER A 50 8.30 -2.58 9.75
CA SER A 50 7.61 -1.31 9.98
C SER A 50 7.99 -0.69 11.35
N ASN A 51 7.29 -1.15 12.40
CA ASN A 51 7.38 -0.65 13.80
C ASN A 51 6.19 -1.25 14.57
N ASP A 52 6.44 -1.75 15.78
CA ASP A 52 5.39 -2.42 16.61
C ASP A 52 4.65 -1.38 17.45
N GLU A 53 5.39 -0.33 17.84
CA GLU A 53 4.88 0.78 18.67
C GLU A 53 3.95 1.65 17.80
N VAL A 54 2.94 2.31 18.42
CA VAL A 54 2.05 3.25 17.70
C VAL A 54 2.89 4.43 17.21
N LEU A 55 3.64 5.04 18.16
CA LEU A 55 4.64 6.08 17.91
C LEU A 55 4.02 7.35 17.25
N ASP A 56 3.83 8.40 18.07
CA ASP A 56 3.18 9.67 17.62
C ASP A 56 4.02 10.40 16.56
N GLU A 57 5.34 10.06 16.50
CA GLU A 57 6.29 10.64 15.55
C GLU A 57 5.99 10.24 14.09
N LEU A 58 5.13 9.21 13.90
CA LEU A 58 4.77 8.70 12.58
C LEU A 58 3.73 9.59 11.87
N GLY A 59 2.49 9.60 12.38
CA GLY A 59 1.39 10.32 11.73
C GLY A 59 0.27 9.36 11.34
N GLN A 60 -0.95 9.65 11.82
CA GLN A 60 -2.11 8.72 11.79
C GLN A 60 -2.46 8.26 10.36
N VAL A 61 -2.60 9.24 9.45
CA VAL A 61 -2.97 8.99 8.04
C VAL A 61 -1.97 8.03 7.37
N GLY A 62 -0.67 8.23 7.62
CA GLY A 62 0.39 7.43 7.01
C GLY A 62 0.43 6.01 7.52
N GLN A 63 0.20 5.84 8.83
CA GLN A 63 0.22 4.52 9.51
C GLN A 63 -0.88 3.59 8.96
N ASP A 64 -2.11 4.14 8.88
CA ASP A 64 -3.29 3.41 8.38
C ASP A 64 -3.21 3.22 6.86
N GLU A 65 -2.43 4.10 6.19
CA GLU A 65 -2.18 4.00 4.75
C GLU A 65 -1.19 2.86 4.46
N LEU A 66 -0.17 2.73 5.35
CA LEU A 66 0.79 1.60 5.33
C LEU A 66 0.07 0.29 5.60
N ARG A 67 -0.86 0.30 6.59
CA ARG A 67 -1.64 -0.89 6.95
C ARG A 67 -2.47 -1.36 5.75
N ALA A 68 -3.02 -0.38 5.00
CA ALA A 68 -3.82 -0.62 3.80
C ALA A 68 -2.95 -1.14 2.63
N ILE A 69 -1.71 -0.59 2.49
CA ILE A 69 -0.77 -0.98 1.41
C ILE A 69 -0.24 -2.41 1.63
N ASP A 70 0.38 -2.63 2.80
CA ASP A 70 0.99 -3.92 3.19
C ASP A 70 -0.07 -5.03 3.29
N ALA A 71 -1.33 -4.66 3.62
CA ALA A 71 -2.48 -5.61 3.58
C ALA A 71 -2.81 -5.97 2.13
N ALA A 72 -2.82 -4.96 1.24
CA ALA A 72 -3.10 -5.13 -0.20
C ALA A 72 -1.99 -5.96 -0.89
N LEU A 73 -0.75 -5.81 -0.40
CA LEU A 73 0.42 -6.59 -0.85
C LEU A 73 0.29 -8.05 -0.38
N ALA A 74 -0.24 -8.22 0.85
CA ALA A 74 -0.55 -9.54 1.44
C ALA A 74 -1.73 -10.21 0.69
N ARG A 75 -2.62 -9.38 0.08
CA ARG A 75 -3.72 -9.87 -0.78
C ARG A 75 -3.13 -10.42 -2.09
N ILE A 76 -2.11 -9.73 -2.65
CA ILE A 76 -1.42 -10.14 -3.89
C ILE A 76 -0.67 -11.46 -3.66
N ALA A 77 0.03 -11.53 -2.51
CA ALA A 77 0.80 -12.71 -2.09
C ALA A 77 -0.13 -13.93 -1.90
N SER A 78 -1.32 -13.67 -1.34
CA SER A 78 -2.36 -14.70 -1.12
C SER A 78 -3.11 -15.03 -2.43
N GLY A 79 -3.11 -14.08 -3.38
CA GLY A 79 -3.83 -14.21 -4.65
C GLY A 79 -5.29 -13.75 -4.57
N THR A 80 -5.64 -13.06 -3.47
CA THR A 80 -7.00 -12.55 -3.20
C THR A 80 -7.05 -11.00 -3.29
N PHE A 81 -6.10 -10.41 -4.06
CA PHE A 81 -6.16 -8.97 -4.43
C PHE A 81 -7.30 -8.75 -5.45
N GLY A 82 -7.99 -7.60 -5.32
CA GLY A 82 -9.18 -7.29 -6.10
C GLY A 82 -10.40 -8.03 -5.58
N THR A 83 -10.38 -8.35 -4.27
CA THR A 83 -11.48 -9.00 -3.56
C THR A 83 -11.94 -8.13 -2.38
N CYS A 84 -13.22 -7.72 -2.40
CA CYS A 84 -13.91 -7.13 -1.24
C CYS A 84 -13.98 -8.19 -0.14
N VAL A 85 -12.98 -8.15 0.77
CA VAL A 85 -12.79 -9.14 1.86
C VAL A 85 -13.96 -9.09 2.86
N LYS A 86 -14.60 -7.91 2.93
CA LYS A 86 -15.70 -7.60 3.86
C LYS A 86 -17.04 -8.27 3.42
N CYS A 87 -17.09 -8.77 2.16
CA CYS A 87 -18.32 -9.36 1.57
C CYS A 87 -18.05 -10.71 0.88
N GLY A 88 -16.78 -10.95 0.51
CA GLY A 88 -16.41 -12.08 -0.36
C GLY A 88 -16.89 -11.90 -1.80
N LYS A 89 -16.55 -10.74 -2.39
CA LYS A 89 -16.85 -10.42 -3.82
C LYS A 89 -15.69 -9.62 -4.43
N ARG A 90 -15.91 -9.03 -5.62
CA ARG A 90 -14.89 -8.25 -6.36
C ARG A 90 -14.68 -6.82 -5.79
N ILE A 91 -13.52 -6.24 -6.15
CA ILE A 91 -13.26 -4.78 -6.11
C ILE A 91 -13.32 -4.27 -7.56
N SER A 92 -13.84 -3.05 -7.76
CA SER A 92 -13.88 -2.38 -9.07
C SER A 92 -12.49 -1.88 -9.48
N GLU A 93 -12.27 -1.79 -10.80
CA GLU A 93 -11.01 -1.32 -11.38
C GLU A 93 -10.81 0.18 -11.08
N ASP A 94 -11.93 0.93 -11.11
CA ASP A 94 -11.98 2.37 -10.78
C ASP A 94 -11.50 2.62 -9.34
N ARG A 95 -11.93 1.72 -8.43
CA ARG A 95 -11.51 1.72 -7.02
C ARG A 95 -9.99 1.48 -6.92
N LEU A 96 -9.50 0.47 -7.68
CA LEU A 96 -8.10 0.02 -7.63
C LEU A 96 -7.12 1.05 -8.26
N LYS A 97 -7.58 1.78 -9.29
CA LYS A 97 -6.72 2.76 -10.00
C LYS A 97 -6.67 4.10 -9.23
N ALA A 98 -7.74 4.38 -8.46
CA ALA A 98 -7.81 5.55 -7.57
C ALA A 98 -7.02 5.30 -6.28
N VAL A 99 -7.20 4.09 -5.73
CA VAL A 99 -6.62 3.66 -4.47
C VAL A 99 -6.46 2.11 -4.48
N PRO A 100 -5.24 1.58 -4.85
CA PRO A 100 -4.95 0.12 -4.80
C PRO A 100 -4.75 -0.40 -3.36
N TYR A 101 -4.65 0.54 -2.40
CA TYR A 101 -4.46 0.25 -0.98
C TYR A 101 -5.80 0.43 -0.26
N THR A 102 -6.74 -0.45 -0.58
CA THR A 102 -8.06 -0.45 0.05
C THR A 102 -8.52 -1.91 0.28
N PRO A 103 -8.74 -2.34 1.56
CA PRO A 103 -9.32 -3.66 1.87
C PRO A 103 -10.83 -3.73 1.51
N PHE A 104 -11.49 -2.55 1.47
CA PHE A 104 -12.93 -2.46 1.22
C PHE A 104 -13.21 -1.94 -0.20
N CYS A 105 -14.27 -2.48 -0.76
CA CYS A 105 -14.93 -2.00 -1.99
C CYS A 105 -15.51 -0.58 -1.78
N GLN A 106 -15.86 0.11 -2.88
CA GLN A 106 -16.32 1.51 -2.87
C GLN A 106 -17.54 1.73 -1.93
N GLU A 107 -18.58 0.90 -2.10
CA GLU A 107 -19.86 1.07 -1.36
C GLU A 107 -19.78 0.54 0.10
N CYS A 108 -18.94 -0.46 0.35
CA CYS A 108 -18.73 -1.00 1.72
C CYS A 108 -17.80 -0.10 2.54
N ALA A 109 -16.93 0.66 1.84
CA ALA A 109 -16.13 1.73 2.46
C ALA A 109 -17.04 2.92 2.80
N ALA A 110 -18.04 3.16 1.93
CA ALA A 110 -19.03 4.23 2.10
C ALA A 110 -20.04 3.92 3.23
N ALA A 111 -20.29 2.62 3.46
CA ALA A 111 -21.31 2.14 4.42
C ALA A 111 -20.67 1.33 5.57
N LEU A 112 -19.43 1.71 5.97
CA LEU A 112 -18.72 1.10 7.12
C LEU A 112 -19.54 1.22 8.43
N LEU A 1 -5.32 -0.55 -19.14
CA LEU A 1 -4.56 0.38 -19.99
C LEU A 1 -4.76 -0.01 -21.46
N ALA A 2 -5.12 0.97 -22.31
CA ALA A 2 -5.39 0.81 -23.75
C ALA A 2 -6.62 -0.11 -23.98
N GLY A 3 -6.42 -1.44 -23.84
CA GLY A 3 -7.52 -2.40 -23.87
C GLY A 3 -8.23 -2.46 -22.53
N GLY A 4 -7.50 -2.90 -21.48
CA GLY A 4 -8.01 -2.96 -20.10
C GLY A 4 -8.80 -4.23 -19.78
N LYS A 5 -8.56 -5.30 -20.55
CA LYS A 5 -9.26 -6.60 -20.40
C LYS A 5 -8.62 -7.48 -19.32
N SER A 6 -7.47 -7.03 -18.79
CA SER A 6 -6.81 -7.66 -17.63
C SER A 6 -6.85 -6.66 -16.46
N MET A 7 -6.88 -7.19 -15.21
CA MET A 7 -6.87 -6.36 -13.99
C MET A 7 -5.53 -5.61 -13.87
N ASN A 8 -4.45 -6.30 -14.30
CA ASN A 8 -3.06 -5.81 -14.29
C ASN A 8 -2.64 -5.46 -12.84
N VAL A 9 -2.51 -6.52 -12.02
CA VAL A 9 -2.17 -6.43 -10.61
C VAL A 9 -0.75 -5.86 -10.40
N GLU A 10 0.17 -6.17 -11.35
CA GLU A 10 1.60 -5.79 -11.28
C GLU A 10 1.81 -4.26 -11.21
N SER A 11 0.95 -3.50 -11.91
CA SER A 11 0.98 -2.03 -11.88
C SER A 11 0.50 -1.49 -10.52
N TYR A 12 -0.53 -2.16 -9.96
CA TYR A 12 -1.06 -1.84 -8.62
C TYR A 12 -0.04 -2.22 -7.55
N GLU A 13 0.69 -3.32 -7.82
CA GLU A 13 1.66 -3.91 -6.91
C GLU A 13 2.80 -2.90 -6.67
N LYS A 14 3.43 -2.45 -7.79
CA LYS A 14 4.60 -1.57 -7.73
C LYS A 14 4.25 -0.18 -7.19
N ILE A 15 3.08 0.38 -7.59
CA ILE A 15 2.67 1.75 -7.16
C ILE A 15 2.44 1.79 -5.64
N LEU A 16 2.00 0.64 -5.08
CA LEU A 16 1.83 0.46 -3.63
C LEU A 16 3.21 0.39 -2.94
N ARG A 17 4.15 -0.33 -3.57
CA ARG A 17 5.53 -0.45 -3.08
C ARG A 17 6.22 0.93 -3.04
N ASP A 18 6.08 1.71 -4.12
CA ASP A 18 6.64 3.08 -4.23
C ASP A 18 6.09 3.98 -3.12
N ARG A 19 4.75 3.92 -2.95
CA ARG A 19 4.00 4.76 -2.00
C ARG A 19 4.35 4.42 -0.54
N GLN A 20 4.50 3.13 -0.23
CA GLN A 20 4.80 2.70 1.14
C GLN A 20 6.24 3.05 1.53
N ARG A 21 7.18 3.02 0.54
CA ARG A 21 8.62 3.28 0.78
C ARG A 21 8.86 4.75 1.17
N GLU A 22 8.23 5.66 0.40
CA GLU A 22 8.31 7.11 0.66
C GLU A 22 7.61 7.47 1.98
N LEU A 23 6.54 6.73 2.30
CA LEU A 23 5.81 6.90 3.56
C LEU A 23 6.55 6.25 4.75
N TYR A 24 7.30 5.14 4.52
CA TYR A 24 8.09 4.44 5.57
C TYR A 24 9.11 5.43 6.17
N ARG A 25 9.93 6.03 5.27
CA ARG A 25 10.98 6.98 5.64
C ARG A 25 10.38 8.35 6.07
N ARG A 26 9.16 8.67 5.57
CA ARG A 26 8.42 9.88 5.96
C ARG A 26 8.06 9.89 7.46
N LEU A 27 7.42 8.80 7.94
CA LEU A 27 7.00 8.72 9.37
C LEU A 27 8.18 8.29 10.26
N HIS A 28 9.17 7.57 9.68
CA HIS A 28 10.47 7.30 10.35
C HIS A 28 11.47 8.45 10.10
N LYS A 29 10.96 9.69 9.98
CA LYS A 29 11.77 10.93 9.81
C LYS A 29 12.68 11.18 11.01
N ILE A 30 12.26 10.72 12.20
CA ILE A 30 13.06 10.79 13.45
C ILE A 30 14.34 9.92 13.34
N GLU A 31 14.29 8.88 12.48
CA GLU A 31 15.42 7.97 12.20
C GLU A 31 16.14 8.40 10.90
N ALA A 32 15.35 8.92 9.96
CA ALA A 32 15.80 9.22 8.60
C ALA A 32 16.35 10.65 8.50
N ASP A 33 17.64 10.77 8.14
CA ASP A 33 18.31 12.06 7.86
C ASP A 33 17.85 12.65 6.51
N PHE A 34 17.08 11.83 5.76
CA PHE A 34 16.53 12.16 4.44
C PHE A 34 17.66 12.30 3.41
N GLU A 35 18.20 11.13 3.01
CA GLU A 35 19.15 11.04 1.89
C GLU A 35 18.42 11.31 0.57
N GLU A 36 17.17 10.76 0.48
CA GLU A 36 16.28 10.86 -0.69
C GLU A 36 16.85 10.03 -1.87
N PRO A 37 16.19 8.89 -2.24
CA PRO A 37 16.52 8.19 -3.51
C PRO A 37 16.08 9.05 -4.72
N ARG A 38 17.07 9.59 -5.46
CA ARG A 38 16.85 10.46 -6.65
C ARG A 38 16.11 9.69 -7.77
N ASN A 39 16.15 8.35 -7.67
CA ASN A 39 15.33 7.44 -8.49
C ASN A 39 14.78 6.32 -7.57
N PRO A 40 13.58 5.73 -7.86
CA PRO A 40 13.04 4.62 -7.05
C PRO A 40 13.80 3.31 -7.34
N ASP A 41 15.01 3.23 -6.77
CA ASP A 41 15.93 2.09 -6.91
C ASP A 41 15.39 0.91 -6.10
N ASP A 42 14.82 1.26 -4.93
CA ASP A 42 14.18 0.31 -4.02
C ASP A 42 12.71 0.07 -4.46
N GLU A 43 12.57 -0.69 -5.57
CA GLU A 43 11.27 -1.17 -6.07
C GLU A 43 10.59 -2.03 -4.98
N ASP A 44 11.39 -2.95 -4.44
CA ASP A 44 11.07 -3.71 -3.22
C ASP A 44 12.37 -4.26 -2.64
N ARG A 45 12.99 -3.47 -1.75
CA ARG A 45 14.28 -3.83 -1.12
C ARG A 45 14.01 -4.45 0.27
N ALA A 46 13.12 -5.48 0.29
CA ALA A 46 12.70 -6.23 1.51
C ALA A 46 11.94 -5.34 2.52
N SER A 47 11.07 -5.95 3.33
CA SER A 47 10.35 -5.25 4.41
C SER A 47 10.75 -5.90 5.74
N GLU A 48 10.08 -7.03 6.10
CA GLU A 48 10.39 -7.86 7.28
C GLU A 48 10.23 -7.09 8.61
N ARG A 49 10.26 -7.85 9.73
CA ARG A 49 9.99 -7.35 11.10
C ARG A 49 8.62 -6.62 11.13
N SER A 50 8.66 -5.26 11.00
CA SER A 50 7.49 -4.36 11.07
C SER A 50 6.71 -4.51 12.39
N ASN A 51 5.75 -3.60 12.63
CA ASN A 51 4.87 -3.60 13.82
C ASN A 51 5.71 -3.35 15.10
N ASP A 52 5.04 -3.30 16.29
CA ASP A 52 5.69 -2.99 17.59
C ASP A 52 6.26 -1.53 17.59
N GLU A 53 5.77 -0.74 16.62
CA GLU A 53 6.17 0.66 16.43
C GLU A 53 5.27 1.53 17.29
N VAL A 54 5.51 1.42 18.61
CA VAL A 54 4.70 2.05 19.66
C VAL A 54 4.84 3.58 19.61
N LEU A 55 5.99 4.04 19.06
CA LEU A 55 6.29 5.47 18.90
C LEU A 55 5.19 6.17 18.09
N ASP A 56 4.44 7.04 18.77
CA ASP A 56 3.26 7.73 18.20
C ASP A 56 3.69 8.94 17.32
N GLU A 57 5.03 9.20 17.25
CA GLU A 57 5.61 10.23 16.36
C GLU A 57 5.46 9.85 14.87
N LEU A 58 5.08 8.60 14.59
CA LEU A 58 4.72 8.16 13.23
C LEU A 58 3.34 8.75 12.89
N GLY A 59 3.21 9.36 11.70
CA GLY A 59 1.94 9.95 11.25
C GLY A 59 0.83 8.91 11.15
N GLN A 60 -0.35 9.21 11.74
CA GLN A 60 -1.48 8.25 11.82
C GLN A 60 -2.01 7.90 10.41
N VAL A 61 -2.15 8.94 9.57
CA VAL A 61 -2.53 8.76 8.14
C VAL A 61 -1.51 7.87 7.40
N GLY A 62 -0.23 8.00 7.79
CA GLY A 62 0.83 7.15 7.26
C GLY A 62 0.70 5.70 7.72
N GLN A 63 0.39 5.50 9.02
CA GLN A 63 0.31 4.17 9.65
C GLN A 63 -0.89 3.35 9.10
N ASP A 64 -2.08 4.00 9.05
CA ASP A 64 -3.32 3.36 8.56
C ASP A 64 -3.23 3.07 7.06
N GLU A 65 -2.63 4.00 6.30
CA GLU A 65 -2.46 3.84 4.85
C GLU A 65 -1.42 2.76 4.55
N LEU A 66 -0.40 2.63 5.43
CA LEU A 66 0.61 1.54 5.37
C LEU A 66 -0.03 0.18 5.64
N ARG A 67 -0.95 0.16 6.64
CA ARG A 67 -1.73 -1.04 6.97
C ARG A 67 -2.52 -1.51 5.74
N ALA A 68 -3.12 -0.52 5.04
CA ALA A 68 -3.93 -0.73 3.84
C ALA A 68 -3.08 -1.17 2.63
N ILE A 69 -1.86 -0.57 2.49
CA ILE A 69 -0.95 -0.86 1.36
C ILE A 69 -0.41 -2.29 1.51
N ASP A 70 0.17 -2.55 2.70
CA ASP A 70 0.75 -3.86 3.06
C ASP A 70 -0.31 -4.96 3.19
N ALA A 71 -1.58 -4.58 3.45
CA ALA A 71 -2.73 -5.50 3.40
C ALA A 71 -2.92 -5.98 1.96
N ALA A 72 -3.05 -4.99 1.05
CA ALA A 72 -3.28 -5.21 -0.39
C ALA A 72 -2.14 -6.04 -1.01
N LEU A 73 -0.89 -5.71 -0.62
CA LEU A 73 0.35 -6.40 -1.10
C LEU A 73 0.43 -7.85 -0.58
N ALA A 74 0.01 -8.05 0.68
CA ALA A 74 -0.09 -9.39 1.30
C ALA A 74 -1.15 -10.24 0.58
N ARG A 75 -2.22 -9.56 0.10
CA ARG A 75 -3.32 -10.20 -0.65
C ARG A 75 -2.89 -10.55 -2.09
N ILE A 76 -1.91 -9.80 -2.65
CA ILE A 76 -1.32 -10.11 -3.97
C ILE A 76 -0.47 -11.39 -3.86
N ALA A 77 0.33 -11.45 -2.79
CA ALA A 77 1.17 -12.60 -2.44
C ALA A 77 0.32 -13.84 -2.08
N SER A 78 -0.87 -13.60 -1.49
CA SER A 78 -1.82 -14.66 -1.08
C SER A 78 -2.72 -15.10 -2.26
N GLY A 79 -2.88 -14.21 -3.25
CA GLY A 79 -3.74 -14.46 -4.42
C GLY A 79 -5.21 -14.08 -4.21
N THR A 80 -5.48 -13.28 -3.17
CA THR A 80 -6.85 -12.78 -2.84
C THR A 80 -6.96 -11.24 -3.01
N PHE A 81 -6.01 -10.64 -3.78
CA PHE A 81 -6.11 -9.23 -4.21
C PHE A 81 -7.21 -9.10 -5.28
N GLY A 82 -8.02 -8.05 -5.16
CA GLY A 82 -9.20 -7.89 -5.99
C GLY A 82 -10.44 -8.56 -5.36
N THR A 83 -10.32 -8.96 -4.08
CA THR A 83 -11.43 -9.54 -3.30
C THR A 83 -11.71 -8.65 -2.07
N CYS A 84 -12.93 -8.11 -2.03
CA CYS A 84 -13.45 -7.39 -0.86
C CYS A 84 -13.81 -8.38 0.24
N VAL A 85 -12.84 -8.63 1.14
CA VAL A 85 -12.97 -9.59 2.25
C VAL A 85 -14.02 -9.16 3.31
N LYS A 86 -14.44 -7.87 3.25
CA LYS A 86 -15.42 -7.30 4.19
C LYS A 86 -16.87 -7.74 3.85
N CYS A 87 -17.09 -8.23 2.61
CA CYS A 87 -18.41 -8.77 2.18
C CYS A 87 -18.28 -9.98 1.24
N GLY A 88 -17.03 -10.49 1.08
CA GLY A 88 -16.74 -11.66 0.23
C GLY A 88 -17.06 -11.46 -1.26
N LYS A 89 -16.90 -10.22 -1.73
CA LYS A 89 -17.24 -9.82 -3.12
C LYS A 89 -15.96 -9.39 -3.88
N ARG A 90 -16.14 -8.83 -5.09
CA ARG A 90 -15.04 -8.35 -5.95
C ARG A 90 -14.73 -6.87 -5.64
N ILE A 91 -13.46 -6.45 -5.86
CA ILE A 91 -13.09 -5.02 -5.92
C ILE A 91 -13.14 -4.58 -7.40
N SER A 92 -13.67 -3.38 -7.66
CA SER A 92 -13.80 -2.83 -9.03
C SER A 92 -12.42 -2.40 -9.56
N GLU A 93 -12.26 -2.47 -10.90
CA GLU A 93 -11.05 -1.98 -11.60
C GLU A 93 -10.88 -0.46 -11.36
N ASP A 94 -12.02 0.25 -11.41
CA ASP A 94 -12.08 1.72 -11.17
C ASP A 94 -11.76 2.06 -9.71
N ARG A 95 -12.16 1.16 -8.80
CA ARG A 95 -11.84 1.26 -7.37
C ARG A 95 -10.33 1.11 -7.15
N LEU A 96 -9.74 0.11 -7.84
CA LEU A 96 -8.30 -0.23 -7.73
C LEU A 96 -7.40 0.84 -8.37
N LYS A 97 -7.86 1.44 -9.48
CA LYS A 97 -7.05 2.44 -10.21
C LYS A 97 -7.09 3.80 -9.48
N ALA A 98 -8.20 4.03 -8.75
CA ALA A 98 -8.38 5.23 -7.91
C ALA A 98 -7.62 5.07 -6.57
N VAL A 99 -7.69 3.86 -6.01
CA VAL A 99 -7.10 3.52 -4.71
C VAL A 99 -6.76 2.00 -4.70
N PRO A 100 -5.49 1.61 -5.05
CA PRO A 100 -5.07 0.18 -5.09
C PRO A 100 -4.83 -0.44 -3.70
N TYR A 101 -4.76 0.42 -2.65
CA TYR A 101 -4.52 -0.04 -1.26
C TYR A 101 -5.82 -0.34 -0.50
N THR A 102 -6.98 -0.30 -1.19
CA THR A 102 -8.25 -0.59 -0.55
C THR A 102 -8.50 -2.13 -0.46
N PRO A 103 -8.74 -2.68 0.77
CA PRO A 103 -9.25 -4.06 0.93
C PRO A 103 -10.80 -4.12 0.82
N PHE A 104 -11.42 -2.93 0.58
CA PHE A 104 -12.89 -2.76 0.58
C PHE A 104 -13.38 -2.33 -0.81
N CYS A 105 -14.54 -2.87 -1.21
CA CYS A 105 -15.22 -2.49 -2.46
C CYS A 105 -15.98 -1.16 -2.23
N GLN A 106 -16.55 -0.59 -3.31
CA GLN A 106 -17.16 0.76 -3.27
C GLN A 106 -18.35 0.85 -2.27
N GLU A 107 -19.15 -0.23 -2.13
CA GLU A 107 -20.29 -0.25 -1.18
C GLU A 107 -19.83 -0.33 0.30
N CYS A 108 -18.68 -1.00 0.56
CA CYS A 108 -18.05 -1.03 1.91
C CYS A 108 -17.37 0.32 2.22
N ALA A 109 -16.74 0.93 1.19
CA ALA A 109 -16.11 2.27 1.26
C ALA A 109 -17.17 3.37 1.50
N ALA A 110 -18.37 3.14 0.95
CA ALA A 110 -19.54 4.02 1.17
C ALA A 110 -20.09 3.87 2.59
N ALA A 111 -19.96 2.64 3.13
CA ALA A 111 -20.37 2.31 4.51
C ALA A 111 -19.32 2.75 5.54
N LEU A 112 -18.12 3.16 5.08
CA LEU A 112 -17.08 3.75 5.94
C LEU A 112 -17.43 5.24 6.22
N LEU A 1 5.47 -18.82 -6.75
CA LEU A 1 4.20 -18.44 -6.08
C LEU A 1 4.01 -16.91 -6.10
N ALA A 2 2.80 -16.45 -5.68
CA ALA A 2 2.43 -15.01 -5.58
C ALA A 2 2.29 -14.32 -6.96
N GLY A 3 1.75 -13.09 -6.96
CA GLY A 3 1.60 -12.28 -8.18
C GLY A 3 0.25 -12.50 -8.87
N GLY A 4 0.03 -11.76 -9.97
CA GLY A 4 -1.18 -11.83 -10.76
C GLY A 4 -1.01 -11.16 -12.12
N LYS A 5 -1.12 -11.95 -13.21
CA LYS A 5 -0.87 -11.49 -14.59
C LYS A 5 -2.22 -11.09 -15.25
N SER A 6 -2.93 -10.16 -14.60
CA SER A 6 -4.23 -9.61 -15.07
C SER A 6 -4.67 -8.48 -14.12
N MET A 7 -5.72 -7.72 -14.52
CA MET A 7 -6.41 -6.69 -13.71
C MET A 7 -5.45 -5.52 -13.32
N ASN A 8 -4.28 -5.45 -13.99
CA ASN A 8 -3.19 -4.48 -13.71
C ASN A 8 -2.60 -4.66 -12.30
N VAL A 9 -2.70 -5.90 -11.74
CA VAL A 9 -2.17 -6.28 -10.40
C VAL A 9 -0.69 -5.85 -10.24
N GLU A 10 0.11 -6.06 -11.29
CA GLU A 10 1.55 -5.82 -11.28
C GLU A 10 1.88 -4.31 -11.23
N SER A 11 1.07 -3.50 -11.93
CA SER A 11 1.17 -2.02 -11.86
C SER A 11 0.76 -1.52 -10.47
N TYR A 12 -0.24 -2.20 -9.88
CA TYR A 12 -0.72 -1.91 -8.51
C TYR A 12 0.34 -2.34 -7.48
N GLU A 13 1.03 -3.46 -7.76
CA GLU A 13 1.99 -4.07 -6.85
C GLU A 13 3.17 -3.11 -6.61
N LYS A 14 3.77 -2.63 -7.71
CA LYS A 14 4.91 -1.72 -7.67
C LYS A 14 4.52 -0.37 -7.04
N ILE A 15 3.33 0.19 -7.39
CA ILE A 15 2.90 1.51 -6.89
C ILE A 15 2.58 1.43 -5.39
N LEU A 16 2.08 0.26 -4.92
CA LEU A 16 1.83 0.00 -3.49
C LEU A 16 3.14 0.06 -2.70
N ARG A 17 4.21 -0.53 -3.28
CA ARG A 17 5.55 -0.48 -2.68
C ARG A 17 6.00 0.98 -2.59
N ASP A 18 5.94 1.71 -3.72
CA ASP A 18 6.40 3.12 -3.82
C ASP A 18 5.75 4.00 -2.74
N ARG A 19 4.42 3.82 -2.59
CA ARG A 19 3.60 4.54 -1.61
C ARG A 19 4.07 4.25 -0.18
N GLN A 20 4.20 2.95 0.16
CA GLN A 20 4.56 2.53 1.53
C GLN A 20 6.01 2.94 1.87
N ARG A 21 6.88 3.00 0.83
CA ARG A 21 8.30 3.34 0.98
C ARG A 21 8.46 4.83 1.32
N GLU A 22 7.88 5.70 0.48
CA GLU A 22 7.93 7.18 0.68
C GLU A 22 7.25 7.57 2.00
N LEU A 23 6.26 6.77 2.40
CA LEU A 23 5.64 6.88 3.73
C LEU A 23 6.61 6.44 4.83
N TYR A 24 7.33 5.31 4.62
CA TYR A 24 8.27 4.74 5.62
C TYR A 24 9.36 5.76 6.04
N ARG A 25 9.85 6.59 5.10
CA ARG A 25 10.80 7.68 5.41
C ARG A 25 10.06 8.92 5.98
N ARG A 26 8.79 9.11 5.55
CA ARG A 26 7.93 10.22 6.02
C ARG A 26 7.56 10.08 7.52
N LEU A 27 7.31 8.84 7.99
CA LEU A 27 6.89 8.58 9.37
C LEU A 27 8.09 8.19 10.26
N HIS A 28 9.07 7.45 9.70
CA HIS A 28 10.38 7.22 10.36
C HIS A 28 11.38 8.31 9.90
N LYS A 29 10.88 9.56 9.91
CA LYS A 29 11.65 10.79 9.63
C LYS A 29 12.73 11.04 10.70
N ILE A 30 12.56 10.45 11.90
CA ILE A 30 13.53 10.58 13.02
C ILE A 30 14.91 9.96 12.68
N GLU A 31 14.91 8.98 11.76
CA GLU A 31 16.13 8.27 11.32
C GLU A 31 16.43 8.56 9.85
N ALA A 32 15.41 9.03 9.11
CA ALA A 32 15.56 9.46 7.70
C ALA A 32 15.82 10.97 7.67
N ASP A 33 17.11 11.33 7.82
CA ASP A 33 17.56 12.75 7.85
C ASP A 33 18.26 13.13 6.55
N PHE A 34 17.43 13.52 5.55
CA PHE A 34 17.89 14.13 4.26
C PHE A 34 18.77 13.15 3.43
N GLU A 35 18.69 11.83 3.74
CA GLU A 35 19.39 10.76 2.99
C GLU A 35 18.89 10.75 1.54
N GLU A 36 17.57 10.88 1.42
CA GLU A 36 16.88 11.16 0.17
C GLU A 36 15.66 12.05 0.49
N PRO A 37 15.66 13.34 0.03
CA PRO A 37 14.52 14.26 0.24
C PRO A 37 13.33 13.95 -0.69
N ARG A 38 12.26 14.75 -0.52
CA ARG A 38 10.98 14.62 -1.24
C ARG A 38 11.17 14.60 -2.78
N ASN A 39 10.62 13.56 -3.43
CA ASN A 39 10.64 13.43 -4.90
C ASN A 39 9.23 12.97 -5.39
N PRO A 40 8.29 13.95 -5.59
CA PRO A 40 6.89 13.65 -6.03
C PRO A 40 6.83 13.32 -7.54
N ASP A 41 7.84 13.79 -8.28
CA ASP A 41 8.02 13.48 -9.71
C ASP A 41 8.93 12.24 -9.86
N ASP A 42 9.04 11.73 -11.10
CA ASP A 42 9.71 10.45 -11.38
C ASP A 42 11.24 10.57 -11.25
N GLU A 43 11.75 10.38 -10.02
CA GLU A 43 13.18 10.30 -9.70
C GLU A 43 13.50 8.89 -9.22
N ASP A 44 12.75 8.44 -8.18
CA ASP A 44 12.82 7.08 -7.60
C ASP A 44 14.23 6.75 -7.03
N ARG A 45 14.39 6.88 -5.70
CA ARG A 45 15.68 6.62 -5.01
C ARG A 45 15.66 5.23 -4.34
N ALA A 46 14.99 5.11 -3.18
CA ALA A 46 14.85 3.81 -2.48
C ALA A 46 13.70 3.86 -1.45
N SER A 47 13.99 4.43 -0.26
CA SER A 47 13.11 4.41 0.93
C SER A 47 12.78 2.96 1.35
N GLU A 48 13.71 2.03 1.00
CA GLU A 48 13.51 0.59 1.00
C GLU A 48 13.09 0.05 2.37
N ARG A 49 13.94 0.27 3.37
CA ARG A 49 13.75 -0.27 4.74
C ARG A 49 14.05 0.78 5.80
N SER A 50 13.68 0.43 7.03
CA SER A 50 13.72 1.31 8.20
C SER A 50 13.63 0.43 9.47
N ASN A 51 13.48 1.03 10.66
CA ASN A 51 13.06 0.28 11.86
C ASN A 51 11.61 -0.15 11.68
N ASP A 52 11.40 -1.49 11.55
CA ASP A 52 10.10 -2.08 11.17
C ASP A 52 9.05 -1.91 12.29
N GLU A 53 9.52 -1.64 13.53
CA GLU A 53 8.64 -1.36 14.69
C GLU A 53 7.90 -0.02 14.50
N VAL A 54 6.78 0.12 15.23
CA VAL A 54 5.87 1.26 15.08
C VAL A 54 6.53 2.56 15.59
N LEU A 55 6.55 2.77 16.94
CA LEU A 55 7.00 4.02 17.60
C LEU A 55 5.98 5.17 17.36
N ASP A 56 5.67 5.97 18.41
CA ASP A 56 4.64 7.04 18.34
C ASP A 56 5.15 8.34 17.67
N GLU A 57 6.30 8.26 16.97
CA GLU A 57 6.84 9.38 16.17
C GLU A 57 6.34 9.31 14.71
N LEU A 58 5.48 8.30 14.41
CA LEU A 58 4.90 8.12 13.06
C LEU A 58 3.69 9.06 12.85
N GLY A 59 3.25 9.17 11.58
CA GLY A 59 2.02 9.88 11.23
C GLY A 59 0.85 8.92 11.11
N GLN A 60 -0.29 9.25 11.76
CA GLN A 60 -1.51 8.39 11.83
C GLN A 60 -1.97 7.88 10.44
N VAL A 61 -2.14 8.83 9.49
CA VAL A 61 -2.58 8.53 8.11
C VAL A 61 -1.52 7.72 7.35
N GLY A 62 -0.23 7.95 7.67
CA GLY A 62 0.87 7.17 7.11
C GLY A 62 0.80 5.70 7.50
N GLN A 63 0.36 5.45 8.76
CA GLN A 63 0.24 4.10 9.35
C GLN A 63 -1.01 3.37 8.83
N ASP A 64 -2.12 4.11 8.72
CA ASP A 64 -3.42 3.57 8.23
C ASP A 64 -3.32 3.21 6.75
N GLU A 65 -2.60 4.07 6.01
CA GLU A 65 -2.36 3.89 4.59
C GLU A 65 -1.39 2.72 4.37
N LEU A 66 -0.36 2.62 5.26
CA LEU A 66 0.57 1.48 5.33
C LEU A 66 -0.20 0.15 5.51
N ARG A 67 -1.14 0.17 6.47
CA ARG A 67 -1.94 -1.02 6.85
C ARG A 67 -2.81 -1.48 5.65
N ALA A 68 -3.33 -0.51 4.89
CA ALA A 68 -4.15 -0.75 3.70
C ALA A 68 -3.29 -1.30 2.53
N ILE A 69 -2.05 -0.77 2.41
CA ILE A 69 -1.08 -1.17 1.36
C ILE A 69 -0.62 -2.60 1.56
N ASP A 70 -0.16 -2.89 2.79
CA ASP A 70 0.36 -4.21 3.19
C ASP A 70 -0.76 -5.28 3.16
N ALA A 71 -2.02 -4.85 3.39
CA ALA A 71 -3.21 -5.72 3.26
C ALA A 71 -3.40 -6.14 1.79
N ALA A 72 -3.28 -5.13 0.90
CA ALA A 72 -3.41 -5.30 -0.56
C ALA A 72 -2.27 -6.16 -1.13
N LEU A 73 -1.03 -5.93 -0.62
CA LEU A 73 0.19 -6.66 -1.01
C LEU A 73 0.14 -8.13 -0.52
N ALA A 74 -0.51 -8.34 0.64
CA ALA A 74 -0.74 -9.69 1.21
C ALA A 74 -1.69 -10.49 0.29
N ARG A 75 -2.66 -9.76 -0.32
CA ARG A 75 -3.62 -10.35 -1.28
C ARG A 75 -2.94 -10.70 -2.61
N ILE A 76 -2.00 -9.84 -3.07
CA ILE A 76 -1.21 -10.12 -4.29
C ILE A 76 -0.30 -11.35 -4.06
N ALA A 77 0.29 -11.39 -2.85
CA ALA A 77 1.16 -12.48 -2.41
C ALA A 77 0.38 -13.81 -2.21
N SER A 78 -0.94 -13.69 -1.95
CA SER A 78 -1.85 -14.84 -1.79
C SER A 78 -2.67 -15.10 -3.09
N GLY A 79 -2.40 -14.30 -4.15
CA GLY A 79 -3.03 -14.47 -5.47
C GLY A 79 -4.54 -14.19 -5.50
N THR A 80 -5.02 -13.46 -4.49
CA THR A 80 -6.45 -13.12 -4.31
C THR A 80 -6.63 -11.59 -4.13
N PHE A 81 -5.72 -10.80 -4.74
CA PHE A 81 -5.91 -9.34 -4.90
C PHE A 81 -7.18 -9.05 -5.71
N GLY A 82 -7.88 -7.97 -5.33
CA GLY A 82 -9.17 -7.64 -5.90
C GLY A 82 -10.30 -8.40 -5.22
N THR A 83 -10.14 -8.64 -3.89
CA THR A 83 -11.18 -9.28 -3.05
C THR A 83 -11.49 -8.38 -1.83
N CYS A 84 -12.75 -7.96 -1.72
CA CYS A 84 -13.26 -7.18 -0.58
C CYS A 84 -13.48 -8.09 0.63
N VAL A 85 -12.55 -8.04 1.57
CA VAL A 85 -12.52 -8.90 2.77
C VAL A 85 -13.58 -8.50 3.82
N LYS A 86 -14.19 -7.32 3.62
CA LYS A 86 -15.21 -6.79 4.54
C LYS A 86 -16.60 -7.42 4.29
N CYS A 87 -16.84 -7.91 3.04
CA CYS A 87 -18.16 -8.51 2.67
C CYS A 87 -17.99 -9.78 1.80
N GLY A 88 -16.74 -10.30 1.69
CA GLY A 88 -16.44 -11.49 0.89
C GLY A 88 -16.73 -11.33 -0.60
N LYS A 89 -16.66 -10.07 -1.10
CA LYS A 89 -16.92 -9.74 -2.51
C LYS A 89 -15.62 -9.47 -3.26
N ARG A 90 -15.77 -8.94 -4.49
CA ARG A 90 -14.65 -8.52 -5.36
C ARG A 90 -14.45 -6.99 -5.18
N ILE A 91 -13.26 -6.45 -5.53
CA ILE A 91 -13.02 -4.98 -5.55
C ILE A 91 -13.23 -4.47 -6.99
N SER A 92 -13.96 -3.35 -7.15
CA SER A 92 -14.19 -2.70 -8.46
C SER A 92 -12.86 -2.25 -9.08
N GLU A 93 -12.71 -2.34 -10.43
CA GLU A 93 -11.48 -1.92 -11.11
C GLU A 93 -11.28 -0.39 -11.00
N ASP A 94 -12.40 0.36 -11.08
CA ASP A 94 -12.42 1.83 -10.84
C ASP A 94 -11.90 2.17 -9.44
N ARG A 95 -12.28 1.33 -8.47
CA ARG A 95 -11.84 1.43 -7.08
C ARG A 95 -10.32 1.14 -6.98
N LEU A 96 -9.87 0.10 -7.71
CA LEU A 96 -8.46 -0.37 -7.68
C LEU A 96 -7.48 0.64 -8.32
N LYS A 97 -7.91 1.30 -9.40
CA LYS A 97 -7.05 2.24 -10.15
C LYS A 97 -6.99 3.59 -9.41
N ALA A 98 -8.10 3.95 -8.74
CA ALA A 98 -8.20 5.17 -7.92
C ALA A 98 -7.41 5.01 -6.61
N VAL A 99 -7.47 3.79 -6.04
CA VAL A 99 -6.82 3.43 -4.78
C VAL A 99 -6.58 1.89 -4.76
N PRO A 100 -5.33 1.41 -5.07
CA PRO A 100 -5.00 -0.04 -5.03
C PRO A 100 -4.87 -0.58 -3.58
N TYR A 101 -4.74 0.34 -2.60
CA TYR A 101 -4.62 -0.01 -1.18
C TYR A 101 -5.99 0.05 -0.52
N THR A 102 -6.88 -0.84 -0.98
CA THR A 102 -8.23 -0.91 -0.47
C THR A 102 -8.69 -2.38 -0.25
N PRO A 103 -8.83 -2.83 1.03
CA PRO A 103 -9.47 -4.13 1.36
C PRO A 103 -11.02 -4.07 1.25
N PHE A 104 -11.55 -2.84 1.05
CA PHE A 104 -12.99 -2.57 0.95
C PHE A 104 -13.35 -2.33 -0.53
N CYS A 105 -14.52 -2.84 -0.97
CA CYS A 105 -15.03 -2.56 -2.34
C CYS A 105 -15.66 -1.17 -2.35
N GLN A 106 -15.99 -0.65 -3.55
CA GLN A 106 -16.57 0.72 -3.72
C GLN A 106 -17.81 0.92 -2.81
N GLU A 107 -18.59 -0.16 -2.69
CA GLU A 107 -19.77 -0.25 -1.79
C GLU A 107 -19.37 0.02 -0.31
N CYS A 108 -18.37 -0.77 0.17
CA CYS A 108 -17.93 -0.73 1.57
C CYS A 108 -17.19 0.57 1.91
N ALA A 109 -16.58 1.19 0.88
CA ALA A 109 -15.93 2.51 0.99
C ALA A 109 -16.99 3.59 1.27
N ALA A 110 -18.12 3.52 0.55
CA ALA A 110 -19.25 4.43 0.71
C ALA A 110 -20.04 4.13 2.00
N ALA A 111 -19.89 2.89 2.53
CA ALA A 111 -20.61 2.40 3.72
C ALA A 111 -19.79 2.58 5.03
N LEU A 112 -18.60 3.20 4.93
CA LEU A 112 -17.74 3.47 6.11
C LEU A 112 -18.40 4.51 7.06
N LEU A 1 6.05 -14.55 -7.44
CA LEU A 1 4.85 -14.12 -6.69
C LEU A 1 3.69 -15.09 -6.98
N ALA A 2 3.45 -15.36 -8.29
CA ALA A 2 2.37 -16.26 -8.80
C ALA A 2 0.96 -15.69 -8.51
N GLY A 3 -0.07 -16.40 -8.99
CA GLY A 3 -1.44 -15.90 -8.96
C GLY A 3 -1.63 -14.80 -9.99
N GLY A 4 -1.21 -13.56 -9.63
CA GLY A 4 -1.21 -12.42 -10.53
C GLY A 4 -2.61 -11.90 -10.87
N LYS A 5 -3.27 -12.59 -11.82
CA LYS A 5 -4.56 -12.20 -12.44
C LYS A 5 -4.41 -10.95 -13.33
N SER A 6 -5.01 -10.99 -14.52
CA SER A 6 -5.02 -9.87 -15.47
C SER A 6 -5.99 -8.77 -14.97
N MET A 7 -5.43 -7.81 -14.21
CA MET A 7 -6.18 -6.67 -13.64
C MET A 7 -5.21 -5.47 -13.45
N ASN A 8 -4.00 -5.57 -14.06
CA ASN A 8 -2.88 -4.63 -13.84
C ASN A 8 -2.40 -4.70 -12.38
N VAL A 9 -2.51 -5.90 -11.78
CA VAL A 9 -2.14 -6.17 -10.38
C VAL A 9 -0.66 -5.86 -10.11
N GLU A 10 0.21 -6.18 -11.10
CA GLU A 10 1.66 -5.94 -11.00
C GLU A 10 1.98 -4.44 -11.02
N SER A 11 1.15 -3.65 -11.75
CA SER A 11 1.23 -2.18 -11.78
C SER A 11 0.88 -1.60 -10.40
N TYR A 12 -0.14 -2.21 -9.76
CA TYR A 12 -0.59 -1.86 -8.41
C TYR A 12 0.47 -2.30 -7.38
N GLU A 13 1.09 -3.46 -7.63
CA GLU A 13 2.06 -4.09 -6.73
C GLU A 13 3.27 -3.16 -6.52
N LYS A 14 3.88 -2.73 -7.64
CA LYS A 14 5.05 -1.83 -7.63
C LYS A 14 4.72 -0.45 -7.05
N ILE A 15 3.56 0.15 -7.47
CA ILE A 15 3.19 1.53 -7.06
C ILE A 15 2.92 1.60 -5.54
N LEU A 16 2.40 0.48 -4.99
CA LEU A 16 2.12 0.33 -3.54
C LEU A 16 3.41 0.16 -2.74
N ARG A 17 4.37 -0.57 -3.31
CA ARG A 17 5.69 -0.76 -2.74
C ARG A 17 6.47 0.57 -2.68
N ASP A 18 6.38 1.38 -3.75
CA ASP A 18 7.04 2.70 -3.81
C ASP A 18 6.35 3.65 -2.82
N ARG A 19 5.03 3.48 -2.72
CA ARG A 19 4.16 4.30 -1.88
C ARG A 19 4.48 4.10 -0.39
N GLN A 20 4.57 2.83 0.03
CA GLN A 20 4.75 2.49 1.44
C GLN A 20 6.16 2.84 1.91
N ARG A 21 7.18 2.73 1.02
CA ARG A 21 8.60 2.97 1.38
C ARG A 21 8.91 4.47 1.51
N GLU A 22 8.32 5.29 0.62
CA GLU A 22 8.49 6.77 0.68
C GLU A 22 7.80 7.33 1.94
N LEU A 23 6.61 6.78 2.24
CA LEU A 23 5.86 7.13 3.45
C LEU A 23 6.55 6.57 4.70
N TYR A 24 7.17 5.38 4.58
CA TYR A 24 7.87 4.69 5.70
C TYR A 24 8.99 5.58 6.27
N ARG A 25 9.89 6.01 5.36
CA ARG A 25 11.06 6.84 5.71
C ARG A 25 10.63 8.26 6.14
N ARG A 26 9.47 8.72 5.60
CA ARG A 26 8.84 10.00 5.97
C ARG A 26 8.45 10.01 7.47
N LEU A 27 7.66 9.01 7.91
CA LEU A 27 7.17 8.92 9.30
C LEU A 27 8.23 8.28 10.24
N HIS A 28 9.30 7.75 9.65
CA HIS A 28 10.49 7.26 10.39
C HIS A 28 11.63 8.30 10.28
N LYS A 29 11.22 9.59 10.28
CA LYS A 29 12.12 10.76 10.29
C LYS A 29 13.08 10.76 11.51
N ILE A 30 12.65 10.13 12.62
CA ILE A 30 13.45 10.02 13.86
C ILE A 30 14.72 9.16 13.66
N GLU A 31 14.62 8.14 12.80
CA GLU A 31 15.75 7.22 12.49
C GLU A 31 16.35 7.54 11.11
N ALA A 32 15.64 8.37 10.32
CA ALA A 32 16.05 8.80 8.97
C ALA A 32 15.87 10.32 8.84
N ASP A 33 16.73 11.04 9.56
CA ASP A 33 16.71 12.52 9.60
C ASP A 33 17.71 13.08 8.57
N PHE A 34 17.17 13.73 7.53
CA PHE A 34 17.97 14.37 6.47
C PHE A 34 17.98 15.89 6.68
N GLU A 35 19.11 16.41 7.21
CA GLU A 35 19.34 17.87 7.35
C GLU A 35 19.52 18.49 5.95
N GLU A 36 20.34 17.79 5.16
CA GLU A 36 20.64 18.13 3.76
C GLU A 36 19.42 17.81 2.85
N PRO A 37 19.43 18.21 1.51
CA PRO A 37 18.37 17.81 0.56
C PRO A 37 18.15 16.27 0.53
N ARG A 38 16.89 15.88 0.33
CA ARG A 38 16.47 14.46 0.30
C ARG A 38 17.15 13.69 -0.85
N ASN A 39 17.50 14.44 -1.92
CA ASN A 39 18.13 13.96 -3.16
C ASN A 39 17.11 13.14 -4.01
N PRO A 40 17.15 13.29 -5.38
CA PRO A 40 16.21 12.58 -6.29
C PRO A 40 16.60 11.10 -6.51
N ASP A 41 17.57 10.60 -5.73
CA ASP A 41 18.04 9.21 -5.74
C ASP A 41 17.65 8.53 -4.42
N ASP A 42 17.44 7.22 -4.49
CA ASP A 42 17.09 6.40 -3.31
C ASP A 42 18.32 6.19 -2.41
N GLU A 43 18.17 6.58 -1.14
CA GLU A 43 19.20 6.40 -0.09
C GLU A 43 19.32 4.91 0.27
N ASP A 44 18.16 4.31 0.52
CA ASP A 44 18.03 2.89 0.94
C ASP A 44 16.57 2.47 0.76
N ARG A 45 16.38 1.27 0.17
CA ARG A 45 15.04 0.75 -0.21
C ARG A 45 14.10 0.62 1.00
N ALA A 46 14.61 0.03 2.09
CA ALA A 46 13.82 -0.22 3.31
C ALA A 46 14.76 -0.53 4.48
N SER A 47 14.57 0.16 5.62
CA SER A 47 15.28 -0.13 6.87
C SER A 47 14.62 -1.33 7.58
N GLU A 48 15.22 -1.78 8.70
CA GLU A 48 14.71 -2.92 9.49
C GLU A 48 13.33 -2.57 10.12
N ARG A 49 13.35 -2.00 11.34
CA ARG A 49 12.16 -1.50 12.04
C ARG A 49 12.58 -0.25 12.84
N SER A 50 13.48 -0.48 13.84
CA SER A 50 14.01 0.55 14.77
C SER A 50 12.90 1.19 15.65
N ASN A 51 12.01 2.00 15.03
CA ASN A 51 10.81 2.54 15.69
C ASN A 51 9.80 1.40 15.92
N ASP A 52 9.96 0.70 17.05
CA ASP A 52 9.11 -0.43 17.47
C ASP A 52 7.79 0.08 18.10
N GLU A 53 7.86 1.29 18.67
CA GLU A 53 6.72 1.97 19.31
C GLU A 53 5.77 2.60 18.26
N VAL A 54 4.66 3.22 18.74
CA VAL A 54 3.74 3.97 17.87
C VAL A 54 4.40 5.31 17.48
N LEU A 55 4.58 6.18 18.49
CA LEU A 55 5.22 7.52 18.37
C LEU A 55 4.40 8.50 17.47
N ASP A 56 4.26 9.75 17.96
CA ASP A 56 3.47 10.81 17.29
C ASP A 56 4.07 11.23 15.93
N GLU A 57 5.39 11.01 15.75
CA GLU A 57 6.10 11.34 14.50
C GLU A 57 5.61 10.51 13.31
N LEU A 58 5.02 9.36 13.64
CA LEU A 58 4.28 8.54 12.68
C LEU A 58 2.85 9.10 12.55
N GLY A 59 2.58 9.69 11.37
CA GLY A 59 1.31 10.37 11.08
C GLY A 59 0.18 9.39 10.78
N GLN A 60 -1.06 9.79 11.12
CA GLN A 60 -2.28 8.94 10.99
C GLN A 60 -2.51 8.46 9.55
N VAL A 61 -2.45 9.41 8.59
CA VAL A 61 -2.63 9.11 7.15
C VAL A 61 -1.54 8.14 6.66
N GLY A 62 -0.30 8.32 7.17
CA GLY A 62 0.83 7.49 6.78
C GLY A 62 0.71 6.05 7.28
N GLN A 63 0.44 5.89 8.59
CA GLN A 63 0.38 4.57 9.25
C GLN A 63 -0.78 3.72 8.70
N ASP A 64 -1.97 4.34 8.59
CA ASP A 64 -3.19 3.66 8.11
C ASP A 64 -3.15 3.42 6.59
N GLU A 65 -2.35 4.22 5.85
CA GLU A 65 -2.16 3.97 4.42
C GLU A 65 -1.24 2.77 4.25
N LEU A 66 -0.14 2.71 5.04
CA LEU A 66 0.79 1.55 5.10
C LEU A 66 0.02 0.27 5.46
N ARG A 67 -0.88 0.38 6.43
CA ARG A 67 -1.77 -0.71 6.88
C ARG A 67 -2.62 -1.25 5.70
N ALA A 68 -3.19 -0.30 4.93
CA ALA A 68 -4.04 -0.60 3.78
C ALA A 68 -3.23 -1.11 2.58
N ILE A 69 -1.98 -0.59 2.44
CA ILE A 69 -1.06 -0.93 1.34
C ILE A 69 -0.59 -2.38 1.50
N ASP A 70 -0.11 -2.70 2.73
CA ASP A 70 0.34 -4.04 3.11
C ASP A 70 -0.82 -5.05 3.14
N ALA A 71 -2.05 -4.55 3.37
CA ALA A 71 -3.28 -5.36 3.26
C ALA A 71 -3.52 -5.75 1.79
N ALA A 72 -3.33 -4.77 0.90
CA ALA A 72 -3.49 -4.95 -0.56
C ALA A 72 -2.39 -5.86 -1.14
N LEU A 73 -1.15 -5.67 -0.63
CA LEU A 73 0.03 -6.44 -1.07
C LEU A 73 -0.02 -7.88 -0.53
N ALA A 74 -0.68 -8.06 0.63
CA ALA A 74 -0.95 -9.39 1.21
C ALA A 74 -1.97 -10.14 0.36
N ARG A 75 -2.95 -9.39 -0.21
CA ARG A 75 -3.92 -9.93 -1.18
C ARG A 75 -3.21 -10.39 -2.45
N ILE A 76 -2.27 -9.57 -2.97
CA ILE A 76 -1.51 -9.89 -4.19
C ILE A 76 -0.66 -11.16 -3.96
N ALA A 77 0.02 -11.19 -2.81
CA ALA A 77 0.89 -12.31 -2.39
C ALA A 77 0.10 -13.61 -2.18
N SER A 78 -1.20 -13.47 -1.80
CA SER A 78 -2.13 -14.60 -1.61
C SER A 78 -2.85 -14.97 -2.93
N GLY A 79 -2.74 -14.07 -3.95
CA GLY A 79 -3.42 -14.27 -5.24
C GLY A 79 -4.92 -14.02 -5.16
N THR A 80 -5.33 -13.19 -4.19
CA THR A 80 -6.74 -12.82 -3.95
C THR A 80 -6.90 -11.28 -3.99
N PHE A 81 -6.01 -10.58 -4.72
CA PHE A 81 -6.18 -9.13 -4.98
C PHE A 81 -7.41 -8.88 -5.86
N GLY A 82 -8.16 -7.80 -5.55
CA GLY A 82 -9.46 -7.56 -6.17
C GLY A 82 -10.57 -8.32 -5.46
N THR A 83 -10.36 -8.59 -4.15
CA THR A 83 -11.36 -9.23 -3.29
C THR A 83 -11.78 -8.26 -2.17
N CYS A 84 -13.10 -7.97 -2.11
CA CYS A 84 -13.74 -7.19 -1.05
C CYS A 84 -13.64 -7.98 0.27
N VAL A 85 -12.60 -7.66 1.06
CA VAL A 85 -12.22 -8.44 2.28
C VAL A 85 -13.33 -8.45 3.35
N LYS A 86 -14.10 -7.35 3.37
CA LYS A 86 -15.22 -7.13 4.32
C LYS A 86 -16.42 -8.03 3.97
N CYS A 87 -16.46 -8.50 2.71
CA CYS A 87 -17.62 -9.18 2.13
C CYS A 87 -17.29 -10.62 1.68
N GLY A 88 -15.98 -10.92 1.55
CA GLY A 88 -15.52 -12.13 0.86
C GLY A 88 -16.05 -12.18 -0.58
N LYS A 89 -15.90 -11.04 -1.29
CA LYS A 89 -16.50 -10.79 -2.62
C LYS A 89 -15.47 -10.07 -3.53
N ARG A 90 -15.95 -9.37 -4.58
CA ARG A 90 -15.10 -8.69 -5.58
C ARG A 90 -14.93 -7.16 -5.27
N ILE A 91 -13.72 -6.60 -5.59
CA ILE A 91 -13.50 -5.13 -5.68
C ILE A 91 -13.67 -4.71 -7.16
N SER A 92 -14.14 -3.48 -7.40
CA SER A 92 -14.24 -2.92 -8.76
C SER A 92 -12.84 -2.51 -9.24
N GLU A 93 -12.57 -2.68 -10.55
CA GLU A 93 -11.32 -2.24 -11.18
C GLU A 93 -11.17 -0.70 -11.06
N ASP A 94 -12.31 0.01 -11.18
CA ASP A 94 -12.39 1.48 -11.06
C ASP A 94 -11.98 1.94 -9.66
N ARG A 95 -12.39 1.15 -8.66
CA ARG A 95 -12.02 1.36 -7.25
C ARG A 95 -10.50 1.19 -7.06
N LEU A 96 -9.92 0.18 -7.74
CA LEU A 96 -8.49 -0.18 -7.59
C LEU A 96 -7.55 0.77 -8.37
N LYS A 97 -8.01 1.29 -9.51
CA LYS A 97 -7.21 2.22 -10.34
C LYS A 97 -7.18 3.61 -9.69
N ALA A 98 -8.25 3.94 -8.94
CA ALA A 98 -8.35 5.16 -8.13
C ALA A 98 -7.53 5.03 -6.83
N VAL A 99 -7.75 3.91 -6.13
CA VAL A 99 -7.10 3.58 -4.85
C VAL A 99 -6.86 2.04 -4.77
N PRO A 100 -5.62 1.55 -5.12
CA PRO A 100 -5.30 0.09 -5.10
C PRO A 100 -5.14 -0.48 -3.68
N TYR A 101 -4.81 0.40 -2.71
CA TYR A 101 -4.56 -0.02 -1.31
C TYR A 101 -5.85 -0.19 -0.50
N THR A 102 -7.02 0.08 -1.10
CA THR A 102 -8.30 -0.06 -0.39
C THR A 102 -8.62 -1.55 -0.10
N PRO A 103 -8.81 -1.95 1.20
CA PRO A 103 -9.24 -3.33 1.54
C PRO A 103 -10.71 -3.57 1.16
N PHE A 104 -11.52 -2.49 1.14
CA PHE A 104 -12.97 -2.55 0.92
C PHE A 104 -13.32 -2.08 -0.50
N CYS A 105 -14.43 -2.61 -1.01
CA CYS A 105 -15.05 -2.14 -2.27
C CYS A 105 -15.70 -0.76 -2.02
N GLN A 106 -15.90 0.02 -3.09
CA GLN A 106 -16.50 1.38 -3.02
C GLN A 106 -17.83 1.39 -2.23
N GLU A 107 -18.65 0.34 -2.45
CA GLU A 107 -20.00 0.21 -1.84
C GLU A 107 -19.87 0.02 -0.32
N CYS A 108 -18.97 -0.90 0.06
CA CYS A 108 -18.76 -1.31 1.47
C CYS A 108 -17.84 -0.35 2.24
N ALA A 109 -17.11 0.50 1.49
CA ALA A 109 -16.33 1.60 2.06
C ALA A 109 -17.23 2.84 2.25
N ALA A 110 -18.29 2.92 1.44
CA ALA A 110 -19.36 3.92 1.58
C ALA A 110 -20.32 3.49 2.72
N ALA A 111 -20.34 2.17 3.02
CA ALA A 111 -21.10 1.60 4.15
C ALA A 111 -20.45 1.92 5.51
N LEU A 112 -19.21 2.45 5.47
CA LEU A 112 -18.52 2.97 6.66
C LEU A 112 -19.06 4.39 6.97
N LEU A 1 7.73 -4.63 -12.52
CA LEU A 1 7.21 -5.49 -13.60
C LEU A 1 5.82 -4.98 -14.04
N ALA A 2 5.38 -5.41 -15.23
CA ALA A 2 4.10 -4.98 -15.83
C ALA A 2 3.66 -5.97 -16.91
N GLY A 3 2.36 -6.27 -16.95
CA GLY A 3 1.76 -7.18 -17.94
C GLY A 3 1.27 -6.46 -19.20
N GLY A 4 1.64 -5.18 -19.34
CA GLY A 4 1.31 -4.38 -20.53
C GLY A 4 -0.07 -3.74 -20.47
N LYS A 5 -1.11 -4.58 -20.43
CA LYS A 5 -2.52 -4.16 -20.50
C LYS A 5 -3.38 -5.00 -19.54
N SER A 6 -4.73 -4.85 -19.66
CA SER A 6 -5.74 -5.49 -18.78
C SER A 6 -5.65 -4.89 -17.35
N MET A 7 -6.45 -5.42 -16.39
CA MET A 7 -6.37 -4.99 -14.98
C MET A 7 -5.08 -5.56 -14.34
N ASN A 8 -3.96 -4.88 -14.64
CA ASN A 8 -2.62 -5.36 -14.32
C ASN A 8 -2.33 -5.14 -12.82
N VAL A 9 -2.26 -6.25 -12.06
CA VAL A 9 -1.89 -6.23 -10.64
C VAL A 9 -0.41 -5.80 -10.47
N GLU A 10 0.43 -6.08 -11.49
CA GLU A 10 1.88 -5.80 -11.47
C GLU A 10 2.20 -4.28 -11.42
N SER A 11 1.42 -3.47 -12.16
CA SER A 11 1.54 -2.00 -12.10
C SER A 11 1.16 -1.49 -10.69
N TYR A 12 0.11 -2.12 -10.12
CA TYR A 12 -0.37 -1.83 -8.76
C TYR A 12 0.67 -2.31 -7.72
N GLU A 13 1.38 -3.40 -8.04
CA GLU A 13 2.37 -4.05 -7.16
C GLU A 13 3.49 -3.04 -6.83
N LYS A 14 4.15 -2.57 -7.91
CA LYS A 14 5.33 -1.70 -7.82
C LYS A 14 4.99 -0.30 -7.24
N ILE A 15 3.82 0.27 -7.63
CA ILE A 15 3.42 1.61 -7.18
C ILE A 15 3.13 1.60 -5.66
N LEU A 16 2.52 0.49 -5.18
CA LEU A 16 2.20 0.31 -3.76
C LEU A 16 3.48 0.13 -2.92
N ARG A 17 4.47 -0.60 -3.46
CA ARG A 17 5.77 -0.82 -2.79
C ARG A 17 6.51 0.52 -2.57
N ASP A 18 6.57 1.33 -3.64
CA ASP A 18 7.21 2.67 -3.62
C ASP A 18 6.48 3.61 -2.62
N ARG A 19 5.13 3.54 -2.62
CA ARG A 19 4.25 4.41 -1.81
C ARG A 19 4.31 4.04 -0.30
N GLN A 20 4.38 2.74 0.03
CA GLN A 20 4.49 2.31 1.43
C GLN A 20 5.85 2.73 2.00
N ARG A 21 6.89 2.72 1.15
CA ARG A 21 8.25 3.08 1.55
C ARG A 21 8.44 4.59 1.67
N GLU A 22 7.71 5.39 0.86
CA GLU A 22 7.74 6.87 0.99
C GLU A 22 7.03 7.28 2.29
N LEU A 23 6.00 6.52 2.66
CA LEU A 23 5.31 6.65 3.95
C LEU A 23 6.22 6.21 5.10
N TYR A 24 6.87 5.02 4.95
CA TYR A 24 7.71 4.40 6.00
C TYR A 24 8.85 5.35 6.44
N ARG A 25 9.53 5.95 5.45
CA ARG A 25 10.62 6.94 5.71
C ARG A 25 10.05 8.24 6.32
N ARG A 26 8.85 8.65 5.85
CA ARG A 26 8.15 9.87 6.31
C ARG A 26 7.77 9.80 7.81
N LEU A 27 7.27 8.65 8.28
CA LEU A 27 6.83 8.48 9.69
C LEU A 27 7.95 7.89 10.57
N HIS A 28 8.98 7.30 9.94
CA HIS A 28 10.24 6.89 10.63
C HIS A 28 11.35 7.92 10.32
N LYS A 29 10.94 9.18 10.12
CA LYS A 29 11.82 10.35 9.81
C LYS A 29 12.99 10.56 10.80
N ILE A 30 12.86 9.98 11.99
CA ILE A 30 13.83 10.15 13.10
C ILE A 30 15.01 9.17 12.95
N GLU A 31 14.76 7.98 12.37
CA GLU A 31 15.79 6.97 12.09
C GLU A 31 16.21 7.01 10.61
N ALA A 32 15.25 7.41 9.75
CA ALA A 32 15.43 7.49 8.29
C ALA A 32 15.59 8.97 7.92
N ASP A 33 16.74 9.33 7.34
CA ASP A 33 17.10 10.73 7.01
C ASP A 33 16.08 11.36 6.03
N PHE A 34 15.48 10.49 5.19
CA PHE A 34 14.45 10.90 4.22
C PHE A 34 13.09 11.10 4.94
N GLU A 35 12.92 12.29 5.56
CA GLU A 35 11.60 12.72 6.06
C GLU A 35 10.71 13.05 4.85
N GLU A 36 11.30 13.82 3.93
CA GLU A 36 10.75 14.09 2.61
C GLU A 36 11.19 12.96 1.66
N PRO A 37 10.24 12.28 0.95
CA PRO A 37 10.58 11.30 -0.12
C PRO A 37 11.41 11.96 -1.23
N ARG A 38 12.73 11.69 -1.22
CA ARG A 38 13.67 12.23 -2.20
C ARG A 38 13.64 11.37 -3.49
N ASN A 39 12.48 11.42 -4.14
CA ASN A 39 12.16 10.75 -5.40
C ASN A 39 10.94 11.48 -5.98
N PRO A 40 11.11 12.31 -7.06
CA PRO A 40 10.01 13.13 -7.66
C PRO A 40 9.08 12.32 -8.60
N ASP A 41 9.14 10.99 -8.50
CA ASP A 41 8.41 10.06 -9.36
C ASP A 41 8.25 8.72 -8.63
N ASP A 42 7.36 7.84 -9.13
CA ASP A 42 7.28 6.43 -8.70
C ASP A 42 8.42 5.62 -9.35
N GLU A 43 9.65 6.01 -8.97
CA GLU A 43 10.89 5.44 -9.53
C GLU A 43 11.02 3.95 -9.13
N ASP A 44 10.24 3.56 -8.09
CA ASP A 44 10.12 2.18 -7.60
C ASP A 44 11.44 1.75 -6.96
N ARG A 45 11.69 2.33 -5.79
CA ARG A 45 12.84 1.95 -4.95
C ARG A 45 12.54 0.63 -4.23
N ALA A 46 11.30 0.53 -3.68
CA ALA A 46 10.79 -0.66 -2.95
C ALA A 46 11.83 -1.16 -1.92
N SER A 47 12.07 -0.30 -0.92
CA SER A 47 13.13 -0.48 0.09
C SER A 47 12.99 -1.82 0.85
N GLU A 48 14.05 -2.64 0.80
CA GLU A 48 14.13 -3.88 1.58
C GLU A 48 14.36 -3.54 3.07
N ARG A 49 14.27 -4.56 3.95
CA ARG A 49 14.37 -4.42 5.42
C ARG A 49 13.13 -3.68 5.94
N SER A 50 12.01 -4.43 6.05
CA SER A 50 10.74 -3.91 6.59
C SER A 50 10.86 -3.71 8.11
N ASN A 51 10.35 -2.57 8.60
CA ASN A 51 10.46 -2.18 10.02
C ASN A 51 9.49 -3.00 10.89
N ASP A 52 10.07 -3.82 11.80
CA ASP A 52 9.31 -4.61 12.79
C ASP A 52 8.78 -3.67 13.90
N GLU A 53 9.63 -2.71 14.29
CA GLU A 53 9.30 -1.68 15.29
C GLU A 53 8.35 -0.64 14.67
N VAL A 54 7.12 -0.56 15.23
CA VAL A 54 6.09 0.39 14.76
C VAL A 54 6.49 1.83 15.14
N LEU A 55 6.77 2.05 16.45
CA LEU A 55 7.16 3.36 17.04
C LEU A 55 5.96 4.35 17.06
N ASP A 56 5.79 5.09 18.17
CA ASP A 56 4.60 5.95 18.41
C ASP A 56 4.56 7.20 17.49
N GLU A 57 5.72 7.56 16.91
CA GLU A 57 5.92 8.84 16.17
C GLU A 57 5.35 8.82 14.73
N LEU A 58 4.34 7.97 14.46
CA LEU A 58 3.75 7.84 13.11
C LEU A 58 2.48 8.72 13.02
N GLY A 59 2.23 9.29 11.83
CA GLY A 59 1.00 10.02 11.55
C GLY A 59 -0.15 9.07 11.25
N GLN A 60 -1.40 9.49 11.56
CA GLN A 60 -2.60 8.65 11.39
C GLN A 60 -2.83 8.25 9.92
N VAL A 61 -2.84 9.27 9.03
CA VAL A 61 -2.96 9.08 7.57
C VAL A 61 -1.78 8.23 7.01
N GLY A 62 -0.61 8.39 7.65
CA GLY A 62 0.57 7.59 7.32
C GLY A 62 0.32 6.10 7.53
N GLN A 63 -0.07 5.74 8.78
CA GLN A 63 -0.34 4.34 9.20
C GLN A 63 -1.52 3.74 8.43
N ASP A 64 -2.54 4.58 8.20
CA ASP A 64 -3.81 4.20 7.56
C ASP A 64 -3.55 3.73 6.15
N GLU A 65 -2.85 4.59 5.40
CA GLU A 65 -2.49 4.33 4.01
C GLU A 65 -1.42 3.23 3.94
N LEU A 66 -0.52 3.19 4.95
CA LEU A 66 0.60 2.22 5.03
C LEU A 66 0.09 0.78 5.08
N ARG A 67 -0.82 0.56 6.05
CA ARG A 67 -1.38 -0.76 6.39
C ARG A 67 -2.41 -1.18 5.34
N ALA A 68 -3.08 -0.20 4.73
CA ALA A 68 -4.00 -0.42 3.59
C ALA A 68 -3.22 -0.97 2.37
N ILE A 69 -2.09 -0.30 2.08
CA ILE A 69 -1.14 -0.70 1.03
C ILE A 69 -0.55 -2.07 1.32
N ASP A 70 -0.08 -2.25 2.58
CA ASP A 70 0.68 -3.44 2.99
C ASP A 70 -0.25 -4.69 3.01
N ALA A 71 -1.54 -4.45 3.34
CA ALA A 71 -2.58 -5.50 3.30
C ALA A 71 -2.89 -5.87 1.84
N ALA A 72 -2.96 -4.84 0.96
CA ALA A 72 -3.21 -5.03 -0.49
C ALA A 72 -2.09 -5.86 -1.14
N LEU A 73 -0.84 -5.57 -0.72
CA LEU A 73 0.39 -6.27 -1.18
C LEU A 73 0.43 -7.72 -0.67
N ALA A 74 -0.03 -7.91 0.58
CA ALA A 74 -0.17 -9.23 1.21
C ALA A 74 -1.23 -10.08 0.49
N ARG A 75 -2.25 -9.39 -0.06
CA ARG A 75 -3.32 -9.99 -0.86
C ARG A 75 -2.83 -10.36 -2.27
N ILE A 76 -1.90 -9.56 -2.83
CA ILE A 76 -1.26 -9.88 -4.14
C ILE A 76 -0.45 -11.18 -3.98
N ALA A 77 0.28 -11.27 -2.86
CA ALA A 77 1.04 -12.47 -2.47
C ALA A 77 0.12 -13.68 -2.25
N SER A 78 -1.03 -13.44 -1.62
CA SER A 78 -2.00 -14.48 -1.23
C SER A 78 -2.93 -14.88 -2.40
N GLY A 79 -2.85 -14.15 -3.54
CA GLY A 79 -3.70 -14.42 -4.71
C GLY A 79 -5.16 -14.03 -4.49
N THR A 80 -5.37 -13.06 -3.60
CA THR A 80 -6.70 -12.53 -3.24
C THR A 80 -6.68 -10.97 -3.29
N PHE A 81 -5.79 -10.39 -4.13
CA PHE A 81 -5.86 -8.96 -4.49
C PHE A 81 -7.13 -8.70 -5.30
N GLY A 82 -7.71 -7.52 -5.12
CA GLY A 82 -8.99 -7.18 -5.74
C GLY A 82 -10.13 -7.91 -5.07
N THR A 83 -10.03 -8.13 -3.77
CA THR A 83 -11.11 -8.76 -2.96
C THR A 83 -11.53 -7.81 -1.81
N CYS A 84 -12.82 -7.85 -1.47
CA CYS A 84 -13.41 -7.09 -0.36
C CYS A 84 -13.91 -8.07 0.70
N VAL A 85 -13.14 -8.21 1.79
CA VAL A 85 -13.40 -9.19 2.87
C VAL A 85 -14.70 -8.91 3.65
N LYS A 86 -15.16 -7.63 3.66
CA LYS A 86 -16.36 -7.20 4.41
C LYS A 86 -17.68 -7.66 3.73
N CYS A 87 -17.59 -8.17 2.48
CA CYS A 87 -18.76 -8.81 1.80
C CYS A 87 -18.34 -10.07 1.02
N GLY A 88 -17.02 -10.42 1.10
CA GLY A 88 -16.46 -11.60 0.41
C GLY A 88 -16.62 -11.57 -1.11
N LYS A 89 -16.60 -10.37 -1.71
CA LYS A 89 -16.86 -10.19 -3.16
C LYS A 89 -15.69 -9.45 -3.85
N ARG A 90 -15.69 -9.49 -5.19
CA ARG A 90 -14.66 -8.87 -6.04
C ARG A 90 -14.74 -7.32 -5.98
N ILE A 91 -13.57 -6.65 -5.95
CA ILE A 91 -13.47 -5.18 -6.09
C ILE A 91 -13.69 -4.79 -7.57
N SER A 92 -14.22 -3.58 -7.82
CA SER A 92 -14.36 -3.04 -9.18
C SER A 92 -12.96 -2.68 -9.75
N GLU A 93 -12.77 -2.86 -11.07
CA GLU A 93 -11.53 -2.44 -11.76
C GLU A 93 -11.30 -0.92 -11.58
N ASP A 94 -12.42 -0.17 -11.66
CA ASP A 94 -12.44 1.31 -11.53
C ASP A 94 -12.03 1.74 -10.12
N ARG A 95 -12.39 0.90 -9.13
CA ARG A 95 -12.01 1.11 -7.73
C ARG A 95 -10.51 0.87 -7.53
N LEU A 96 -9.97 -0.17 -8.20
CA LEU A 96 -8.54 -0.56 -8.08
C LEU A 96 -7.61 0.44 -8.79
N LYS A 97 -8.06 0.99 -9.94
CA LYS A 97 -7.26 1.96 -10.72
C LYS A 97 -7.26 3.34 -10.01
N ALA A 98 -8.35 3.63 -9.27
CA ALA A 98 -8.50 4.86 -8.47
C ALA A 98 -7.71 4.76 -7.15
N VAL A 99 -7.75 3.55 -6.54
CA VAL A 99 -7.11 3.26 -5.25
C VAL A 99 -6.87 1.72 -5.14
N PRO A 100 -5.62 1.23 -5.48
CA PRO A 100 -5.29 -0.22 -5.42
C PRO A 100 -5.00 -0.73 -4.00
N TYR A 101 -5.06 0.18 -3.01
CA TYR A 101 -4.78 -0.16 -1.60
C TYR A 101 -6.04 -0.15 -0.73
N THR A 102 -7.22 -0.05 -1.34
CA THR A 102 -8.49 -0.14 -0.60
C THR A 102 -8.76 -1.64 -0.26
N PRO A 103 -8.84 -2.01 1.07
CA PRO A 103 -9.13 -3.40 1.50
C PRO A 103 -10.63 -3.75 1.35
N PHE A 104 -11.46 -2.74 1.00
CA PHE A 104 -12.92 -2.90 0.87
C PHE A 104 -13.38 -2.31 -0.48
N CYS A 105 -14.57 -2.74 -0.94
CA CYS A 105 -15.18 -2.22 -2.18
C CYS A 105 -15.91 -0.92 -1.84
N GLN A 106 -16.28 -0.12 -2.88
CA GLN A 106 -16.86 1.24 -2.70
C GLN A 106 -18.02 1.22 -1.68
N GLU A 107 -18.86 0.17 -1.74
CA GLU A 107 -19.99 -0.04 -0.81
C GLU A 107 -19.52 -0.07 0.66
N CYS A 108 -18.54 -0.96 0.94
CA CYS A 108 -18.06 -1.24 2.30
C CYS A 108 -17.09 -0.14 2.79
N ALA A 109 -16.48 0.58 1.84
CA ALA A 109 -15.53 1.68 2.13
C ALA A 109 -16.30 2.97 2.47
N ALA A 110 -17.48 3.13 1.84
CA ALA A 110 -18.43 4.23 2.13
C ALA A 110 -19.24 3.92 3.41
N ALA A 111 -19.29 2.61 3.77
CA ALA A 111 -19.96 2.14 5.00
C ALA A 111 -19.08 2.34 6.25
N LEU A 112 -17.76 2.56 6.05
CA LEU A 112 -16.80 2.77 7.15
C LEU A 112 -17.15 4.06 7.94
N LEU A 1 1.70 -17.96 -12.05
CA LEU A 1 0.28 -18.26 -12.38
C LEU A 1 -0.57 -17.02 -12.09
N ALA A 2 -1.20 -16.47 -13.14
CA ALA A 2 -2.08 -15.31 -13.03
C ALA A 2 -2.95 -15.19 -14.29
N GLY A 3 -4.21 -15.67 -14.19
CA GLY A 3 -5.19 -15.58 -15.27
C GLY A 3 -5.98 -14.28 -15.21
N GLY A 4 -5.26 -13.16 -15.40
CA GLY A 4 -5.86 -11.81 -15.30
C GLY A 4 -5.29 -10.87 -16.34
N LYS A 5 -6.14 -10.50 -17.33
CA LYS A 5 -5.78 -9.54 -18.40
C LYS A 5 -6.21 -8.11 -18.02
N SER A 6 -7.21 -8.04 -17.13
CA SER A 6 -7.70 -6.80 -16.52
C SER A 6 -7.38 -6.81 -15.01
N MET A 7 -7.63 -5.65 -14.35
CA MET A 7 -7.27 -5.37 -12.93
C MET A 7 -5.81 -5.75 -12.64
N ASN A 8 -4.95 -5.48 -13.66
CA ASN A 8 -3.54 -5.93 -13.75
C ASN A 8 -2.77 -5.63 -12.47
N VAL A 9 -2.62 -6.68 -11.65
CA VAL A 9 -2.04 -6.61 -10.32
C VAL A 9 -0.62 -6.01 -10.32
N GLU A 10 0.10 -6.18 -11.45
CA GLU A 10 1.53 -5.78 -11.60
C GLU A 10 1.70 -4.26 -11.45
N SER A 11 0.77 -3.52 -12.10
CA SER A 11 0.69 -2.06 -12.02
C SER A 11 0.45 -1.63 -10.56
N TYR A 12 -0.49 -2.33 -9.91
CA TYR A 12 -0.90 -2.05 -8.53
C TYR A 12 0.18 -2.50 -7.52
N GLU A 13 0.95 -3.53 -7.88
CA GLU A 13 1.96 -4.17 -7.04
C GLU A 13 3.08 -3.17 -6.76
N LYS A 14 3.62 -2.61 -7.87
CA LYS A 14 4.72 -1.65 -7.79
C LYS A 14 4.27 -0.32 -7.13
N ILE A 15 3.06 0.20 -7.50
CA ILE A 15 2.58 1.53 -7.02
C ILE A 15 2.26 1.50 -5.52
N LEU A 16 1.85 0.30 -5.04
CA LEU A 16 1.65 0.04 -3.60
C LEU A 16 3.00 0.14 -2.88
N ARG A 17 4.05 -0.49 -3.45
CA ARG A 17 5.40 -0.46 -2.87
C ARG A 17 5.98 0.97 -2.89
N ASP A 18 5.71 1.74 -3.97
CA ASP A 18 6.15 3.15 -4.10
C ASP A 18 5.59 3.98 -2.94
N ARG A 19 4.26 3.86 -2.75
CA ARG A 19 3.52 4.57 -1.69
C ARG A 19 3.97 4.10 -0.30
N GLN A 20 4.19 2.79 -0.13
CA GLN A 20 4.61 2.19 1.15
C GLN A 20 6.01 2.66 1.56
N ARG A 21 6.95 2.68 0.62
CA ARG A 21 8.36 2.96 0.91
C ARG A 21 8.59 4.45 1.14
N GLU A 22 7.86 5.32 0.40
CA GLU A 22 7.92 6.78 0.60
C GLU A 22 7.28 7.15 1.95
N LEU A 23 6.18 6.46 2.32
CA LEU A 23 5.53 6.64 3.63
C LEU A 23 6.43 6.13 4.75
N TYR A 24 7.10 4.99 4.51
CA TYR A 24 7.93 4.29 5.50
C TYR A 24 9.00 5.25 6.06
N ARG A 25 9.82 5.79 5.15
CA ARG A 25 10.87 6.78 5.49
C ARG A 25 10.26 8.12 6.02
N ARG A 26 9.07 8.50 5.47
CA ARG A 26 8.36 9.76 5.83
C ARG A 26 7.90 9.77 7.31
N LEU A 27 7.39 8.62 7.80
CA LEU A 27 6.92 8.49 9.19
C LEU A 27 8.07 8.04 10.10
N HIS A 28 9.09 7.38 9.49
CA HIS A 28 10.38 7.10 10.16
C HIS A 28 11.35 8.31 9.99
N LYS A 29 10.77 9.52 9.95
CA LYS A 29 11.49 10.81 9.91
C LYS A 29 12.43 10.99 11.12
N ILE A 30 12.05 10.39 12.26
CA ILE A 30 12.88 10.34 13.47
C ILE A 30 14.18 9.52 13.24
N GLU A 31 14.06 8.46 12.41
CA GLU A 31 15.19 7.59 12.02
C GLU A 31 15.94 8.18 10.83
N ALA A 32 15.22 8.99 10.04
CA ALA A 32 15.79 9.71 8.89
C ALA A 32 16.55 10.95 9.38
N ASP A 33 17.88 10.81 9.45
CA ASP A 33 18.80 11.92 9.81
C ASP A 33 18.65 13.09 8.83
N PHE A 34 18.60 12.71 7.54
CA PHE A 34 18.55 13.65 6.43
C PHE A 34 17.11 14.13 6.19
N GLU A 35 16.98 15.30 5.54
CA GLU A 35 15.67 15.83 5.06
C GLU A 35 15.19 15.06 3.80
N GLU A 36 16.00 14.05 3.38
CA GLU A 36 15.64 13.02 2.40
C GLU A 36 15.74 13.52 0.94
N PRO A 37 15.98 12.59 -0.06
CA PRO A 37 15.96 12.93 -1.50
C PRO A 37 14.61 13.55 -1.94
N ARG A 38 14.67 14.77 -2.50
CA ARG A 38 13.50 15.42 -3.15
C ARG A 38 13.28 14.80 -4.54
N ASN A 39 14.38 14.33 -5.16
CA ASN A 39 14.35 13.54 -6.40
C ASN A 39 13.92 12.09 -6.06
N PRO A 40 13.20 11.37 -7.00
CA PRO A 40 12.79 9.96 -6.77
C PRO A 40 14.03 9.04 -6.60
N ASP A 41 14.36 8.73 -5.32
CA ASP A 41 15.59 8.03 -4.96
C ASP A 41 15.46 7.36 -3.58
N ASP A 42 15.13 6.05 -3.63
CA ASP A 42 15.26 5.09 -2.50
C ASP A 42 14.90 3.70 -3.04
N GLU A 43 13.66 3.59 -3.58
CA GLU A 43 13.08 2.40 -4.25
C GLU A 43 13.51 1.05 -3.59
N ASP A 44 13.02 0.79 -2.36
CA ASP A 44 13.25 -0.50 -1.70
C ASP A 44 12.15 -1.49 -2.11
N ARG A 45 12.55 -2.68 -2.59
CA ARG A 45 11.63 -3.78 -2.91
C ARG A 45 12.12 -5.08 -2.26
N ALA A 46 12.89 -4.93 -1.16
CA ALA A 46 13.62 -6.03 -0.50
C ALA A 46 13.04 -6.35 0.89
N SER A 47 13.09 -5.37 1.81
CA SER A 47 12.80 -5.59 3.23
C SER A 47 11.28 -5.71 3.50
N GLU A 48 10.80 -6.96 3.67
CA GLU A 48 9.41 -7.22 4.10
C GLU A 48 9.35 -7.21 5.64
N ARG A 49 8.90 -6.08 6.22
CA ARG A 49 8.80 -5.88 7.69
C ARG A 49 7.36 -5.52 8.08
N SER A 50 6.94 -5.98 9.28
CA SER A 50 5.61 -5.72 9.84
C SER A 50 5.62 -4.38 10.59
N ASN A 51 4.86 -3.40 10.08
CA ASN A 51 4.84 -2.01 10.59
C ASN A 51 3.83 -1.84 11.75
N ASP A 52 4.34 -1.84 12.98
CA ASP A 52 3.51 -1.78 14.22
C ASP A 52 4.20 -0.96 15.32
N GLU A 53 5.23 -0.16 14.95
CA GLU A 53 6.04 0.62 15.91
C GLU A 53 5.13 1.57 16.72
N VAL A 54 5.12 1.38 18.06
CA VAL A 54 4.15 2.04 18.98
C VAL A 54 4.47 3.56 19.15
N LEU A 55 5.65 3.99 18.68
CA LEU A 55 6.08 5.41 18.69
C LEU A 55 5.03 6.32 18.00
N ASP A 56 4.55 7.34 18.75
CA ASP A 56 3.50 8.27 18.29
C ASP A 56 4.03 9.24 17.21
N GLU A 57 5.37 9.35 17.11
CA GLU A 57 6.04 10.23 16.12
C GLU A 57 6.10 9.60 14.71
N LEU A 58 5.33 8.53 14.50
CA LEU A 58 4.98 8.08 13.14
C LEU A 58 3.68 8.80 12.75
N GLY A 59 3.64 9.37 11.53
CA GLY A 59 2.45 10.05 11.01
C GLY A 59 1.28 9.08 10.84
N GLN A 60 0.09 9.43 11.38
CA GLN A 60 -1.10 8.57 11.37
C GLN A 60 -1.62 8.29 9.94
N VAL A 61 -1.60 9.34 9.09
CA VAL A 61 -1.91 9.23 7.63
C VAL A 61 -0.97 8.21 6.99
N GLY A 62 0.30 8.26 7.43
CA GLY A 62 1.33 7.33 6.98
C GLY A 62 1.01 5.90 7.37
N GLN A 63 0.84 5.66 8.69
CA GLN A 63 0.60 4.32 9.28
C GLN A 63 -0.66 3.63 8.71
N ASP A 64 -1.71 4.43 8.57
CA ASP A 64 -3.05 3.93 8.17
C ASP A 64 -3.04 3.50 6.70
N GLU A 65 -2.53 4.41 5.85
CA GLU A 65 -2.39 4.16 4.42
C GLU A 65 -1.42 2.99 4.20
N LEU A 66 -0.36 2.95 5.04
CA LEU A 66 0.69 1.90 5.04
C LEU A 66 0.05 0.53 5.25
N ARG A 67 -0.81 0.43 6.28
CA ARG A 67 -1.45 -0.82 6.69
C ARG A 67 -2.43 -1.32 5.62
N ALA A 68 -3.08 -0.36 4.92
CA ALA A 68 -4.00 -0.64 3.80
C ALA A 68 -3.20 -1.16 2.57
N ILE A 69 -1.98 -0.63 2.40
CA ILE A 69 -1.04 -1.05 1.34
C ILE A 69 -0.54 -2.48 1.61
N ASP A 70 0.01 -2.69 2.82
CA ASP A 70 0.52 -4.01 3.29
C ASP A 70 -0.57 -5.08 3.31
N ALA A 71 -1.83 -4.66 3.57
CA ALA A 71 -3.01 -5.53 3.50
C ALA A 71 -3.22 -6.00 2.05
N ALA A 72 -3.15 -5.03 1.12
CA ALA A 72 -3.32 -5.27 -0.32
C ALA A 72 -2.15 -6.08 -0.92
N LEU A 73 -0.92 -5.84 -0.42
CA LEU A 73 0.30 -6.57 -0.84
C LEU A 73 0.27 -8.01 -0.30
N ALA A 74 -0.33 -8.17 0.90
CA ALA A 74 -0.58 -9.48 1.51
C ALA A 74 -1.57 -10.28 0.65
N ARG A 75 -2.56 -9.56 0.07
CA ARG A 75 -3.53 -10.16 -0.86
C ARG A 75 -2.85 -10.61 -2.16
N ILE A 76 -1.84 -9.85 -2.63
CA ILE A 76 -1.08 -10.19 -3.87
C ILE A 76 -0.24 -11.46 -3.65
N ALA A 77 0.42 -11.51 -2.47
CA ALA A 77 1.25 -12.67 -2.05
C ALA A 77 0.37 -13.92 -1.80
N SER A 78 -0.90 -13.68 -1.43
CA SER A 78 -1.90 -14.74 -1.23
C SER A 78 -2.64 -15.07 -2.55
N GLY A 79 -2.52 -14.17 -3.55
CA GLY A 79 -3.19 -14.33 -4.87
C GLY A 79 -4.66 -13.89 -4.88
N THR A 80 -5.12 -13.31 -3.76
CA THR A 80 -6.52 -12.87 -3.57
C THR A 80 -6.61 -11.31 -3.55
N PHE A 81 -5.69 -10.65 -4.29
CA PHE A 81 -5.76 -9.19 -4.53
C PHE A 81 -7.01 -8.81 -5.34
N GLY A 82 -7.54 -7.61 -5.06
CA GLY A 82 -8.77 -7.14 -5.67
C GLY A 82 -9.97 -7.90 -5.13
N THR A 83 -9.98 -8.12 -3.80
CA THR A 83 -11.05 -8.82 -3.08
C THR A 83 -11.52 -7.99 -1.88
N CYS A 84 -12.82 -7.66 -1.84
CA CYS A 84 -13.46 -7.05 -0.67
C CYS A 84 -13.68 -8.14 0.39
N VAL A 85 -12.77 -8.18 1.39
CA VAL A 85 -12.83 -9.13 2.53
C VAL A 85 -14.13 -8.93 3.36
N LYS A 86 -14.64 -7.69 3.35
CA LYS A 86 -15.83 -7.26 4.10
C LYS A 86 -17.15 -7.74 3.42
N CYS A 87 -17.01 -8.32 2.21
CA CYS A 87 -18.15 -8.88 1.42
C CYS A 87 -17.92 -10.37 1.06
N GLY A 88 -16.66 -10.74 0.81
CA GLY A 88 -16.33 -11.97 0.06
C GLY A 88 -16.29 -11.73 -1.46
N LYS A 89 -16.42 -10.44 -1.85
CA LYS A 89 -16.53 -9.99 -3.27
C LYS A 89 -15.17 -9.57 -3.82
N ARG A 90 -15.22 -9.01 -5.04
CA ARG A 90 -14.07 -8.34 -5.67
C ARG A 90 -14.09 -6.84 -5.34
N ILE A 91 -12.93 -6.20 -5.56
CA ILE A 91 -12.82 -4.74 -5.66
C ILE A 91 -12.95 -4.38 -7.15
N SER A 92 -13.62 -3.25 -7.45
CA SER A 92 -13.75 -2.75 -8.84
C SER A 92 -12.37 -2.27 -9.33
N GLU A 93 -12.07 -2.48 -10.62
CA GLU A 93 -10.84 -1.97 -11.25
C GLU A 93 -10.81 -0.42 -11.17
N ASP A 94 -12.00 0.19 -11.32
CA ASP A 94 -12.20 1.65 -11.17
C ASP A 94 -11.78 2.12 -9.78
N ARG A 95 -12.13 1.30 -8.77
CA ARG A 95 -11.78 1.53 -7.37
C ARG A 95 -10.27 1.30 -7.15
N LEU A 96 -9.70 0.27 -7.82
CA LEU A 96 -8.27 -0.14 -7.67
C LEU A 96 -7.31 0.91 -8.30
N LYS A 97 -7.73 1.52 -9.40
CA LYS A 97 -6.93 2.55 -10.09
C LYS A 97 -7.06 3.90 -9.35
N ALA A 98 -8.21 4.08 -8.68
CA ALA A 98 -8.49 5.24 -7.82
C ALA A 98 -7.80 5.10 -6.44
N VAL A 99 -7.60 3.84 -6.02
CA VAL A 99 -6.98 3.47 -4.72
C VAL A 99 -6.71 1.94 -4.70
N PRO A 100 -5.45 1.49 -4.96
CA PRO A 100 -5.09 0.04 -4.89
C PRO A 100 -4.94 -0.46 -3.44
N TYR A 101 -4.88 0.49 -2.48
CA TYR A 101 -4.74 0.22 -1.05
C TYR A 101 -6.09 0.35 -0.36
N THR A 102 -7.07 -0.44 -0.84
CA THR A 102 -8.39 -0.53 -0.21
C THR A 102 -8.79 -2.02 -0.03
N PRO A 103 -8.98 -2.48 1.25
CA PRO A 103 -9.54 -3.83 1.53
C PRO A 103 -11.08 -3.87 1.35
N PHE A 104 -11.68 -2.70 1.06
CA PHE A 104 -13.14 -2.51 0.98
C PHE A 104 -13.55 -2.13 -0.45
N CYS A 105 -14.66 -2.71 -0.92
CA CYS A 105 -15.26 -2.35 -2.22
C CYS A 105 -15.93 -0.97 -2.12
N GLN A 106 -16.33 -0.39 -3.27
CA GLN A 106 -17.00 0.94 -3.33
C GLN A 106 -18.24 1.01 -2.41
N GLU A 107 -18.97 -0.13 -2.33
CA GLU A 107 -20.15 -0.30 -1.45
C GLU A 107 -19.78 0.01 0.03
N CYS A 108 -18.71 -0.68 0.49
CA CYS A 108 -18.22 -0.59 1.88
C CYS A 108 -17.56 0.76 2.15
N ALA A 109 -16.81 1.29 1.16
CA ALA A 109 -16.16 2.61 1.26
C ALA A 109 -17.21 3.74 1.33
N ALA A 110 -18.45 3.45 0.88
CA ALA A 110 -19.60 4.36 1.02
C ALA A 110 -20.30 4.17 2.39
N ALA A 111 -20.24 2.93 2.92
CA ALA A 111 -20.93 2.56 4.19
C ALA A 111 -19.97 1.76 5.11
N LEU A 112 -19.11 2.47 5.84
CA LEU A 112 -18.25 1.90 6.90
C LEU A 112 -18.96 2.06 8.27
N LEU A 1 2.61 -3.14 -18.83
CA LEU A 1 1.55 -2.51 -19.63
C LEU A 1 0.23 -2.48 -18.83
N ALA A 2 -0.48 -1.35 -18.88
CA ALA A 2 -1.77 -1.15 -18.18
C ALA A 2 -2.64 -0.16 -18.97
N GLY A 3 -3.97 -0.36 -18.88
CA GLY A 3 -4.93 0.49 -19.59
C GLY A 3 -6.36 0.15 -19.22
N GLY A 4 -7.28 0.32 -20.19
CA GLY A 4 -8.71 0.06 -19.99
C GLY A 4 -9.05 -1.42 -19.90
N LYS A 5 -8.21 -2.26 -20.52
CA LYS A 5 -8.37 -3.73 -20.52
C LYS A 5 -7.47 -4.34 -19.44
N SER A 6 -6.14 -4.26 -19.67
CA SER A 6 -5.13 -4.82 -18.77
C SER A 6 -5.04 -3.99 -17.48
N MET A 7 -5.71 -4.49 -16.42
CA MET A 7 -5.60 -3.91 -15.07
C MET A 7 -4.14 -4.07 -14.57
N ASN A 8 -3.56 -5.25 -14.90
CA ASN A 8 -2.20 -5.68 -14.54
C ASN A 8 -1.95 -5.56 -13.01
N VAL A 9 -2.02 -6.70 -12.30
CA VAL A 9 -1.79 -6.75 -10.84
C VAL A 9 -0.35 -6.30 -10.51
N GLU A 10 0.57 -6.48 -11.48
CA GLU A 10 1.97 -6.03 -11.41
C GLU A 10 2.05 -4.49 -11.30
N SER A 11 1.19 -3.77 -12.07
CA SER A 11 1.10 -2.29 -11.99
C SER A 11 0.71 -1.85 -10.57
N TYR A 12 -0.28 -2.57 -10.00
CA TYR A 12 -0.79 -2.31 -8.66
C TYR A 12 0.24 -2.72 -7.59
N GLU A 13 1.02 -3.77 -7.88
CA GLU A 13 2.04 -4.31 -6.99
C GLU A 13 3.12 -3.24 -6.74
N LYS A 14 3.72 -2.74 -7.85
CA LYS A 14 4.85 -1.80 -7.80
C LYS A 14 4.44 -0.42 -7.23
N ILE A 15 3.23 0.08 -7.58
CA ILE A 15 2.76 1.39 -7.09
C ILE A 15 2.60 1.37 -5.55
N LEU A 16 2.20 0.20 -5.03
CA LEU A 16 2.09 -0.03 -3.57
C LEU A 16 3.48 -0.10 -2.90
N ARG A 17 4.48 -0.64 -3.62
CA ARG A 17 5.88 -0.70 -3.13
C ARG A 17 6.44 0.73 -2.95
N ASP A 18 6.21 1.57 -3.98
CA ASP A 18 6.58 3.00 -3.98
C ASP A 18 5.88 3.75 -2.85
N ARG A 19 4.55 3.56 -2.78
CA ARG A 19 3.67 4.27 -1.84
C ARG A 19 3.98 3.90 -0.38
N GLN A 20 4.31 2.63 -0.11
CA GLN A 20 4.56 2.16 1.26
C GLN A 20 5.89 2.74 1.79
N ARG A 21 6.93 2.78 0.91
CA ARG A 21 8.29 3.21 1.29
C ARG A 21 8.43 4.73 1.37
N GLU A 22 7.64 5.47 0.54
CA GLU A 22 7.58 6.95 0.64
C GLU A 22 6.88 7.35 1.95
N LEU A 23 5.94 6.49 2.41
CA LEU A 23 5.34 6.62 3.76
C LEU A 23 6.38 6.35 4.83
N TYR A 24 7.09 5.20 4.71
CA TYR A 24 8.10 4.74 5.69
C TYR A 24 9.11 5.86 6.03
N ARG A 25 9.73 6.47 5.00
CA ARG A 25 10.67 7.61 5.19
C ARG A 25 9.96 8.84 5.80
N ARG A 26 8.71 9.09 5.35
CA ARG A 26 7.89 10.24 5.79
C ARG A 26 7.54 10.18 7.28
N LEU A 27 7.33 8.96 7.81
CA LEU A 27 6.89 8.77 9.21
C LEU A 27 8.03 8.32 10.14
N HIS A 28 9.15 7.83 9.55
CA HIS A 28 10.42 7.62 10.29
C HIS A 28 11.27 8.93 10.26
N LYS A 29 10.60 10.07 9.95
CA LYS A 29 11.17 11.44 9.94
C LYS A 29 12.01 11.80 11.19
N ILE A 30 11.61 11.25 12.35
CA ILE A 30 12.25 11.52 13.66
C ILE A 30 13.69 10.96 13.76
N GLU A 31 13.98 9.90 12.98
CA GLU A 31 15.29 9.22 12.96
C GLU A 31 15.95 9.35 11.57
N ALA A 32 15.15 9.69 10.55
CA ALA A 32 15.57 9.75 9.14
C ALA A 32 15.33 11.15 8.57
N ASP A 33 16.38 11.78 8.04
CA ASP A 33 16.31 13.12 7.40
C ASP A 33 16.01 13.00 5.90
N PHE A 34 15.61 11.79 5.47
CA PHE A 34 15.41 11.42 4.07
C PHE A 34 13.93 11.55 3.70
N GLU A 35 13.59 12.66 3.04
CA GLU A 35 12.23 12.91 2.50
C GLU A 35 12.23 12.75 0.98
N GLU A 36 13.27 13.31 0.32
CA GLU A 36 13.46 13.27 -1.15
C GLU A 36 12.34 14.06 -1.91
N PRO A 37 12.48 14.34 -3.26
CA PRO A 37 11.39 14.96 -4.10
C PRO A 37 10.05 14.16 -4.14
N ARG A 38 9.18 14.51 -5.12
CA ARG A 38 7.92 13.77 -5.38
C ARG A 38 8.20 12.35 -5.85
N ASN A 39 9.26 12.22 -6.68
CA ASN A 39 9.85 10.93 -7.05
C ASN A 39 10.75 10.44 -5.89
N PRO A 40 10.92 9.08 -5.69
CA PRO A 40 11.70 8.54 -4.55
C PRO A 40 13.18 8.94 -4.59
N ASP A 41 13.68 9.28 -5.80
CA ASP A 41 15.05 9.81 -6.07
C ASP A 41 16.13 8.72 -6.05
N ASP A 42 16.15 7.92 -4.97
CA ASP A 42 17.09 6.79 -4.80
C ASP A 42 17.04 5.85 -6.01
N GLU A 43 18.19 5.72 -6.71
CA GLU A 43 18.31 4.95 -7.97
C GLU A 43 17.90 3.49 -7.75
N ASP A 44 18.59 2.82 -6.82
CA ASP A 44 18.16 1.53 -6.27
C ASP A 44 17.18 1.84 -5.12
N ARG A 45 16.14 0.99 -4.96
CA ARG A 45 15.07 1.22 -3.98
C ARG A 45 15.60 1.11 -2.53
N ALA A 46 16.11 2.25 -2.03
CA ALA A 46 16.76 2.37 -0.72
C ALA A 46 15.73 2.33 0.40
N SER A 47 15.89 1.37 1.33
CA SER A 47 15.04 1.23 2.51
C SER A 47 15.91 0.78 3.69
N GLU A 48 16.35 -0.51 3.66
CA GLU A 48 17.02 -1.20 4.80
C GLU A 48 16.16 -1.11 6.09
N ARG A 49 16.75 -1.48 7.25
CA ARG A 49 16.11 -1.32 8.59
C ARG A 49 14.79 -2.14 8.70
N SER A 50 14.02 -1.90 9.77
CA SER A 50 12.68 -2.49 9.97
C SER A 50 12.02 -1.83 11.18
N ASN A 51 12.78 -1.84 12.32
CA ASN A 51 12.39 -1.24 13.61
C ASN A 51 11.19 -1.98 14.23
N ASP A 52 11.47 -2.74 15.31
CA ASP A 52 10.45 -3.51 16.04
C ASP A 52 9.49 -2.57 16.79
N GLU A 53 10.04 -1.44 17.30
CA GLU A 53 9.26 -0.45 18.05
C GLU A 53 8.16 0.17 17.16
N VAL A 54 6.90 0.08 17.63
CA VAL A 54 5.73 0.58 16.90
C VAL A 54 5.79 2.11 16.81
N LEU A 55 6.09 2.75 17.97
CA LEU A 55 6.30 4.21 18.11
C LEU A 55 4.99 5.02 17.85
N ASP A 56 4.53 5.73 18.89
CA ASP A 56 3.26 6.49 18.86
C ASP A 56 3.34 7.75 17.98
N GLU A 57 4.59 8.18 17.63
CA GLU A 57 4.79 9.36 16.76
C GLU A 57 4.38 9.04 15.30
N LEU A 58 5.34 8.44 14.55
CA LEU A 58 5.26 8.17 13.09
C LEU A 58 4.42 9.19 12.29
N GLY A 59 3.10 8.92 12.18
CA GLY A 59 2.18 9.67 11.33
C GLY A 59 0.95 8.84 11.02
N GLN A 60 -0.17 9.14 11.73
CA GLN A 60 -1.39 8.31 11.75
C GLN A 60 -1.87 7.88 10.34
N VAL A 61 -2.04 8.88 9.45
CA VAL A 61 -2.51 8.65 8.07
C VAL A 61 -1.57 7.69 7.34
N GLY A 62 -0.24 7.91 7.50
CA GLY A 62 0.78 7.07 6.87
C GLY A 62 0.82 5.65 7.42
N GLN A 63 0.52 5.48 8.72
CA GLN A 63 0.53 4.16 9.41
C GLN A 63 -0.67 3.31 8.95
N ASP A 64 -1.85 3.96 8.87
CA ASP A 64 -3.13 3.31 8.44
C ASP A 64 -3.06 3.00 6.94
N GLU A 65 -2.40 3.89 6.19
CA GLU A 65 -2.21 3.78 4.74
C GLU A 65 -1.31 2.56 4.45
N LEU A 66 -0.19 2.50 5.20
CA LEU A 66 0.76 1.36 5.18
C LEU A 66 0.03 0.03 5.39
N ARG A 67 -0.85 0.01 6.39
CA ARG A 67 -1.59 -1.19 6.79
C ARG A 67 -2.53 -1.66 5.65
N ALA A 68 -3.11 -0.69 4.92
CA ALA A 68 -4.00 -0.94 3.77
C ALA A 68 -3.19 -1.39 2.52
N ILE A 69 -1.96 -0.83 2.38
CA ILE A 69 -1.06 -1.13 1.26
C ILE A 69 -0.54 -2.57 1.37
N ASP A 70 0.07 -2.87 2.51
CA ASP A 70 0.63 -4.19 2.84
C ASP A 70 -0.48 -5.27 2.97
N ALA A 71 -1.72 -4.84 3.23
CA ALA A 71 -2.91 -5.73 3.17
C ALA A 71 -3.10 -6.23 1.73
N ALA A 72 -3.09 -5.27 0.79
CA ALA A 72 -3.27 -5.52 -0.64
C ALA A 72 -2.07 -6.32 -1.21
N LEU A 73 -0.85 -5.97 -0.78
CA LEU A 73 0.42 -6.64 -1.20
C LEU A 73 0.46 -8.11 -0.74
N ALA A 74 -0.01 -8.35 0.50
CA ALA A 74 -0.17 -9.71 1.07
C ALA A 74 -1.12 -10.54 0.21
N ARG A 75 -2.20 -9.88 -0.26
CA ARG A 75 -3.23 -10.50 -1.09
C ARG A 75 -2.79 -10.70 -2.55
N ILE A 76 -1.79 -9.93 -3.02
CA ILE A 76 -1.20 -10.15 -4.36
C ILE A 76 -0.36 -11.44 -4.34
N ALA A 77 0.44 -11.58 -3.27
CA ALA A 77 1.27 -12.77 -3.02
C ALA A 77 0.40 -14.01 -2.76
N SER A 78 -0.77 -13.78 -2.13
CA SER A 78 -1.75 -14.84 -1.79
C SER A 78 -2.66 -15.16 -2.99
N GLY A 79 -2.74 -14.23 -3.97
CA GLY A 79 -3.56 -14.41 -5.17
C GLY A 79 -5.02 -14.01 -4.99
N THR A 80 -5.35 -13.36 -3.84
CA THR A 80 -6.71 -12.90 -3.52
C THR A 80 -6.76 -11.34 -3.48
N PHE A 81 -5.91 -10.69 -4.32
CA PHE A 81 -5.97 -9.22 -4.52
C PHE A 81 -7.27 -8.84 -5.27
N GLY A 82 -7.79 -7.64 -4.95
CA GLY A 82 -9.04 -7.16 -5.53
C GLY A 82 -10.24 -7.86 -4.93
N THR A 83 -10.24 -7.99 -3.60
CA THR A 83 -11.33 -8.63 -2.84
C THR A 83 -11.88 -7.66 -1.78
N CYS A 84 -13.21 -7.39 -1.85
CA CYS A 84 -13.94 -6.65 -0.81
C CYS A 84 -14.03 -7.55 0.42
N VAL A 85 -13.01 -7.44 1.31
CA VAL A 85 -12.80 -8.38 2.44
C VAL A 85 -13.95 -8.34 3.46
N LYS A 86 -14.58 -7.15 3.57
CA LYS A 86 -15.71 -6.90 4.48
C LYS A 86 -16.99 -7.66 4.02
N CYS A 87 -16.99 -8.03 2.72
CA CYS A 87 -18.14 -8.64 2.06
C CYS A 87 -17.80 -10.06 1.52
N GLY A 88 -16.49 -10.38 1.43
CA GLY A 88 -16.00 -11.57 0.71
C GLY A 88 -16.26 -11.50 -0.80
N LYS A 89 -16.45 -10.28 -1.32
CA LYS A 89 -16.82 -10.01 -2.74
C LYS A 89 -15.62 -9.51 -3.54
N ARG A 90 -15.87 -9.04 -4.78
CA ARG A 90 -14.86 -8.49 -5.69
C ARG A 90 -14.75 -6.96 -5.51
N ILE A 91 -13.57 -6.41 -5.86
CA ILE A 91 -13.35 -4.93 -6.00
C ILE A 91 -13.46 -4.55 -7.49
N SER A 92 -13.93 -3.32 -7.76
CA SER A 92 -14.00 -2.74 -9.11
C SER A 92 -12.59 -2.36 -9.58
N GLU A 93 -12.30 -2.50 -10.89
CA GLU A 93 -11.02 -2.05 -11.47
C GLU A 93 -10.86 -0.52 -11.31
N ASP A 94 -12.02 0.18 -11.33
CA ASP A 94 -12.11 1.65 -11.09
C ASP A 94 -11.63 2.01 -9.68
N ARG A 95 -12.03 1.19 -8.71
CA ARG A 95 -11.62 1.35 -7.31
C ARG A 95 -10.12 1.03 -7.17
N LEU A 96 -9.65 -0.02 -7.88
CA LEU A 96 -8.25 -0.48 -7.80
C LEU A 96 -7.26 0.49 -8.48
N LYS A 97 -7.72 1.18 -9.54
CA LYS A 97 -6.87 2.13 -10.29
C LYS A 97 -6.78 3.46 -9.51
N ALA A 98 -7.87 3.81 -8.79
CA ALA A 98 -7.94 5.00 -7.92
C ALA A 98 -7.16 4.79 -6.62
N VAL A 99 -7.29 3.58 -6.07
CA VAL A 99 -6.71 3.16 -4.80
C VAL A 99 -6.49 1.62 -4.83
N PRO A 100 -5.25 1.11 -5.13
CA PRO A 100 -4.95 -0.35 -5.04
C PRO A 100 -4.93 -0.85 -3.58
N TYR A 101 -4.68 0.09 -2.65
CA TYR A 101 -4.59 -0.18 -1.20
C TYR A 101 -5.98 -0.02 -0.56
N THR A 102 -6.93 -0.83 -1.05
CA THR A 102 -8.32 -0.74 -0.63
C THR A 102 -8.82 -2.13 -0.09
N PRO A 103 -8.95 -2.29 1.28
CA PRO A 103 -9.52 -3.50 1.88
C PRO A 103 -11.03 -3.65 1.57
N PHE A 104 -11.74 -2.51 1.52
CA PHE A 104 -13.19 -2.46 1.27
C PHE A 104 -13.42 -2.09 -0.20
N CYS A 105 -14.67 -2.11 -0.64
CA CYS A 105 -15.06 -1.69 -2.00
C CYS A 105 -15.58 -0.25 -1.97
N GLN A 106 -15.96 0.31 -3.14
CA GLN A 106 -16.46 1.70 -3.26
C GLN A 106 -17.66 1.97 -2.31
N GLU A 107 -18.70 1.14 -2.46
CA GLU A 107 -19.96 1.27 -1.71
C GLU A 107 -19.78 0.94 -0.22
N CYS A 108 -18.98 -0.09 0.09
CA CYS A 108 -18.79 -0.57 1.49
C CYS A 108 -17.82 0.32 2.29
N ALA A 109 -16.95 1.08 1.57
CA ALA A 109 -16.09 2.11 2.17
C ALA A 109 -16.93 3.36 2.49
N ALA A 110 -17.95 3.60 1.63
CA ALA A 110 -18.95 4.65 1.84
C ALA A 110 -19.95 4.22 2.96
N ALA A 111 -20.07 2.89 3.17
CA ALA A 111 -21.01 2.29 4.13
C ALA A 111 -20.30 1.85 5.44
N LEU A 112 -19.10 2.40 5.71
CA LEU A 112 -18.37 2.16 6.97
C LEU A 112 -19.11 2.81 8.17
N LEU A 1 6.40 -8.21 -15.97
CA LEU A 1 5.47 -8.36 -17.12
C LEU A 1 4.29 -9.27 -16.71
N ALA A 2 3.21 -8.65 -16.19
CA ALA A 2 1.96 -9.36 -15.82
C ALA A 2 0.77 -8.39 -15.88
N GLY A 3 -0.19 -8.67 -16.78
CA GLY A 3 -1.40 -7.86 -16.95
C GLY A 3 -1.74 -7.68 -18.42
N GLY A 4 -1.90 -6.41 -18.84
CA GLY A 4 -2.19 -6.07 -20.23
C GLY A 4 -3.64 -6.37 -20.61
N LYS A 5 -3.90 -7.66 -20.92
CA LYS A 5 -5.25 -8.17 -21.23
C LYS A 5 -5.90 -8.80 -19.99
N SER A 6 -5.09 -9.03 -18.95
CA SER A 6 -5.58 -9.44 -17.62
C SER A 6 -5.51 -8.23 -16.66
N MET A 7 -6.13 -8.37 -15.46
CA MET A 7 -6.12 -7.33 -14.43
C MET A 7 -4.67 -7.08 -13.96
N ASN A 8 -4.21 -5.83 -14.11
CA ASN A 8 -2.82 -5.42 -13.83
C ASN A 8 -2.56 -5.30 -12.31
N VAL A 9 -2.49 -6.47 -11.65
CA VAL A 9 -2.19 -6.56 -10.21
C VAL A 9 -0.70 -6.22 -9.97
N GLU A 10 0.14 -6.49 -10.99
CA GLU A 10 1.60 -6.20 -10.96
C GLU A 10 1.85 -4.68 -10.98
N SER A 11 1.04 -3.96 -11.76
CA SER A 11 1.10 -2.49 -11.82
C SER A 11 0.72 -1.91 -10.44
N TYR A 12 -0.25 -2.57 -9.78
CA TYR A 12 -0.69 -2.22 -8.42
C TYR A 12 0.39 -2.61 -7.39
N GLU A 13 1.11 -3.71 -7.65
CA GLU A 13 2.21 -4.22 -6.78
C GLU A 13 3.27 -3.11 -6.57
N LYS A 14 3.83 -2.66 -7.69
CA LYS A 14 4.94 -1.70 -7.67
C LYS A 14 4.50 -0.31 -7.14
N ILE A 15 3.34 0.21 -7.62
CA ILE A 15 2.88 1.57 -7.26
C ILE A 15 2.60 1.67 -5.75
N LEU A 16 2.07 0.58 -5.16
CA LEU A 16 1.82 0.49 -3.72
C LEU A 16 3.12 0.50 -2.93
N ARG A 17 4.15 -0.18 -3.46
CA ARG A 17 5.48 -0.24 -2.84
C ARG A 17 6.22 1.10 -2.94
N ASP A 18 5.89 1.91 -3.96
CA ASP A 18 6.42 3.28 -4.10
C ASP A 18 5.75 4.22 -3.09
N ARG A 19 4.43 4.03 -2.89
CA ARG A 19 3.63 4.81 -1.91
C ARG A 19 4.06 4.46 -0.49
N GLN A 20 4.33 3.17 -0.23
CA GLN A 20 4.77 2.72 1.09
C GLN A 20 6.22 3.19 1.34
N ARG A 21 7.07 3.32 0.28
CA ARG A 21 8.44 3.87 0.40
C ARG A 21 8.42 5.28 1.02
N GLU A 22 7.61 6.18 0.40
CA GLU A 22 7.52 7.60 0.82
C GLU A 22 6.84 7.74 2.21
N LEU A 23 5.85 6.87 2.50
CA LEU A 23 5.16 6.84 3.80
C LEU A 23 6.11 6.35 4.92
N TYR A 24 6.76 5.20 4.69
CA TYR A 24 7.69 4.53 5.65
C TYR A 24 8.74 5.52 6.17
N ARG A 25 9.34 6.30 5.24
CA ARG A 25 10.37 7.29 5.61
C ARG A 25 9.76 8.54 6.28
N ARG A 26 8.53 8.94 5.88
CA ARG A 26 7.90 10.17 6.44
C ARG A 26 7.41 9.95 7.90
N LEU A 27 7.09 8.68 8.25
CA LEU A 27 6.68 8.33 9.62
C LEU A 27 7.92 7.94 10.46
N HIS A 28 8.94 7.36 9.78
CA HIS A 28 10.28 7.14 10.38
C HIS A 28 11.16 8.40 10.19
N LYS A 29 10.53 9.59 10.14
CA LYS A 29 11.20 10.92 10.02
C LYS A 29 12.32 11.11 11.07
N ILE A 30 12.08 10.58 12.28
CA ILE A 30 13.05 10.62 13.40
C ILE A 30 14.36 9.86 13.07
N GLU A 31 14.24 8.84 12.21
CA GLU A 31 15.37 8.02 11.72
C GLU A 31 15.85 8.52 10.35
N ALA A 32 14.92 9.09 9.58
CA ALA A 32 15.13 9.48 8.17
C ALA A 32 15.61 10.93 8.07
N ASP A 33 16.82 11.14 8.59
CA ASP A 33 17.58 12.39 8.43
C ASP A 33 18.24 12.41 7.03
N PHE A 34 18.30 11.20 6.41
CA PHE A 34 18.86 10.97 5.07
C PHE A 34 18.08 11.78 4.02
N GLU A 35 18.77 12.74 3.39
CA GLU A 35 18.18 13.66 2.39
C GLU A 35 18.15 13.02 0.99
N GLU A 36 19.00 11.97 0.79
CA GLU A 36 19.16 11.19 -0.47
C GLU A 36 19.75 12.06 -1.63
N PRO A 37 20.43 11.43 -2.65
CA PRO A 37 20.69 12.11 -3.93
C PRO A 37 19.35 12.26 -4.73
N ARG A 38 18.98 11.23 -5.52
CA ARG A 38 17.67 11.13 -6.21
C ARG A 38 17.19 9.67 -6.16
N ASN A 39 17.80 8.89 -5.24
CA ASN A 39 17.60 7.44 -5.13
C ASN A 39 18.13 6.96 -3.76
N PRO A 40 17.23 6.55 -2.81
CA PRO A 40 17.63 5.88 -1.55
C PRO A 40 17.51 4.34 -1.66
N ASP A 41 17.20 3.86 -2.89
CA ASP A 41 16.99 2.43 -3.19
C ASP A 41 17.01 2.24 -4.71
N ASP A 42 18.00 1.50 -5.21
CA ASP A 42 18.17 1.17 -6.65
C ASP A 42 17.66 -0.25 -6.92
N GLU A 43 16.56 -0.61 -6.24
CA GLU A 43 16.02 -1.98 -6.19
C GLU A 43 17.09 -2.90 -5.58
N ASP A 44 17.43 -2.60 -4.32
CA ASP A 44 18.36 -3.40 -3.50
C ASP A 44 17.72 -4.76 -3.15
N ARG A 45 16.37 -4.76 -3.12
CA ARG A 45 15.55 -5.96 -2.83
C ARG A 45 15.81 -6.40 -1.37
N ALA A 46 15.72 -5.43 -0.46
CA ALA A 46 15.76 -5.66 0.99
C ALA A 46 14.37 -6.15 1.44
N SER A 47 14.17 -7.49 1.37
CA SER A 47 12.91 -8.14 1.74
C SER A 47 12.78 -8.24 3.28
N GLU A 48 12.46 -7.08 3.87
CA GLU A 48 12.29 -6.89 5.32
C GLU A 48 11.42 -5.65 5.54
N ARG A 49 10.19 -5.86 6.05
CA ARG A 49 9.23 -4.78 6.34
C ARG A 49 9.48 -4.22 7.76
N SER A 50 8.83 -3.08 8.09
CA SER A 50 8.96 -2.43 9.41
C SER A 50 7.67 -1.68 9.78
N ASN A 51 6.51 -2.38 9.65
CA ASN A 51 5.19 -1.85 10.05
C ASN A 51 4.71 -2.53 11.36
N ASP A 52 3.42 -2.27 11.73
CA ASP A 52 2.77 -2.85 12.93
C ASP A 52 3.49 -2.35 14.22
N GLU A 53 4.00 -1.12 14.15
CA GLU A 53 4.79 -0.50 15.22
C GLU A 53 3.89 0.28 16.20
N VAL A 54 4.23 0.23 17.49
CA VAL A 54 3.48 0.91 18.56
C VAL A 54 3.96 2.38 18.72
N LEU A 55 5.07 2.74 18.02
CA LEU A 55 5.69 4.09 18.11
C LEU A 55 4.68 5.20 17.74
N ASP A 56 4.44 6.11 18.70
CA ASP A 56 3.48 7.21 18.57
C ASP A 56 4.05 8.35 17.70
N GLU A 57 5.37 8.35 17.48
CA GLU A 57 6.06 9.34 16.62
C GLU A 57 5.93 9.01 15.11
N LEU A 58 5.14 7.99 14.78
CA LEU A 58 4.75 7.71 13.38
C LEU A 58 3.51 8.54 13.04
N GLY A 59 3.44 9.05 11.80
CA GLY A 59 2.29 9.83 11.32
C GLY A 59 1.01 9.00 11.24
N GLN A 60 -0.13 9.62 11.58
CA GLN A 60 -1.47 8.98 11.59
C GLN A 60 -1.83 8.41 10.19
N VAL A 61 -1.69 9.27 9.17
CA VAL A 61 -1.92 8.91 7.75
C VAL A 61 -0.95 7.80 7.30
N GLY A 62 0.28 7.85 7.84
CA GLY A 62 1.33 6.90 7.50
C GLY A 62 1.01 5.48 7.98
N GLN A 63 0.67 5.34 9.27
CA GLN A 63 0.34 4.04 9.90
C GLN A 63 -0.91 3.41 9.26
N ASP A 64 -1.93 4.25 9.02
CA ASP A 64 -3.22 3.82 8.46
C ASP A 64 -3.06 3.30 7.03
N GLU A 65 -2.34 4.10 6.20
CA GLU A 65 -2.18 3.80 4.78
C GLU A 65 -1.14 2.68 4.57
N LEU A 66 -0.17 2.55 5.52
CA LEU A 66 0.76 1.39 5.58
C LEU A 66 -0.05 0.10 5.74
N ARG A 67 -0.98 0.16 6.69
CA ARG A 67 -1.85 -0.96 7.06
C ARG A 67 -2.69 -1.39 5.84
N ALA A 68 -3.13 -0.39 5.03
CA ALA A 68 -3.94 -0.60 3.82
C ALA A 68 -3.09 -1.14 2.65
N ILE A 69 -1.84 -0.61 2.51
CA ILE A 69 -0.92 -0.97 1.41
C ILE A 69 -0.33 -2.37 1.64
N ASP A 70 0.34 -2.55 2.79
CA ASP A 70 0.93 -3.84 3.23
C ASP A 70 -0.12 -4.96 3.28
N ALA A 71 -1.39 -4.63 3.63
CA ALA A 71 -2.52 -5.57 3.53
C ALA A 71 -2.76 -5.98 2.07
N ALA A 72 -2.88 -4.96 1.20
CA ALA A 72 -3.16 -5.15 -0.25
C ALA A 72 -2.07 -6.01 -0.93
N LEU A 73 -0.80 -5.72 -0.61
CA LEU A 73 0.40 -6.43 -1.14
C LEU A 73 0.43 -7.90 -0.66
N ALA A 74 0.02 -8.10 0.60
CA ALA A 74 -0.09 -9.45 1.21
C ALA A 74 -1.23 -10.25 0.54
N ARG A 75 -2.31 -9.54 0.12
CA ARG A 75 -3.45 -10.13 -0.59
C ARG A 75 -3.09 -10.46 -2.04
N ILE A 76 -2.10 -9.73 -2.61
CA ILE A 76 -1.54 -10.05 -3.94
C ILE A 76 -0.73 -11.35 -3.85
N ALA A 77 0.12 -11.43 -2.81
CA ALA A 77 0.94 -12.62 -2.50
C ALA A 77 0.05 -13.83 -2.13
N SER A 78 -1.16 -13.54 -1.62
CA SER A 78 -2.19 -14.55 -1.32
C SER A 78 -3.00 -14.91 -2.58
N GLY A 79 -3.14 -13.94 -3.50
CA GLY A 79 -3.95 -14.10 -4.73
C GLY A 79 -5.44 -13.80 -4.52
N THR A 80 -5.77 -13.15 -3.39
CA THR A 80 -7.15 -12.74 -3.06
C THR A 80 -7.33 -11.21 -3.23
N PHE A 81 -6.30 -10.52 -3.79
CA PHE A 81 -6.41 -9.11 -4.19
C PHE A 81 -7.40 -8.97 -5.36
N GLY A 82 -8.15 -7.86 -5.38
CA GLY A 82 -9.25 -7.67 -6.32
C GLY A 82 -10.54 -8.31 -5.80
N THR A 83 -10.55 -8.70 -4.50
CA THR A 83 -11.73 -9.24 -3.81
C THR A 83 -11.93 -8.50 -2.46
N CYS A 84 -13.10 -7.83 -2.31
CA CYS A 84 -13.55 -7.22 -1.05
C CYS A 84 -13.77 -8.33 -0.01
N VAL A 85 -12.79 -8.49 0.88
CA VAL A 85 -12.81 -9.51 1.95
C VAL A 85 -13.91 -9.21 3.00
N LYS A 86 -14.30 -7.92 3.10
CA LYS A 86 -15.42 -7.47 3.97
C LYS A 86 -16.79 -7.95 3.43
N CYS A 87 -16.80 -8.35 2.14
CA CYS A 87 -17.99 -8.88 1.44
C CYS A 87 -17.83 -10.38 1.09
N GLY A 88 -16.58 -10.81 0.87
CA GLY A 88 -16.28 -12.06 0.16
C GLY A 88 -16.65 -11.99 -1.33
N LYS A 89 -16.72 -10.76 -1.87
CA LYS A 89 -17.16 -10.47 -3.27
C LYS A 89 -16.07 -9.64 -3.99
N ARG A 90 -16.25 -9.38 -5.28
CA ARG A 90 -15.26 -8.71 -6.17
C ARG A 90 -15.02 -7.22 -5.79
N ILE A 91 -13.86 -6.67 -6.20
CA ILE A 91 -13.61 -5.21 -6.24
C ILE A 91 -13.79 -4.74 -7.69
N SER A 92 -14.29 -3.50 -7.86
CA SER A 92 -14.39 -2.86 -9.17
C SER A 92 -12.99 -2.46 -9.66
N GLU A 93 -12.71 -2.63 -10.96
CA GLU A 93 -11.42 -2.20 -11.55
C GLU A 93 -11.29 -0.66 -11.45
N ASP A 94 -12.46 0.03 -11.46
CA ASP A 94 -12.58 1.49 -11.23
C ASP A 94 -11.94 1.88 -9.89
N ARG A 95 -12.34 1.12 -8.86
CA ARG A 95 -11.86 1.26 -7.47
C ARG A 95 -10.34 0.99 -7.40
N LEU A 96 -9.89 -0.11 -8.05
CA LEU A 96 -8.49 -0.57 -8.01
C LEU A 96 -7.54 0.42 -8.69
N LYS A 97 -7.97 0.99 -9.82
CA LYS A 97 -7.12 1.90 -10.63
C LYS A 97 -7.00 3.28 -9.94
N ALA A 98 -8.07 3.69 -9.21
CA ALA A 98 -8.13 4.98 -8.50
C ALA A 98 -7.37 4.90 -7.15
N VAL A 99 -7.58 3.79 -6.45
CA VAL A 99 -7.00 3.53 -5.13
C VAL A 99 -6.77 1.99 -4.99
N PRO A 100 -5.52 1.50 -5.29
CA PRO A 100 -5.20 0.05 -5.16
C PRO A 100 -4.91 -0.41 -3.72
N TYR A 101 -4.85 0.55 -2.77
CA TYR A 101 -4.62 0.25 -1.33
C TYR A 101 -5.97 0.17 -0.59
N THR A 102 -6.91 -0.56 -1.19
CA THR A 102 -8.23 -0.77 -0.62
C THR A 102 -8.54 -2.29 -0.50
N PRO A 103 -8.62 -2.84 0.75
CA PRO A 103 -9.13 -4.21 1.00
C PRO A 103 -10.68 -4.28 0.87
N PHE A 104 -11.31 -3.09 0.86
CA PHE A 104 -12.76 -2.93 0.84
C PHE A 104 -13.24 -2.51 -0.57
N CYS A 105 -14.51 -2.79 -0.89
CA CYS A 105 -15.13 -2.30 -2.15
C CYS A 105 -15.64 -0.87 -1.95
N GLN A 106 -16.06 -0.20 -3.04
CA GLN A 106 -16.49 1.21 -3.01
C GLN A 106 -17.69 1.41 -2.05
N GLU A 107 -18.56 0.39 -2.02
CA GLU A 107 -19.70 0.31 -1.08
C GLU A 107 -19.20 0.37 0.38
N CYS A 108 -18.26 -0.54 0.73
CA CYS A 108 -17.70 -0.65 2.10
C CYS A 108 -16.92 0.62 2.48
N ALA A 109 -16.22 1.21 1.49
CA ALA A 109 -15.39 2.41 1.67
C ALA A 109 -16.28 3.61 2.08
N ALA A 110 -17.40 3.74 1.36
CA ALA A 110 -18.41 4.78 1.63
C ALA A 110 -19.21 4.49 2.92
N ALA A 111 -19.19 3.20 3.34
CA ALA A 111 -19.89 2.71 4.54
C ALA A 111 -18.95 2.61 5.77
N LEU A 112 -17.70 3.12 5.65
CA LEU A 112 -16.77 3.18 6.80
C LEU A 112 -17.18 4.36 7.72
N LEU A 1 -15.63 -5.71 -21.48
CA LEU A 1 -15.76 -4.41 -20.77
C LEU A 1 -15.69 -4.64 -19.24
N ALA A 2 -15.41 -3.54 -18.51
CA ALA A 2 -15.30 -3.52 -17.03
C ALA A 2 -14.09 -4.30 -16.48
N GLY A 3 -13.10 -4.59 -17.36
CA GLY A 3 -11.88 -5.30 -16.96
C GLY A 3 -12.09 -6.79 -16.72
N GLY A 4 -12.53 -7.14 -15.49
CA GLY A 4 -12.74 -8.53 -15.10
C GLY A 4 -11.44 -9.27 -14.85
N LYS A 5 -11.12 -10.26 -15.71
CA LYS A 5 -9.82 -10.95 -15.71
C LYS A 5 -8.77 -10.06 -16.41
N SER A 6 -7.48 -10.50 -16.34
CA SER A 6 -6.31 -9.75 -16.86
C SER A 6 -6.13 -8.44 -16.05
N MET A 7 -6.56 -8.49 -14.77
CA MET A 7 -6.35 -7.40 -13.80
C MET A 7 -4.84 -7.24 -13.55
N ASN A 8 -4.30 -6.05 -13.86
CA ASN A 8 -2.84 -5.79 -13.81
C ASN A 8 -2.35 -5.62 -12.36
N VAL A 9 -2.30 -6.74 -11.62
CA VAL A 9 -1.89 -6.78 -10.22
C VAL A 9 -0.42 -6.32 -10.07
N GLU A 10 0.40 -6.69 -11.07
CA GLU A 10 1.84 -6.35 -11.11
C GLU A 10 2.07 -4.82 -11.14
N SER A 11 1.21 -4.11 -11.88
CA SER A 11 1.22 -2.64 -11.95
C SER A 11 0.88 -2.04 -10.57
N TYR A 12 -0.16 -2.63 -9.94
CA TYR A 12 -0.62 -2.21 -8.61
C TYR A 12 0.40 -2.59 -7.52
N GLU A 13 1.11 -3.70 -7.72
CA GLU A 13 2.07 -4.25 -6.76
C GLU A 13 3.23 -3.26 -6.58
N LYS A 14 3.87 -2.89 -7.71
CA LYS A 14 5.05 -2.01 -7.73
C LYS A 14 4.71 -0.59 -7.25
N ILE A 15 3.52 -0.07 -7.64
CA ILE A 15 3.09 1.30 -7.26
C ILE A 15 2.80 1.36 -5.74
N LEU A 16 2.32 0.23 -5.17
CA LEU A 16 2.06 0.11 -3.72
C LEU A 16 3.37 0.06 -2.93
N ARG A 17 4.37 -0.64 -3.49
CA ARG A 17 5.71 -0.71 -2.90
C ARG A 17 6.32 0.72 -2.79
N ASP A 18 6.22 1.50 -3.86
CA ASP A 18 6.74 2.90 -3.90
C ASP A 18 5.89 3.88 -3.08
N ARG A 19 4.56 3.64 -3.03
CA ARG A 19 3.63 4.50 -2.26
C ARG A 19 3.87 4.35 -0.76
N GLN A 20 4.11 3.11 -0.31
CA GLN A 20 4.42 2.85 1.10
C GLN A 20 5.83 3.36 1.42
N ARG A 21 6.77 3.33 0.44
CA ARG A 21 8.17 3.83 0.64
C ARG A 21 8.18 5.32 1.06
N GLU A 22 7.42 6.14 0.31
CA GLU A 22 7.35 7.60 0.56
C GLU A 22 6.59 7.91 1.86
N LEU A 23 5.59 7.08 2.18
CA LEU A 23 4.81 7.20 3.44
C LEU A 23 5.61 6.67 4.66
N TYR A 24 6.44 5.62 4.45
CA TYR A 24 7.28 4.99 5.50
C TYR A 24 8.35 5.99 5.94
N ARG A 25 9.08 6.54 4.94
CA ARG A 25 10.16 7.52 5.16
C ARG A 25 9.60 8.80 5.82
N ARG A 26 8.33 9.14 5.48
CA ARG A 26 7.61 10.28 6.06
C ARG A 26 7.43 10.15 7.58
N LEU A 27 7.02 8.95 8.05
CA LEU A 27 6.77 8.71 9.50
C LEU A 27 7.97 8.04 10.22
N HIS A 28 9.05 7.76 9.47
CA HIS A 28 10.35 7.28 10.01
C HIS A 28 11.46 8.31 9.74
N LYS A 29 11.05 9.58 9.61
CA LYS A 29 11.96 10.73 9.38
C LYS A 29 13.04 10.89 10.47
N ILE A 30 12.70 10.48 11.69
CA ILE A 30 13.59 10.53 12.87
C ILE A 30 14.80 9.59 12.73
N GLU A 31 14.58 8.40 12.13
CA GLU A 31 15.61 7.33 12.01
C GLU A 31 16.20 7.29 10.59
N ALA A 32 15.50 7.95 9.64
CA ALA A 32 15.89 7.99 8.23
C ALA A 32 16.08 9.46 7.80
N ASP A 33 17.32 9.93 7.82
CA ASP A 33 17.68 11.30 7.40
C ASP A 33 18.00 11.30 5.90
N PHE A 34 16.95 11.44 5.08
CA PHE A 34 17.06 11.49 3.60
C PHE A 34 16.15 12.61 3.07
N GLU A 35 16.73 13.78 2.79
CA GLU A 35 16.00 14.95 2.25
C GLU A 35 15.49 14.64 0.84
N GLU A 36 16.38 14.07 0.03
CA GLU A 36 16.10 13.58 -1.33
C GLU A 36 16.61 12.12 -1.39
N PRO A 37 15.73 11.10 -1.09
CA PRO A 37 16.11 9.66 -1.15
C PRO A 37 16.42 9.21 -2.59
N ARG A 38 17.64 9.51 -3.04
CA ARG A 38 18.12 9.20 -4.39
C ARG A 38 19.13 8.05 -4.31
N ASN A 39 18.79 6.94 -4.97
CA ASN A 39 19.63 5.72 -5.03
C ASN A 39 19.19 4.85 -6.23
N PRO A 40 20.09 3.99 -6.80
CA PRO A 40 19.71 3.01 -7.85
C PRO A 40 18.62 2.04 -7.36
N ASP A 41 18.84 1.50 -6.14
CA ASP A 41 17.88 0.63 -5.42
C ASP A 41 17.63 -0.69 -6.19
N ASP A 42 18.49 -1.69 -5.91
CA ASP A 42 18.37 -3.04 -6.48
C ASP A 42 18.72 -4.06 -5.40
N GLU A 43 17.69 -4.41 -4.60
CA GLU A 43 17.75 -5.47 -3.57
C GLU A 43 16.33 -5.69 -3.01
N ASP A 44 16.04 -5.15 -1.80
CA ASP A 44 14.76 -5.27 -1.09
C ASP A 44 14.98 -4.79 0.36
N ARG A 45 13.94 -4.21 0.99
CA ARG A 45 14.02 -3.79 2.39
C ARG A 45 12.77 -4.28 3.17
N ALA A 46 12.67 -5.61 3.30
CA ALA A 46 11.77 -6.25 4.26
C ALA A 46 12.45 -6.17 5.64
N SER A 47 12.00 -5.22 6.48
CA SER A 47 12.60 -4.94 7.78
C SER A 47 12.42 -6.13 8.75
N GLU A 48 13.46 -6.41 9.56
CA GLU A 48 13.52 -7.57 10.46
C GLU A 48 12.58 -7.34 11.66
N ARG A 49 11.32 -7.78 11.49
CA ARG A 49 10.22 -7.60 12.46
C ARG A 49 9.85 -6.10 12.59
N SER A 50 8.60 -5.77 12.24
CA SER A 50 8.06 -4.42 12.36
C SER A 50 7.92 -4.03 13.84
N ASN A 51 8.41 -2.82 14.21
CA ASN A 51 8.14 -2.22 15.52
C ASN A 51 6.63 -2.01 15.65
N ASP A 52 6.07 -2.47 16.78
CA ASP A 52 4.60 -2.56 17.01
C ASP A 52 3.99 -1.20 17.43
N GLU A 53 4.29 -0.14 16.64
CA GLU A 53 3.75 1.22 16.78
C GLU A 53 4.08 1.80 18.18
N VAL A 54 5.30 1.49 18.64
CA VAL A 54 5.82 1.93 19.95
C VAL A 54 6.00 3.47 19.96
N LEU A 55 6.60 3.97 18.87
CA LEU A 55 6.88 5.41 18.69
C LEU A 55 5.66 6.12 18.08
N ASP A 56 5.33 7.33 18.60
CA ASP A 56 4.14 8.11 18.22
C ASP A 56 4.40 9.00 16.98
N GLU A 57 5.64 8.96 16.43
CA GLU A 57 6.02 9.69 15.19
C GLU A 57 5.25 9.18 13.95
N LEU A 58 4.71 7.96 14.07
CA LEU A 58 3.84 7.38 13.07
C LEU A 58 2.43 7.98 13.20
N GLY A 59 2.04 8.82 12.24
CA GLY A 59 0.72 9.47 12.21
C GLY A 59 -0.36 8.49 11.76
N GLN A 60 -1.58 8.58 12.34
CA GLN A 60 -2.68 7.59 12.14
C GLN A 60 -2.98 7.33 10.66
N VAL A 61 -3.21 8.42 9.90
CA VAL A 61 -3.45 8.37 8.44
C VAL A 61 -2.33 7.60 7.70
N GLY A 62 -1.08 7.82 8.15
CA GLY A 62 0.08 7.12 7.58
C GLY A 62 0.08 5.63 7.93
N GLN A 63 -0.25 5.30 9.19
CA GLN A 63 -0.20 3.91 9.71
C GLN A 63 -1.27 3.04 9.03
N ASP A 64 -2.47 3.61 8.85
CA ASP A 64 -3.62 2.93 8.22
C ASP A 64 -3.43 2.84 6.70
N GLU A 65 -2.68 3.80 6.12
CA GLU A 65 -2.39 3.81 4.69
C GLU A 65 -1.38 2.68 4.37
N LEU A 66 -0.34 2.59 5.23
CA LEU A 66 0.63 1.47 5.26
C LEU A 66 -0.11 0.13 5.45
N ARG A 67 -1.02 0.12 6.44
CA ARG A 67 -1.77 -1.09 6.84
C ARG A 67 -2.63 -1.61 5.68
N ALA A 68 -3.19 -0.67 4.90
CA ALA A 68 -4.01 -0.95 3.71
C ALA A 68 -3.14 -1.46 2.55
N ILE A 69 -1.94 -0.83 2.37
CA ILE A 69 -1.00 -1.18 1.29
C ILE A 69 -0.42 -2.58 1.51
N ASP A 70 0.13 -2.84 2.70
CA ASP A 70 0.69 -4.14 3.08
C ASP A 70 -0.39 -5.25 3.16
N ALA A 71 -1.66 -4.84 3.45
CA ALA A 71 -2.81 -5.76 3.38
C ALA A 71 -3.12 -6.16 1.93
N ALA A 72 -2.94 -5.20 1.02
CA ALA A 72 -3.11 -5.40 -0.43
C ALA A 72 -1.99 -6.29 -0.98
N LEU A 73 -0.75 -6.04 -0.52
CA LEU A 73 0.45 -6.80 -0.91
C LEU A 73 0.40 -8.25 -0.38
N ALA A 74 -0.23 -8.41 0.80
CA ALA A 74 -0.52 -9.73 1.41
C ALA A 74 -1.56 -10.49 0.57
N ARG A 75 -2.56 -9.74 0.06
CA ARG A 75 -3.58 -10.28 -0.86
C ARG A 75 -2.96 -10.66 -2.22
N ILE A 76 -1.90 -9.95 -2.64
CA ILE A 76 -1.16 -10.29 -3.89
C ILE A 76 -0.36 -11.60 -3.68
N ALA A 77 0.25 -11.72 -2.49
CA ALA A 77 1.00 -12.92 -2.07
C ALA A 77 0.10 -14.18 -2.04
N SER A 78 -1.18 -13.97 -1.70
CA SER A 78 -2.20 -15.04 -1.67
C SER A 78 -2.87 -15.20 -3.06
N GLY A 79 -2.82 -14.12 -3.88
CA GLY A 79 -3.48 -14.09 -5.18
C GLY A 79 -4.95 -13.66 -5.09
N THR A 80 -5.37 -13.18 -3.91
CA THR A 80 -6.74 -12.70 -3.63
C THR A 80 -6.76 -11.16 -3.62
N PHE A 81 -5.81 -10.54 -4.35
CA PHE A 81 -5.81 -9.09 -4.58
C PHE A 81 -7.04 -8.69 -5.39
N GLY A 82 -7.55 -7.47 -5.12
CA GLY A 82 -8.81 -7.03 -5.69
C GLY A 82 -9.97 -7.79 -5.07
N THR A 83 -9.94 -7.92 -3.74
CA THR A 83 -11.04 -8.51 -2.96
C THR A 83 -11.44 -7.57 -1.80
N CYS A 84 -12.69 -7.09 -1.84
CA CYS A 84 -13.36 -6.43 -0.72
C CYS A 84 -13.62 -7.48 0.36
N VAL A 85 -12.76 -7.50 1.39
CA VAL A 85 -12.80 -8.49 2.50
C VAL A 85 -14.12 -8.40 3.30
N LYS A 86 -14.75 -7.21 3.33
CA LYS A 86 -16.07 -6.99 3.97
C LYS A 86 -17.18 -7.75 3.19
N CYS A 87 -17.00 -7.83 1.84
CA CYS A 87 -17.89 -8.61 0.95
C CYS A 87 -17.44 -10.09 0.85
N GLY A 88 -16.12 -10.30 1.02
CA GLY A 88 -15.46 -11.56 0.65
C GLY A 88 -15.46 -11.80 -0.85
N LYS A 89 -15.60 -10.70 -1.64
CA LYS A 89 -15.76 -10.76 -3.12
C LYS A 89 -14.92 -9.67 -3.79
N ARG A 90 -14.87 -9.71 -5.14
CA ARG A 90 -13.98 -8.89 -5.99
C ARG A 90 -14.26 -7.37 -5.92
N ILE A 91 -13.19 -6.59 -6.16
CA ILE A 91 -13.20 -5.14 -6.29
C ILE A 91 -13.39 -4.76 -7.79
N SER A 92 -14.02 -3.59 -8.06
CA SER A 92 -14.17 -3.09 -9.44
C SER A 92 -12.84 -2.50 -9.95
N GLU A 93 -12.62 -2.54 -11.28
CA GLU A 93 -11.38 -2.03 -11.92
C GLU A 93 -11.18 -0.53 -11.61
N ASP A 94 -12.29 0.23 -11.67
CA ASP A 94 -12.30 1.69 -11.44
C ASP A 94 -11.83 2.04 -10.02
N ARG A 95 -12.27 1.20 -9.06
CA ARG A 95 -11.87 1.32 -7.65
C ARG A 95 -10.36 1.06 -7.49
N LEU A 96 -9.84 0.02 -8.20
CA LEU A 96 -8.42 -0.40 -8.09
C LEU A 96 -7.46 0.65 -8.68
N LYS A 97 -7.83 1.24 -9.82
CA LYS A 97 -7.00 2.24 -10.52
C LYS A 97 -6.98 3.58 -9.74
N ALA A 98 -8.08 3.84 -8.99
CA ALA A 98 -8.20 5.03 -8.13
C ALA A 98 -7.49 4.81 -6.77
N VAL A 99 -7.59 3.57 -6.26
CA VAL A 99 -7.06 3.17 -4.94
C VAL A 99 -6.94 1.62 -4.89
N PRO A 100 -5.72 1.05 -5.19
CA PRO A 100 -5.51 -0.43 -5.19
C PRO A 100 -5.35 -1.03 -3.77
N TYR A 101 -4.95 -0.19 -2.80
CA TYR A 101 -4.65 -0.64 -1.42
C TYR A 101 -5.90 -0.82 -0.55
N THR A 102 -7.07 -0.38 -1.04
CA THR A 102 -8.32 -0.43 -0.26
C THR A 102 -8.74 -1.90 0.03
N PRO A 103 -8.96 -2.28 1.34
CA PRO A 103 -9.48 -3.62 1.72
C PRO A 103 -10.98 -3.78 1.44
N PHE A 104 -11.69 -2.66 1.17
CA PHE A 104 -13.14 -2.63 0.96
C PHE A 104 -13.47 -2.06 -0.44
N CYS A 105 -14.67 -2.38 -0.98
CA CYS A 105 -15.12 -1.81 -2.27
C CYS A 105 -15.81 -0.48 -2.00
N GLN A 106 -16.01 0.32 -3.07
CA GLN A 106 -16.28 1.78 -3.00
C GLN A 106 -17.34 2.20 -1.95
N GLU A 107 -18.46 1.45 -1.88
CA GLU A 107 -19.59 1.80 -0.96
C GLU A 107 -19.33 1.26 0.45
N CYS A 108 -18.55 0.16 0.54
CA CYS A 108 -18.09 -0.43 1.82
C CYS A 108 -17.07 0.49 2.51
N ALA A 109 -16.36 1.29 1.70
CA ALA A 109 -15.45 2.34 2.17
C ALA A 109 -16.27 3.55 2.67
N ALA A 110 -17.39 3.82 1.98
CA ALA A 110 -18.37 4.85 2.39
C ALA A 110 -19.28 4.34 3.54
N ALA A 111 -19.20 3.04 3.86
CA ALA A 111 -19.91 2.42 5.00
C ALA A 111 -19.10 2.56 6.31
N LEU A 112 -17.85 3.01 6.19
CA LEU A 112 -16.98 3.28 7.35
C LEU A 112 -17.39 4.62 8.01
N LEU A 1 8.47 -14.42 -17.06
CA LEU A 1 8.59 -13.84 -18.41
C LEU A 1 7.22 -13.19 -18.77
N ALA A 2 7.14 -11.85 -18.64
CA ALA A 2 5.94 -11.03 -18.95
C ALA A 2 4.77 -11.33 -17.98
N GLY A 3 3.76 -10.44 -17.99
CA GLY A 3 2.60 -10.57 -17.12
C GLY A 3 1.63 -9.40 -17.30
N GLY A 4 1.19 -9.22 -18.55
CA GLY A 4 0.26 -8.15 -18.91
C GLY A 4 -1.19 -8.51 -18.59
N LYS A 5 -1.52 -8.50 -17.29
CA LYS A 5 -2.89 -8.76 -16.80
C LYS A 5 -3.76 -7.50 -16.98
N SER A 6 -5.01 -7.70 -17.43
CA SER A 6 -5.92 -6.60 -17.82
C SER A 6 -6.24 -5.65 -16.64
N MET A 7 -6.35 -6.24 -15.42
CA MET A 7 -6.64 -5.46 -14.20
C MET A 7 -5.38 -4.70 -13.71
N ASN A 8 -4.18 -5.19 -14.13
CA ASN A 8 -2.85 -4.57 -13.82
C ASN A 8 -2.41 -4.79 -12.35
N VAL A 9 -2.59 -6.02 -11.82
CA VAL A 9 -2.13 -6.42 -10.45
C VAL A 9 -0.65 -6.06 -10.21
N GLU A 10 0.22 -6.39 -11.19
CA GLU A 10 1.68 -6.19 -11.08
C GLU A 10 2.04 -4.69 -11.03
N SER A 11 1.28 -3.88 -11.77
CA SER A 11 1.44 -2.42 -11.79
C SER A 11 1.05 -1.82 -10.42
N TYR A 12 0.00 -2.40 -9.81
CA TYR A 12 -0.47 -2.02 -8.48
C TYR A 12 0.54 -2.46 -7.42
N GLU A 13 1.16 -3.62 -7.66
CA GLU A 13 2.10 -4.25 -6.73
C GLU A 13 3.29 -3.31 -6.50
N LYS A 14 3.96 -2.95 -7.62
CA LYS A 14 5.16 -2.11 -7.59
C LYS A 14 4.85 -0.69 -7.05
N ILE A 15 3.71 -0.09 -7.48
CA ILE A 15 3.37 1.30 -7.11
C ILE A 15 3.04 1.39 -5.60
N LEU A 16 2.51 0.28 -5.04
CA LEU A 16 2.25 0.17 -3.59
C LEU A 16 3.56 -0.01 -2.81
N ARG A 17 4.54 -0.73 -3.39
CA ARG A 17 5.90 -0.84 -2.82
C ARG A 17 6.54 0.57 -2.73
N ASP A 18 6.46 1.32 -3.84
CA ASP A 18 7.05 2.67 -3.96
C ASP A 18 6.36 3.66 -2.99
N ARG A 19 5.02 3.54 -2.90
CA ARG A 19 4.19 4.41 -2.05
C ARG A 19 4.48 4.16 -0.57
N GLN A 20 4.56 2.89 -0.16
CA GLN A 20 4.82 2.55 1.24
C GLN A 20 6.26 2.95 1.63
N ARG A 21 7.20 2.96 0.64
CA ARG A 21 8.62 3.31 0.86
C ARG A 21 8.80 4.81 1.15
N GLU A 22 8.15 5.67 0.33
CA GLU A 22 8.20 7.13 0.53
C GLU A 22 7.46 7.54 1.81
N LEU A 23 6.39 6.78 2.14
CA LEU A 23 5.65 6.96 3.39
C LEU A 23 6.44 6.41 4.59
N TYR A 24 7.23 5.32 4.38
CA TYR A 24 8.08 4.71 5.44
C TYR A 24 9.06 5.76 5.97
N ARG A 25 9.91 6.30 5.07
CA ARG A 25 10.94 7.31 5.42
C ARG A 25 10.30 8.58 6.04
N ARG A 26 9.11 8.95 5.50
CA ARG A 26 8.32 10.11 5.96
C ARG A 26 7.95 9.99 7.46
N LEU A 27 7.29 8.87 7.84
CA LEU A 27 6.74 8.70 9.21
C LEU A 27 7.77 8.10 10.17
N HIS A 28 8.78 7.40 9.61
CA HIS A 28 9.91 6.83 10.40
C HIS A 28 11.04 7.87 10.47
N LYS A 29 10.68 9.16 10.30
CA LYS A 29 11.59 10.33 10.34
C LYS A 29 12.61 10.30 11.50
N ILE A 30 12.19 9.74 12.65
CA ILE A 30 13.01 9.62 13.87
C ILE A 30 14.29 8.76 13.63
N GLU A 31 14.16 7.77 12.73
CA GLU A 31 15.27 6.91 12.27
C GLU A 31 15.83 7.44 10.94
N ALA A 32 14.90 7.62 9.99
CA ALA A 32 15.19 7.99 8.60
C ALA A 32 15.49 9.49 8.49
N ASP A 33 16.79 9.80 8.53
CA ASP A 33 17.31 11.16 8.34
C ASP A 33 17.22 11.54 6.85
N PHE A 34 16.57 12.67 6.56
CA PHE A 34 16.34 13.16 5.17
C PHE A 34 17.58 13.92 4.62
N GLU A 35 18.74 13.25 4.66
CA GLU A 35 19.99 13.76 4.06
C GLU A 35 19.94 13.58 2.54
N GLU A 36 19.49 12.38 2.13
CA GLU A 36 19.40 11.99 0.71
C GLU A 36 17.92 11.97 0.24
N PRO A 37 17.57 12.64 -0.91
CA PRO A 37 16.27 12.48 -1.58
C PRO A 37 16.24 11.11 -2.30
N ARG A 38 15.72 10.09 -1.60
CA ARG A 38 15.72 8.69 -2.08
C ARG A 38 14.72 8.52 -3.24
N ASN A 39 15.08 7.68 -4.21
CA ASN A 39 14.24 7.39 -5.40
C ASN A 39 12.93 6.69 -4.99
N PRO A 40 11.77 6.96 -5.70
CA PRO A 40 10.48 6.27 -5.42
C PRO A 40 10.49 4.85 -6.00
N ASP A 41 11.32 4.01 -5.37
CA ASP A 41 11.66 2.64 -5.80
C ASP A 41 12.79 2.13 -4.89
N ASP A 42 13.76 3.05 -4.66
CA ASP A 42 14.96 2.83 -3.84
C ASP A 42 15.80 1.64 -4.44
N GLU A 43 16.13 0.61 -3.65
CA GLU A 43 16.90 -0.57 -4.10
C GLU A 43 16.81 -1.71 -3.07
N ASP A 44 15.80 -1.63 -2.20
CA ASP A 44 15.57 -2.63 -1.15
C ASP A 44 14.32 -3.46 -1.51
N ARG A 45 14.55 -4.66 -2.08
CA ARG A 45 13.48 -5.60 -2.45
C ARG A 45 12.86 -6.27 -1.20
N ALA A 46 13.69 -6.43 -0.15
CA ALA A 46 13.29 -7.06 1.12
C ALA A 46 12.36 -6.12 1.93
N SER A 47 11.09 -6.09 1.51
CA SER A 47 10.06 -5.22 2.11
C SER A 47 9.30 -6.01 3.19
N GLU A 48 9.90 -6.08 4.39
CA GLU A 48 9.32 -6.83 5.52
C GLU A 48 8.03 -6.14 6.03
N ARG A 49 6.93 -6.90 6.01
CA ARG A 49 5.61 -6.46 6.48
C ARG A 49 5.49 -6.67 8.01
N SER A 50 5.84 -5.61 8.77
CA SER A 50 5.78 -5.64 10.24
C SER A 50 5.63 -4.22 10.80
N ASN A 51 4.39 -3.70 10.77
CA ASN A 51 4.06 -2.37 11.29
C ASN A 51 3.55 -2.52 12.74
N ASP A 52 4.51 -2.69 13.67
CA ASP A 52 4.24 -2.85 15.11
C ASP A 52 4.23 -1.45 15.74
N GLU A 53 3.10 -0.80 15.56
CA GLU A 53 2.86 0.59 16.00
C GLU A 53 2.79 0.68 17.54
N VAL A 54 3.88 1.18 18.14
CA VAL A 54 4.00 1.43 19.58
C VAL A 54 4.38 2.89 19.79
N LEU A 55 5.34 3.36 18.99
CA LEU A 55 5.76 4.78 18.97
C LEU A 55 4.81 5.59 18.10
N ASP A 56 4.23 6.67 18.66
CA ASP A 56 3.22 7.50 17.99
C ASP A 56 3.87 8.71 17.26
N GLU A 57 5.21 8.68 17.13
CA GLU A 57 5.97 9.70 16.37
C GLU A 57 5.98 9.38 14.85
N LEU A 58 5.10 8.45 14.43
CA LEU A 58 4.95 8.08 13.03
C LEU A 58 4.10 9.13 12.27
N GLY A 59 2.80 9.18 12.56
CA GLY A 59 1.86 10.07 11.86
C GLY A 59 0.67 9.29 11.32
N GLN A 60 -0.52 9.60 11.86
CA GLN A 60 -1.77 8.84 11.63
C GLN A 60 -2.07 8.58 10.14
N VAL A 61 -2.06 9.66 9.32
CA VAL A 61 -2.37 9.58 7.87
C VAL A 61 -1.49 8.53 7.15
N GLY A 62 -0.19 8.51 7.50
CA GLY A 62 0.76 7.57 6.93
C GLY A 62 0.58 6.16 7.47
N GLN A 63 0.18 6.06 8.75
CA GLN A 63 -0.02 4.76 9.44
C GLN A 63 -1.22 3.99 8.86
N ASP A 64 -2.35 4.70 8.64
CA ASP A 64 -3.57 4.14 8.03
C ASP A 64 -3.27 3.75 6.57
N GLU A 65 -2.44 4.57 5.90
CA GLU A 65 -1.99 4.33 4.52
C GLU A 65 -1.15 3.05 4.44
N LEU A 66 -0.17 2.91 5.35
CA LEU A 66 0.72 1.72 5.47
C LEU A 66 -0.11 0.45 5.67
N ARG A 67 -1.07 0.55 6.60
CA ARG A 67 -1.94 -0.58 6.98
C ARG A 67 -2.78 -1.03 5.77
N ALA A 68 -3.21 -0.05 4.96
CA ALA A 68 -4.02 -0.27 3.75
C ALA A 68 -3.16 -0.86 2.59
N ILE A 69 -1.92 -0.35 2.47
CA ILE A 69 -0.99 -0.74 1.38
C ILE A 69 -0.45 -2.15 1.62
N ASP A 70 0.15 -2.36 2.81
CA ASP A 70 0.67 -3.68 3.25
C ASP A 70 -0.43 -4.75 3.29
N ALA A 71 -1.70 -4.32 3.56
CA ALA A 71 -2.88 -5.21 3.46
C ALA A 71 -3.07 -5.67 2.01
N ALA A 72 -3.13 -4.69 1.10
CA ALA A 72 -3.36 -4.92 -0.35
C ALA A 72 -2.24 -5.79 -0.96
N LEU A 73 -0.99 -5.53 -0.54
CA LEU A 73 0.22 -6.26 -0.98
C LEU A 73 0.21 -7.71 -0.47
N ALA A 74 -0.28 -7.90 0.76
CA ALA A 74 -0.48 -9.24 1.36
C ALA A 74 -1.54 -10.02 0.57
N ARG A 75 -2.53 -9.28 0.03
CA ARG A 75 -3.61 -9.86 -0.79
C ARG A 75 -3.15 -10.11 -2.24
N ILE A 76 -2.15 -9.35 -2.71
CA ILE A 76 -1.56 -9.56 -4.06
C ILE A 76 -0.73 -10.85 -4.05
N ALA A 77 0.15 -10.98 -3.04
CA ALA A 77 1.01 -12.16 -2.86
C ALA A 77 0.16 -13.41 -2.50
N SER A 78 -1.01 -13.18 -1.87
CA SER A 78 -2.02 -14.23 -1.60
C SER A 78 -2.78 -14.59 -2.89
N GLY A 79 -2.99 -13.58 -3.74
CA GLY A 79 -3.78 -13.72 -4.98
C GLY A 79 -5.27 -13.42 -4.78
N THR A 80 -5.63 -12.91 -3.58
CA THR A 80 -7.02 -12.52 -3.23
C THR A 80 -7.22 -11.00 -3.42
N PHE A 81 -6.23 -10.33 -4.05
CA PHE A 81 -6.35 -8.92 -4.47
C PHE A 81 -7.43 -8.79 -5.56
N GLY A 82 -8.27 -7.75 -5.43
CA GLY A 82 -9.47 -7.61 -6.25
C GLY A 82 -10.67 -8.31 -5.60
N THR A 83 -10.52 -8.69 -4.31
CA THR A 83 -11.61 -9.29 -3.50
C THR A 83 -11.79 -8.47 -2.20
N CYS A 84 -13.00 -7.92 -2.04
CA CYS A 84 -13.45 -7.29 -0.80
C CYS A 84 -13.82 -8.36 0.22
N VAL A 85 -12.83 -8.73 1.05
CA VAL A 85 -12.98 -9.78 2.09
C VAL A 85 -13.99 -9.39 3.18
N LYS A 86 -14.28 -8.07 3.29
CA LYS A 86 -15.21 -7.51 4.28
C LYS A 86 -16.67 -7.95 4.02
N CYS A 87 -16.97 -8.34 2.76
CA CYS A 87 -18.31 -8.86 2.37
C CYS A 87 -18.20 -10.08 1.44
N GLY A 88 -16.96 -10.62 1.27
CA GLY A 88 -16.69 -11.79 0.42
C GLY A 88 -16.96 -11.56 -1.07
N LYS A 89 -16.99 -10.27 -1.48
CA LYS A 89 -17.31 -9.84 -2.86
C LYS A 89 -16.04 -9.36 -3.59
N ARG A 90 -16.22 -8.82 -4.80
CA ARG A 90 -15.12 -8.24 -5.62
C ARG A 90 -14.83 -6.77 -5.24
N ILE A 91 -13.66 -6.29 -5.69
CA ILE A 91 -13.37 -4.85 -5.82
C ILE A 91 -13.53 -4.50 -7.32
N SER A 92 -14.06 -3.31 -7.63
CA SER A 92 -14.14 -2.82 -9.01
C SER A 92 -12.73 -2.46 -9.51
N GLU A 93 -12.41 -2.77 -10.79
CA GLU A 93 -11.12 -2.37 -11.41
C GLU A 93 -10.98 -0.83 -11.41
N ASP A 94 -12.12 -0.16 -11.62
CA ASP A 94 -12.23 1.32 -11.56
C ASP A 94 -11.79 1.84 -10.18
N ARG A 95 -12.20 1.10 -9.14
CA ARG A 95 -11.83 1.39 -7.75
C ARG A 95 -10.33 1.12 -7.52
N LEU A 96 -9.81 0.04 -8.11
CA LEU A 96 -8.41 -0.41 -7.94
C LEU A 96 -7.40 0.55 -8.61
N LYS A 97 -7.80 1.13 -9.74
CA LYS A 97 -6.95 2.07 -10.49
C LYS A 97 -7.01 3.47 -9.85
N ALA A 98 -8.15 3.76 -9.19
CA ALA A 98 -8.36 5.01 -8.43
C ALA A 98 -7.67 4.94 -7.05
N VAL A 99 -7.56 3.71 -6.51
CA VAL A 99 -6.94 3.41 -5.20
C VAL A 99 -6.69 1.88 -5.10
N PRO A 100 -5.43 1.41 -5.35
CA PRO A 100 -5.08 -0.04 -5.26
C PRO A 100 -4.89 -0.53 -3.81
N TYR A 101 -4.79 0.40 -2.85
CA TYR A 101 -4.59 0.05 -1.42
C TYR A 101 -5.91 -0.01 -0.65
N THR A 102 -7.04 -0.21 -1.36
CA THR A 102 -8.34 -0.44 -0.72
C THR A 102 -8.62 -1.98 -0.66
N PRO A 103 -8.64 -2.60 0.57
CA PRO A 103 -9.08 -4.00 0.74
C PRO A 103 -10.63 -4.14 0.74
N PHE A 104 -11.32 -2.99 0.66
CA PHE A 104 -12.80 -2.92 0.71
C PHE A 104 -13.34 -2.40 -0.63
N CYS A 105 -14.52 -2.89 -1.04
CA CYS A 105 -15.22 -2.42 -2.26
C CYS A 105 -15.85 -1.05 -1.94
N GLN A 106 -16.20 -0.26 -2.98
CA GLN A 106 -16.72 1.13 -2.79
C GLN A 106 -17.99 1.15 -1.90
N GLU A 107 -18.74 0.04 -1.96
CA GLU A 107 -19.93 -0.20 -1.16
C GLU A 107 -19.57 -0.20 0.35
N CYS A 108 -18.53 -0.99 0.70
CA CYS A 108 -18.00 -1.08 2.08
C CYS A 108 -17.28 0.22 2.49
N ALA A 109 -16.57 0.87 1.54
CA ALA A 109 -15.85 2.14 1.77
C ALA A 109 -16.81 3.26 2.19
N ALA A 110 -18.03 3.22 1.64
CA ALA A 110 -19.12 4.14 1.97
C ALA A 110 -19.86 3.70 3.26
N ALA A 111 -19.86 2.37 3.51
CA ALA A 111 -20.62 1.74 4.62
C ALA A 111 -19.69 1.29 5.78
N LEU A 112 -18.52 1.93 5.92
CA LEU A 112 -17.55 1.64 7.01
C LEU A 112 -18.16 1.96 8.40
N LEU A 1 -10.88 -17.04 -7.91
CA LEU A 1 -11.16 -16.06 -8.96
C LEU A 1 -9.97 -15.09 -9.07
N ALA A 2 -9.24 -15.18 -10.21
CA ALA A 2 -8.13 -14.27 -10.56
C ALA A 2 -7.84 -14.37 -12.08
N GLY A 3 -8.81 -14.96 -12.84
CA GLY A 3 -8.66 -15.24 -14.26
C GLY A 3 -8.63 -13.98 -15.12
N GLY A 4 -7.73 -13.95 -16.12
CA GLY A 4 -7.53 -12.81 -17.00
C GLY A 4 -6.55 -11.79 -16.41
N LYS A 5 -5.69 -11.21 -17.26
CA LYS A 5 -4.67 -10.20 -16.87
C LYS A 5 -5.12 -8.77 -17.24
N SER A 6 -6.43 -8.60 -17.51
CA SER A 6 -7.02 -7.33 -17.98
C SER A 6 -6.83 -6.20 -16.96
N MET A 7 -7.09 -6.51 -15.68
CA MET A 7 -6.90 -5.56 -14.56
C MET A 7 -5.40 -5.34 -14.30
N ASN A 8 -4.62 -6.44 -14.43
CA ASN A 8 -3.16 -6.50 -14.22
C ASN A 8 -2.77 -6.02 -12.80
N VAL A 9 -2.51 -7.00 -11.93
CA VAL A 9 -2.14 -6.76 -10.53
C VAL A 9 -0.70 -6.19 -10.43
N GLU A 10 0.17 -6.51 -11.42
CA GLU A 10 1.61 -6.14 -11.38
C GLU A 10 1.84 -4.61 -11.26
N SER A 11 1.05 -3.84 -12.02
CA SER A 11 1.09 -2.36 -11.99
C SER A 11 0.80 -1.83 -10.57
N TYR A 12 -0.21 -2.45 -9.94
CA TYR A 12 -0.63 -2.11 -8.58
C TYR A 12 0.42 -2.56 -7.55
N GLU A 13 1.01 -3.73 -7.81
CA GLU A 13 2.00 -4.37 -6.93
C GLU A 13 3.20 -3.41 -6.72
N LYS A 14 3.80 -3.00 -7.85
CA LYS A 14 5.00 -2.14 -7.85
C LYS A 14 4.73 -0.72 -7.28
N ILE A 15 3.57 -0.12 -7.64
CA ILE A 15 3.22 1.25 -7.19
C ILE A 15 2.96 1.27 -5.67
N LEU A 16 2.47 0.13 -5.14
CA LEU A 16 2.22 -0.07 -3.71
C LEU A 16 3.53 -0.24 -2.93
N ARG A 17 4.55 -0.86 -3.57
CA ARG A 17 5.89 -0.99 -2.98
C ARG A 17 6.52 0.40 -2.80
N ASP A 18 6.27 1.31 -3.77
CA ASP A 18 6.85 2.67 -3.76
C ASP A 18 6.00 3.59 -2.89
N ARG A 19 4.73 3.23 -2.74
CA ARG A 19 3.77 3.97 -1.92
C ARG A 19 4.08 3.76 -0.44
N GLN A 20 4.37 2.50 -0.07
CA GLN A 20 4.76 2.17 1.32
C GLN A 20 6.20 2.65 1.60
N ARG A 21 7.07 2.70 0.53
CA ARG A 21 8.43 3.29 0.64
C ARG A 21 8.33 4.73 1.16
N GLU A 22 7.57 5.56 0.40
CA GLU A 22 7.45 7.00 0.69
C GLU A 22 6.77 7.24 2.04
N LEU A 23 5.76 6.40 2.37
CA LEU A 23 5.05 6.49 3.65
C LEU A 23 5.98 6.16 4.81
N TYR A 24 6.68 5.00 4.74
CA TYR A 24 7.61 4.51 5.79
C TYR A 24 8.58 5.62 6.24
N ARG A 25 9.29 6.24 5.28
CA ARG A 25 10.28 7.31 5.57
C ARG A 25 9.62 8.67 5.94
N ARG A 26 8.39 8.88 5.45
CA ARG A 26 7.56 10.08 5.78
C ARG A 26 7.15 10.08 7.27
N LEU A 27 6.62 8.94 7.73
CA LEU A 27 6.14 8.77 9.11
C LEU A 27 7.31 8.50 10.07
N HIS A 28 8.42 7.96 9.53
CA HIS A 28 9.69 7.81 10.28
C HIS A 28 10.49 9.14 10.30
N LYS A 29 9.82 10.28 10.08
CA LYS A 29 10.41 11.65 10.16
C LYS A 29 11.22 11.88 11.47
N ILE A 30 10.82 11.19 12.56
CA ILE A 30 11.47 11.26 13.88
C ILE A 30 12.90 10.66 13.87
N GLU A 31 13.12 9.65 13.01
CA GLU A 31 14.37 8.85 12.97
C GLU A 31 15.04 8.92 11.57
N ALA A 32 14.35 9.56 10.61
CA ALA A 32 14.83 9.73 9.22
C ALA A 32 15.20 11.20 9.00
N ASP A 33 16.52 11.47 8.97
CA ASP A 33 17.06 12.83 8.83
C ASP A 33 17.08 13.23 7.35
N PHE A 34 15.88 13.59 6.85
CA PHE A 34 15.64 13.88 5.42
C PHE A 34 16.03 12.66 4.53
N GLU A 35 15.13 11.68 4.46
CA GLU A 35 15.29 10.52 3.55
C GLU A 35 14.65 10.86 2.19
N GLU A 36 13.77 11.91 2.21
CA GLU A 36 12.99 12.42 1.06
C GLU A 36 11.91 11.39 0.64
N PRO A 37 10.57 11.77 0.70
CA PRO A 37 9.44 10.84 0.39
C PRO A 37 9.60 10.12 -0.95
N ARG A 38 10.09 10.83 -1.96
CA ARG A 38 10.23 10.27 -3.32
C ARG A 38 11.52 10.77 -3.98
N ASN A 39 12.59 9.99 -3.82
CA ASN A 39 13.85 10.17 -4.55
C ASN A 39 13.64 9.66 -6.00
N PRO A 40 13.91 10.51 -7.05
CA PRO A 40 13.70 10.11 -8.46
C PRO A 40 14.65 8.97 -8.91
N ASP A 41 15.83 8.89 -8.26
CA ASP A 41 16.83 7.83 -8.51
C ASP A 41 16.81 6.88 -7.30
N ASP A 42 16.08 5.75 -7.43
CA ASP A 42 15.97 4.75 -6.35
C ASP A 42 17.26 3.93 -6.23
N GLU A 43 18.00 4.15 -5.13
CA GLU A 43 19.11 3.28 -4.74
C GLU A 43 18.55 2.04 -4.03
N ASP A 44 17.50 2.31 -3.21
CA ASP A 44 16.65 1.30 -2.54
C ASP A 44 17.36 0.59 -1.38
N ARG A 45 16.55 0.32 -0.33
CA ARG A 45 16.89 -0.54 0.79
C ARG A 45 15.76 -1.57 0.94
N ALA A 46 15.97 -2.78 0.40
CA ALA A 46 15.12 -3.96 0.66
C ALA A 46 15.49 -4.56 2.04
N SER A 47 15.46 -3.70 3.06
CA SER A 47 15.93 -3.99 4.41
C SER A 47 14.76 -4.51 5.26
N GLU A 48 15.06 -4.92 6.50
CA GLU A 48 14.04 -5.39 7.45
C GLU A 48 13.21 -4.22 8.01
N ARG A 49 12.05 -4.57 8.55
CA ARG A 49 11.06 -3.61 9.06
C ARG A 49 11.43 -3.20 10.49
N SER A 50 11.40 -4.19 11.41
CA SER A 50 11.79 -4.04 12.83
C SER A 50 10.88 -3.03 13.59
N ASN A 51 10.96 -3.08 14.94
CA ASN A 51 10.19 -2.17 15.84
C ASN A 51 8.67 -2.42 15.72
N ASP A 52 8.10 -3.19 16.68
CA ASP A 52 6.65 -3.51 16.70
C ASP A 52 5.81 -2.37 17.30
N GLU A 53 6.47 -1.30 17.76
CA GLU A 53 5.82 -0.11 18.33
C GLU A 53 4.93 0.59 17.28
N VAL A 54 3.70 0.93 17.68
CA VAL A 54 2.75 1.67 16.83
C VAL A 54 3.27 3.10 16.63
N LEU A 55 3.64 3.73 17.77
CA LEU A 55 4.26 5.06 17.86
C LEU A 55 3.37 6.16 17.24
N ASP A 56 2.79 7.00 18.11
CA ASP A 56 1.88 8.10 17.71
C ASP A 56 2.64 9.24 16.98
N GLU A 57 3.98 9.17 17.01
CA GLU A 57 4.85 10.14 16.32
C GLU A 57 5.01 9.78 14.82
N LEU A 58 4.47 8.62 14.42
CA LEU A 58 4.30 8.27 13.00
C LEU A 58 2.98 8.92 12.50
N GLY A 59 3.02 9.51 11.30
CA GLY A 59 1.82 10.11 10.69
C GLY A 59 0.69 9.08 10.51
N GLN A 60 -0.55 9.42 10.96
CA GLN A 60 -1.68 8.47 11.03
C GLN A 60 -2.16 8.04 9.63
N VAL A 61 -2.25 9.01 8.69
CA VAL A 61 -2.55 8.73 7.26
C VAL A 61 -1.48 7.80 6.67
N GLY A 62 -0.25 7.95 7.18
CA GLY A 62 0.85 7.09 6.83
C GLY A 62 0.62 5.66 7.29
N GLN A 63 0.38 5.49 8.61
CA GLN A 63 0.19 4.17 9.29
C GLN A 63 -1.00 3.39 8.70
N ASP A 64 -2.10 4.11 8.48
CA ASP A 64 -3.37 3.54 8.01
C ASP A 64 -3.22 3.02 6.58
N GLU A 65 -2.65 3.89 5.73
CA GLU A 65 -2.40 3.58 4.32
C GLU A 65 -1.29 2.52 4.20
N LEU A 66 -0.36 2.51 5.18
CA LEU A 66 0.77 1.57 5.25
C LEU A 66 0.23 0.14 5.43
N ARG A 67 -0.75 0.02 6.34
CA ARG A 67 -1.39 -1.26 6.68
C ARG A 67 -2.35 -1.70 5.57
N ALA A 68 -2.93 -0.71 4.86
CA ALA A 68 -3.79 -0.93 3.68
C ALA A 68 -2.97 -1.53 2.53
N ILE A 69 -1.75 -1.00 2.35
CA ILE A 69 -0.77 -1.49 1.36
C ILE A 69 -0.23 -2.85 1.79
N ASP A 70 -0.03 -3.02 3.11
CA ASP A 70 0.41 -4.29 3.70
C ASP A 70 -0.65 -5.39 3.47
N ALA A 71 -1.93 -4.98 3.53
CA ALA A 71 -3.09 -5.87 3.28
C ALA A 71 -3.26 -6.14 1.79
N ALA A 72 -2.94 -5.14 0.96
CA ALA A 72 -3.05 -5.22 -0.50
C ALA A 72 -2.00 -6.18 -1.08
N LEU A 73 -0.73 -5.93 -0.73
CA LEU A 73 0.43 -6.77 -1.12
C LEU A 73 0.30 -8.19 -0.55
N ALA A 74 -0.34 -8.31 0.63
CA ALA A 74 -0.69 -9.61 1.24
C ALA A 74 -1.62 -10.39 0.32
N ARG A 75 -2.69 -9.69 -0.14
CA ARG A 75 -3.70 -10.26 -1.07
C ARG A 75 -3.08 -10.61 -2.43
N ILE A 76 -2.04 -9.87 -2.86
CA ILE A 76 -1.34 -10.17 -4.13
C ILE A 76 -0.54 -11.48 -3.99
N ALA A 77 0.13 -11.62 -2.84
CA ALA A 77 0.89 -12.83 -2.48
C ALA A 77 -0.08 -14.02 -2.20
N SER A 78 -1.32 -13.69 -1.83
CA SER A 78 -2.40 -14.66 -1.55
C SER A 78 -3.25 -14.96 -2.81
N GLY A 79 -3.03 -14.21 -3.90
CA GLY A 79 -3.73 -14.41 -5.18
C GLY A 79 -5.21 -14.02 -5.12
N THR A 80 -5.54 -13.14 -4.17
CA THR A 80 -6.92 -12.64 -3.95
C THR A 80 -6.92 -11.09 -3.87
N PHE A 81 -5.98 -10.44 -4.58
CA PHE A 81 -5.99 -8.97 -4.73
C PHE A 81 -7.23 -8.53 -5.51
N GLY A 82 -7.71 -7.32 -5.18
CA GLY A 82 -8.94 -6.80 -5.74
C GLY A 82 -10.15 -7.54 -5.23
N THR A 83 -10.11 -7.91 -3.94
CA THR A 83 -11.23 -8.55 -3.25
C THR A 83 -11.51 -7.80 -1.93
N CYS A 84 -12.77 -7.35 -1.75
CA CYS A 84 -13.28 -6.81 -0.49
C CYS A 84 -13.34 -7.95 0.52
N VAL A 85 -12.44 -7.94 1.50
CA VAL A 85 -12.39 -8.94 2.60
C VAL A 85 -13.68 -8.87 3.46
N LYS A 86 -14.27 -7.67 3.50
CA LYS A 86 -15.48 -7.35 4.27
C LYS A 86 -16.77 -7.80 3.55
N CYS A 87 -16.62 -8.24 2.29
CA CYS A 87 -17.73 -8.78 1.47
C CYS A 87 -17.43 -10.22 0.98
N GLY A 88 -16.14 -10.57 0.92
CA GLY A 88 -15.68 -11.81 0.26
C GLY A 88 -15.99 -11.84 -1.25
N LYS A 89 -15.69 -10.72 -1.96
CA LYS A 89 -15.96 -10.61 -3.44
C LYS A 89 -15.12 -9.51 -4.10
N ARG A 90 -15.18 -9.48 -5.46
CA ARG A 90 -14.35 -8.63 -6.34
C ARG A 90 -14.61 -7.11 -6.16
N ILE A 91 -13.54 -6.33 -6.28
CA ILE A 91 -13.56 -4.85 -6.31
C ILE A 91 -13.66 -4.39 -7.78
N SER A 92 -14.30 -3.23 -8.01
CA SER A 92 -14.36 -2.61 -9.34
C SER A 92 -12.95 -2.14 -9.74
N GLU A 93 -12.60 -2.32 -11.04
CA GLU A 93 -11.28 -1.94 -11.56
C GLU A 93 -11.00 -0.43 -11.37
N ASP A 94 -12.07 0.38 -11.51
CA ASP A 94 -12.01 1.85 -11.36
C ASP A 94 -11.64 2.24 -9.93
N ARG A 95 -12.14 1.45 -8.97
CA ARG A 95 -11.81 1.63 -7.56
C ARG A 95 -10.32 1.34 -7.32
N LEU A 96 -9.79 0.28 -7.99
CA LEU A 96 -8.39 -0.17 -7.80
C LEU A 96 -7.38 0.75 -8.49
N LYS A 97 -7.77 1.37 -9.62
CA LYS A 97 -6.88 2.29 -10.35
C LYS A 97 -6.80 3.64 -9.61
N ALA A 98 -7.90 3.98 -8.88
CA ALA A 98 -7.98 5.20 -8.05
C ALA A 98 -7.33 4.97 -6.66
N VAL A 99 -7.48 3.74 -6.13
CA VAL A 99 -7.00 3.33 -4.81
C VAL A 99 -6.86 1.78 -4.76
N PRO A 100 -5.64 1.23 -5.10
CA PRO A 100 -5.42 -0.24 -5.12
C PRO A 100 -5.31 -0.87 -3.72
N TYR A 101 -4.85 -0.06 -2.74
CA TYR A 101 -4.56 -0.54 -1.37
C TYR A 101 -5.83 -0.73 -0.52
N THR A 102 -7.02 -0.40 -1.07
CA THR A 102 -8.29 -0.53 -0.33
C THR A 102 -8.60 -2.03 -0.02
N PRO A 103 -8.65 -2.44 1.30
CA PRO A 103 -9.03 -3.82 1.68
C PRO A 103 -10.55 -4.07 1.49
N PHE A 104 -11.30 -2.96 1.37
CA PHE A 104 -12.76 -2.95 1.26
C PHE A 104 -13.20 -2.47 -0.14
N CYS A 105 -14.51 -2.52 -0.41
CA CYS A 105 -15.09 -2.01 -1.67
C CYS A 105 -15.66 -0.61 -1.45
N GLN A 106 -16.12 0.05 -2.54
CA GLN A 106 -16.63 1.44 -2.50
C GLN A 106 -17.79 1.61 -1.49
N GLU A 107 -18.67 0.59 -1.43
CA GLU A 107 -19.83 0.58 -0.52
C GLU A 107 -19.38 0.57 0.95
N CYS A 108 -18.44 -0.35 1.29
CA CYS A 108 -17.84 -0.45 2.63
C CYS A 108 -17.03 0.82 2.97
N ALA A 109 -16.36 1.39 1.96
CA ALA A 109 -15.52 2.61 2.10
C ALA A 109 -16.41 3.84 2.41
N ALA A 110 -17.61 3.84 1.82
CA ALA A 110 -18.63 4.87 2.06
C ALA A 110 -19.35 4.64 3.40
N ALA A 111 -19.35 3.37 3.85
CA ALA A 111 -19.99 2.95 5.12
C ALA A 111 -19.00 3.01 6.31
N LEU A 112 -17.71 3.32 6.04
CA LEU A 112 -16.70 3.55 7.09
C LEU A 112 -17.02 4.87 7.85
N LEU A 1 -12.37 -15.53 -4.49
CA LEU A 1 -11.49 -14.44 -3.98
C LEU A 1 -10.18 -14.36 -4.80
N ALA A 2 -9.72 -15.51 -5.32
CA ALA A 2 -8.48 -15.61 -6.13
C ALA A 2 -8.63 -14.93 -7.49
N GLY A 3 -7.52 -14.38 -7.98
CA GLY A 3 -7.44 -13.69 -9.27
C GLY A 3 -6.03 -13.72 -9.85
N GLY A 4 -5.03 -13.78 -8.97
CA GLY A 4 -3.63 -13.91 -9.35
C GLY A 4 -3.00 -12.58 -9.74
N LYS A 5 -2.44 -12.51 -10.96
CA LYS A 5 -1.80 -11.31 -11.52
C LYS A 5 -2.63 -10.69 -12.65
N SER A 6 -3.77 -11.31 -12.97
CA SER A 6 -4.75 -10.78 -13.94
C SER A 6 -5.43 -9.51 -13.37
N MET A 7 -5.86 -8.60 -14.26
CA MET A 7 -6.40 -7.25 -13.89
C MET A 7 -5.26 -6.36 -13.33
N ASN A 8 -4.11 -6.40 -14.04
CA ASN A 8 -2.99 -5.44 -13.88
C ASN A 8 -2.40 -5.42 -12.46
N VAL A 9 -2.44 -6.58 -11.77
CA VAL A 9 -1.99 -6.68 -10.36
C VAL A 9 -0.49 -6.29 -10.20
N GLU A 10 0.33 -6.51 -11.27
CA GLU A 10 1.75 -6.09 -11.29
C GLU A 10 1.84 -4.56 -11.11
N SER A 11 1.03 -3.84 -11.90
CA SER A 11 0.96 -2.37 -11.86
C SER A 11 0.57 -1.87 -10.47
N TYR A 12 -0.41 -2.56 -9.85
CA TYR A 12 -0.90 -2.22 -8.50
C TYR A 12 0.13 -2.61 -7.42
N GLU A 13 0.88 -3.70 -7.67
CA GLU A 13 1.87 -4.26 -6.73
C GLU A 13 3.00 -3.26 -6.50
N LYS A 14 3.59 -2.82 -7.61
CA LYS A 14 4.73 -1.89 -7.61
C LYS A 14 4.32 -0.51 -7.07
N ILE A 15 3.16 0.05 -7.52
CA ILE A 15 2.74 1.41 -7.15
C ILE A 15 2.45 1.51 -5.63
N LEU A 16 1.95 0.39 -5.06
CA LEU A 16 1.71 0.26 -3.62
C LEU A 16 3.02 0.29 -2.84
N ARG A 17 4.02 -0.46 -3.32
CA ARG A 17 5.36 -0.49 -2.70
C ARG A 17 6.02 0.90 -2.75
N ASP A 18 5.98 1.55 -3.92
CA ASP A 18 6.51 2.93 -4.12
C ASP A 18 5.86 3.93 -3.13
N ARG A 19 4.52 3.86 -3.03
CA ARG A 19 3.73 4.73 -2.13
C ARG A 19 4.04 4.42 -0.65
N GLN A 20 4.32 3.15 -0.32
CA GLN A 20 4.65 2.76 1.06
C GLN A 20 6.12 3.09 1.39
N ARG A 21 6.99 3.20 0.36
CA ARG A 21 8.41 3.58 0.55
C ARG A 21 8.47 5.02 1.06
N GLU A 22 7.73 5.93 0.39
CA GLU A 22 7.68 7.35 0.78
C GLU A 22 6.99 7.52 2.15
N LEU A 23 5.95 6.70 2.44
CA LEU A 23 5.25 6.72 3.74
C LEU A 23 6.14 6.15 4.86
N TYR A 24 6.88 5.07 4.57
CA TYR A 24 7.76 4.39 5.57
C TYR A 24 8.86 5.35 6.03
N ARG A 25 9.61 5.93 5.09
CA ARG A 25 10.68 6.91 5.42
C ARG A 25 10.10 8.22 6.02
N ARG A 26 8.84 8.54 5.67
CA ARG A 26 8.12 9.72 6.21
C ARG A 26 7.87 9.58 7.72
N LEU A 27 7.36 8.41 8.14
CA LEU A 27 7.05 8.17 9.57
C LEU A 27 8.32 7.74 10.33
N HIS A 28 9.25 7.09 9.61
CA HIS A 28 10.58 6.71 10.16
C HIS A 28 11.61 7.84 9.93
N LYS A 29 11.14 9.09 9.72
CA LYS A 29 12.02 10.27 9.41
C LYS A 29 13.21 10.44 10.38
N ILE A 30 12.98 10.07 11.64
CA ILE A 30 14.00 10.10 12.71
C ILE A 30 15.21 9.17 12.40
N GLU A 31 14.93 7.96 11.88
CA GLU A 31 15.96 6.93 11.60
C GLU A 31 16.30 6.85 10.08
N ALA A 32 15.43 7.44 9.25
CA ALA A 32 15.58 7.46 7.78
C ALA A 32 15.79 8.92 7.33
N ASP A 33 16.80 9.52 7.97
CA ASP A 33 17.12 10.95 7.89
C ASP A 33 17.92 11.26 6.60
N PHE A 34 17.19 11.44 5.48
CA PHE A 34 17.76 11.89 4.18
C PHE A 34 16.67 12.67 3.41
N GLU A 35 16.37 13.89 3.87
CA GLU A 35 15.36 14.78 3.23
C GLU A 35 16.02 15.75 2.22
N GLU A 36 17.36 15.70 2.15
CA GLU A 36 18.18 16.62 1.35
C GLU A 36 17.93 16.37 -0.15
N PRO A 37 17.56 17.43 -0.97
CA PRO A 37 17.30 17.29 -2.42
C PRO A 37 18.51 16.71 -3.20
N ARG A 38 18.47 15.38 -3.39
CA ARG A 38 19.53 14.59 -4.05
C ARG A 38 20.88 14.70 -3.32
N ASN A 39 21.13 13.78 -2.39
CA ASN A 39 22.47 13.57 -1.80
C ASN A 39 23.34 12.84 -2.87
N PRO A 40 24.56 13.38 -3.22
CA PRO A 40 25.42 12.80 -4.29
C PRO A 40 26.03 11.43 -3.91
N ASP A 41 25.75 10.98 -2.67
CA ASP A 41 26.06 9.62 -2.20
C ASP A 41 24.84 9.08 -1.44
N ASP A 42 24.01 8.30 -2.15
CA ASP A 42 22.83 7.63 -1.57
C ASP A 42 23.08 6.09 -1.55
N GLU A 43 22.10 5.26 -2.05
CA GLU A 43 22.19 3.78 -2.06
C GLU A 43 22.25 3.23 -0.61
N ASP A 44 21.68 4.00 0.32
CA ASP A 44 21.74 3.70 1.76
C ASP A 44 20.34 3.84 2.37
N ARG A 45 19.72 2.70 2.70
CA ARG A 45 18.46 2.64 3.48
C ARG A 45 18.76 1.83 4.77
N ALA A 46 19.96 2.09 5.34
CA ALA A 46 20.50 1.35 6.51
C ALA A 46 19.73 1.69 7.80
N SER A 47 18.51 1.15 7.88
CA SER A 47 17.53 1.47 8.93
C SER A 47 16.31 0.54 8.77
N GLU A 48 15.39 0.58 9.77
CA GLU A 48 14.11 -0.18 9.78
C GLU A 48 14.37 -1.70 9.99
N ARG A 49 15.61 -2.05 10.43
CA ARG A 49 16.01 -3.46 10.72
C ARG A 49 15.35 -3.97 12.01
N SER A 50 14.92 -3.04 12.88
CA SER A 50 14.12 -3.36 14.07
C SER A 50 12.63 -3.28 13.71
N ASN A 51 12.09 -2.04 13.60
CA ASN A 51 10.67 -1.74 13.22
C ASN A 51 9.66 -2.41 14.21
N ASP A 52 10.16 -2.90 15.36
CA ASP A 52 9.39 -3.72 16.32
C ASP A 52 8.53 -2.82 17.22
N GLU A 53 9.06 -1.64 17.52
CA GLU A 53 8.38 -0.62 18.33
C GLU A 53 7.27 0.08 17.53
N VAL A 54 6.19 0.46 18.23
CA VAL A 54 5.03 1.13 17.62
C VAL A 54 5.40 2.58 17.25
N LEU A 55 5.94 3.31 18.27
CA LEU A 55 6.46 4.69 18.15
C LEU A 55 5.33 5.73 17.88
N ASP A 56 5.33 6.81 18.69
CA ASP A 56 4.33 7.91 18.63
C ASP A 56 4.72 8.99 17.60
N GLU A 57 5.97 8.94 17.11
CA GLU A 57 6.51 9.92 16.14
C GLU A 57 6.09 9.60 14.69
N LEU A 58 5.24 8.55 14.52
CA LEU A 58 4.67 8.20 13.22
C LEU A 58 3.38 9.01 12.99
N GLY A 59 3.00 9.21 11.72
CA GLY A 59 1.72 9.84 11.38
C GLY A 59 0.61 8.80 11.31
N GLN A 60 -0.56 9.12 11.89
CA GLN A 60 -1.74 8.20 11.99
C GLN A 60 -2.19 7.73 10.59
N VAL A 61 -2.40 8.70 9.69
CA VAL A 61 -2.80 8.46 8.29
C VAL A 61 -1.69 7.74 7.53
N GLY A 62 -0.44 8.03 7.89
CA GLY A 62 0.73 7.38 7.30
C GLY A 62 0.77 5.89 7.63
N GLN A 63 0.40 5.55 8.89
CA GLN A 63 0.40 4.15 9.41
C GLN A 63 -0.81 3.36 8.87
N ASP A 64 -1.96 4.04 8.77
CA ASP A 64 -3.24 3.40 8.40
C ASP A 64 -3.34 3.19 6.88
N GLU A 65 -2.82 4.17 6.13
CA GLU A 65 -2.72 4.06 4.66
C GLU A 65 -1.66 3.01 4.30
N LEU A 66 -0.59 2.96 5.13
CA LEU A 66 0.45 1.90 5.08
C LEU A 66 -0.19 0.52 5.27
N ARG A 67 -1.06 0.43 6.30
CA ARG A 67 -1.84 -0.79 6.65
C ARG A 67 -2.70 -1.26 5.46
N ALA A 68 -3.36 -0.29 4.79
CA ALA A 68 -4.22 -0.56 3.61
C ALA A 68 -3.38 -1.08 2.44
N ILE A 69 -2.17 -0.50 2.28
CA ILE A 69 -1.20 -0.90 1.25
C ILE A 69 -0.71 -2.34 1.50
N ASP A 70 -0.27 -2.60 2.74
CA ASP A 70 0.31 -3.89 3.17
C ASP A 70 -0.75 -5.01 3.20
N ALA A 71 -2.01 -4.63 3.44
CA ALA A 71 -3.16 -5.56 3.40
C ALA A 71 -3.38 -6.05 1.96
N ALA A 72 -3.33 -5.07 1.03
CA ALA A 72 -3.47 -5.32 -0.41
C ALA A 72 -2.29 -6.18 -0.93
N LEU A 73 -1.05 -5.81 -0.51
CA LEU A 73 0.20 -6.52 -0.89
C LEU A 73 0.23 -7.95 -0.32
N ALA A 74 -0.37 -8.13 0.87
CA ALA A 74 -0.51 -9.45 1.52
C ALA A 74 -1.35 -10.38 0.65
N ARG A 75 -2.43 -9.80 0.09
CA ARG A 75 -3.34 -10.52 -0.80
C ARG A 75 -2.73 -10.74 -2.20
N ILE A 76 -1.78 -9.88 -2.63
CA ILE A 76 -1.07 -10.10 -3.92
C ILE A 76 -0.18 -11.35 -3.81
N ALA A 77 0.55 -11.46 -2.69
CA ALA A 77 1.38 -12.63 -2.36
C ALA A 77 0.50 -13.88 -2.24
N SER A 78 -0.69 -13.70 -1.64
CA SER A 78 -1.68 -14.76 -1.45
C SER A 78 -2.47 -15.06 -2.75
N GLY A 79 -2.32 -14.21 -3.79
CA GLY A 79 -2.98 -14.41 -5.09
C GLY A 79 -4.47 -14.04 -5.08
N THR A 80 -4.92 -13.39 -4.00
CA THR A 80 -6.32 -12.96 -3.80
C THR A 80 -6.41 -11.42 -3.68
N PHE A 81 -5.47 -10.68 -4.31
CA PHE A 81 -5.54 -9.21 -4.46
C PHE A 81 -6.88 -8.76 -5.08
N GLY A 82 -7.32 -7.55 -4.67
CA GLY A 82 -8.54 -6.97 -5.14
C GLY A 82 -9.74 -7.71 -4.61
N THR A 83 -9.70 -8.09 -3.32
CA THR A 83 -10.82 -8.77 -2.65
C THR A 83 -11.22 -7.98 -1.40
N CYS A 84 -12.37 -7.34 -1.49
CA CYS A 84 -13.05 -6.67 -0.39
C CYS A 84 -13.43 -7.67 0.71
N VAL A 85 -12.58 -7.72 1.75
CA VAL A 85 -12.70 -8.69 2.86
C VAL A 85 -13.99 -8.49 3.68
N LYS A 86 -14.55 -7.27 3.62
CA LYS A 86 -15.76 -6.89 4.39
C LYS A 86 -17.02 -7.63 3.88
N CYS A 87 -17.01 -8.04 2.59
CA CYS A 87 -18.16 -8.77 1.98
C CYS A 87 -17.70 -10.00 1.18
N GLY A 88 -16.36 -10.28 1.22
CA GLY A 88 -15.76 -11.40 0.50
C GLY A 88 -15.93 -11.35 -1.01
N LYS A 89 -16.03 -10.13 -1.59
CA LYS A 89 -16.25 -9.93 -3.04
C LYS A 89 -15.06 -9.21 -3.68
N ARG A 90 -15.02 -9.23 -5.02
CA ARG A 90 -13.99 -8.54 -5.83
C ARG A 90 -14.13 -7.00 -5.71
N ILE A 91 -12.97 -6.31 -5.77
CA ILE A 91 -12.89 -4.85 -5.89
C ILE A 91 -12.98 -4.49 -7.38
N SER A 92 -13.63 -3.37 -7.71
CA SER A 92 -13.74 -2.85 -9.07
C SER A 92 -12.35 -2.40 -9.55
N GLU A 93 -12.00 -2.62 -10.83
CA GLU A 93 -10.72 -2.11 -11.41
C GLU A 93 -10.73 -0.56 -11.37
N ASP A 94 -11.93 0.02 -11.45
CA ASP A 94 -12.19 1.46 -11.22
C ASP A 94 -11.71 1.88 -9.82
N ARG A 95 -12.18 1.14 -8.80
CA ARG A 95 -11.84 1.41 -7.40
C ARG A 95 -10.32 1.21 -7.18
N LEU A 96 -9.73 0.23 -7.89
CA LEU A 96 -8.29 -0.10 -7.78
C LEU A 96 -7.41 0.97 -8.45
N LYS A 97 -7.84 1.48 -9.62
CA LYS A 97 -7.05 2.47 -10.38
C LYS A 97 -7.15 3.85 -9.70
N ALA A 98 -8.28 4.07 -9.01
CA ALA A 98 -8.51 5.26 -8.17
C ALA A 98 -7.71 5.17 -6.86
N VAL A 99 -7.74 3.98 -6.24
CA VAL A 99 -7.08 3.69 -4.96
C VAL A 99 -6.71 2.18 -4.91
N PRO A 100 -5.42 1.80 -5.19
CA PRO A 100 -4.97 0.37 -5.16
C PRO A 100 -5.00 -0.25 -3.74
N TYR A 101 -4.91 0.60 -2.72
CA TYR A 101 -4.90 0.21 -1.29
C TYR A 101 -6.32 0.24 -0.70
N THR A 102 -7.25 -0.46 -1.37
CA THR A 102 -8.66 -0.52 -0.97
C THR A 102 -9.03 -1.96 -0.48
N PRO A 103 -9.15 -2.17 0.88
CA PRO A 103 -9.72 -3.41 1.45
C PRO A 103 -11.27 -3.44 1.33
N PHE A 104 -11.88 -2.29 0.94
CA PHE A 104 -13.35 -2.12 0.90
C PHE A 104 -13.81 -1.63 -0.48
N CYS A 105 -14.62 -2.46 -1.18
CA CYS A 105 -15.23 -2.11 -2.48
C CYS A 105 -16.19 -0.93 -2.29
N GLN A 106 -16.52 -0.19 -3.38
CA GLN A 106 -17.24 1.12 -3.34
C GLN A 106 -18.47 1.10 -2.38
N GLU A 107 -19.21 -0.03 -2.38
CA GLU A 107 -20.36 -0.28 -1.48
C GLU A 107 -19.95 -0.17 0.01
N CYS A 108 -18.92 -0.94 0.37
CA CYS A 108 -18.40 -1.05 1.75
C CYS A 108 -17.63 0.21 2.18
N ALA A 109 -16.97 0.86 1.21
CA ALA A 109 -16.25 2.13 1.42
C ALA A 109 -17.22 3.25 1.79
N ALA A 110 -18.40 3.25 1.15
CA ALA A 110 -19.50 4.18 1.47
C ALA A 110 -20.18 3.78 2.79
N ALA A 111 -20.17 2.47 3.10
CA ALA A 111 -20.78 1.90 4.32
C ALA A 111 -19.88 2.08 5.57
N LEU A 112 -18.65 2.60 5.38
CA LEU A 112 -17.75 2.93 6.50
C LEU A 112 -18.31 4.15 7.28
N LEU A 1 1.95 -22.26 -7.37
CA LEU A 1 0.92 -21.29 -6.96
C LEU A 1 -0.01 -20.98 -8.14
N ALA A 2 -1.32 -21.23 -7.96
CA ALA A 2 -2.36 -20.87 -8.95
C ALA A 2 -2.90 -19.48 -8.63
N GLY A 3 -3.19 -18.69 -9.68
CA GLY A 3 -3.69 -17.34 -9.52
C GLY A 3 -3.85 -16.63 -10.86
N GLY A 4 -5.11 -16.34 -11.22
CA GLY A 4 -5.43 -15.55 -12.41
C GLY A 4 -5.36 -14.07 -12.12
N LYS A 5 -4.22 -13.43 -12.51
CA LYS A 5 -3.94 -11.99 -12.28
C LYS A 5 -5.03 -11.14 -12.96
N SER A 6 -5.34 -11.51 -14.23
CA SER A 6 -6.36 -10.86 -15.09
C SER A 6 -5.93 -9.41 -15.44
N MET A 7 -6.05 -8.52 -14.45
CA MET A 7 -5.62 -7.12 -14.56
C MET A 7 -4.09 -7.02 -14.38
N ASN A 8 -3.56 -5.80 -14.57
CA ASN A 8 -2.14 -5.51 -14.33
C ASN A 8 -1.92 -5.35 -12.81
N VAL A 9 -1.84 -6.49 -12.11
CA VAL A 9 -1.64 -6.55 -10.66
C VAL A 9 -0.23 -6.03 -10.31
N GLU A 10 0.75 -6.30 -11.19
CA GLU A 10 2.15 -5.86 -11.01
C GLU A 10 2.27 -4.32 -11.05
N SER A 11 1.38 -3.66 -11.82
CA SER A 11 1.30 -2.20 -11.84
C SER A 11 0.84 -1.67 -10.47
N TYR A 12 -0.19 -2.34 -9.91
CA TYR A 12 -0.71 -2.04 -8.56
C TYR A 12 0.32 -2.39 -7.50
N GLU A 13 1.07 -3.47 -7.73
CA GLU A 13 2.06 -4.01 -6.81
C GLU A 13 3.18 -2.97 -6.60
N LYS A 14 3.79 -2.54 -7.72
CA LYS A 14 4.97 -1.65 -7.69
C LYS A 14 4.61 -0.22 -7.25
N ILE A 15 3.41 0.27 -7.62
CA ILE A 15 2.96 1.62 -7.22
C ILE A 15 2.75 1.66 -5.70
N LEU A 16 2.31 0.51 -5.13
CA LEU A 16 2.12 0.32 -3.68
C LEU A 16 3.46 0.14 -2.95
N ARG A 17 4.43 -0.51 -3.61
CA ARG A 17 5.81 -0.65 -3.09
C ARG A 17 6.42 0.73 -2.82
N ASP A 18 6.33 1.61 -3.82
CA ASP A 18 6.88 2.99 -3.74
C ASP A 18 6.02 3.88 -2.86
N ARG A 19 4.72 3.58 -2.80
CA ARG A 19 3.76 4.38 -2.01
C ARG A 19 4.00 4.17 -0.52
N GLN A 20 4.24 2.91 -0.12
CA GLN A 20 4.55 2.56 1.27
C GLN A 20 5.96 3.05 1.61
N ARG A 21 6.89 3.10 0.61
CA ARG A 21 8.28 3.54 0.82
C ARG A 21 8.36 5.05 1.14
N GLU A 22 7.64 5.87 0.35
CA GLU A 22 7.57 7.34 0.57
C GLU A 22 6.92 7.65 1.93
N LEU A 23 5.88 6.86 2.29
CA LEU A 23 5.26 6.94 3.62
C LEU A 23 6.27 6.53 4.69
N TYR A 24 6.93 5.38 4.47
CA TYR A 24 7.85 4.76 5.45
C TYR A 24 8.98 5.73 5.83
N ARG A 25 9.58 6.37 4.83
CA ARG A 25 10.70 7.34 5.06
C ARG A 25 10.18 8.64 5.71
N ARG A 26 8.91 8.99 5.42
CA ARG A 26 8.24 10.15 6.03
C ARG A 26 8.00 9.95 7.55
N LEU A 27 7.29 8.86 7.89
CA LEU A 27 6.83 8.59 9.27
C LEU A 27 7.95 8.01 10.14
N HIS A 28 8.93 7.32 9.50
CA HIS A 28 10.18 6.90 10.18
C HIS A 28 11.23 8.04 10.12
N LYS A 29 10.75 9.30 10.20
CA LYS A 29 11.57 10.53 10.37
C LYS A 29 12.57 10.40 11.54
N ILE A 30 12.19 9.63 12.58
CA ILE A 30 12.99 9.42 13.80
C ILE A 30 14.27 8.59 13.55
N GLU A 31 14.27 7.75 12.49
CA GLU A 31 15.49 6.99 12.06
C GLU A 31 16.07 7.60 10.76
N ALA A 32 15.23 8.36 10.02
CA ALA A 32 15.63 9.01 8.76
C ALA A 32 16.43 10.28 9.09
N ASP A 33 17.72 10.27 8.75
CA ASP A 33 18.67 11.32 9.13
C ASP A 33 18.47 12.58 8.25
N PHE A 34 19.01 12.57 7.02
CA PHE A 34 18.95 13.71 6.08
C PHE A 34 18.96 13.22 4.63
N GLU A 35 18.11 12.22 4.33
CA GLU A 35 17.90 11.71 2.96
C GLU A 35 16.89 12.58 2.20
N GLU A 36 16.01 13.26 2.97
CA GLU A 36 14.85 14.04 2.47
C GLU A 36 13.74 13.09 1.94
N PRO A 37 12.55 13.00 2.63
CA PRO A 37 11.41 12.14 2.18
C PRO A 37 10.86 12.59 0.81
N ARG A 38 11.19 11.82 -0.24
CA ARG A 38 10.81 12.12 -1.64
C ARG A 38 9.81 11.08 -2.16
N ASN A 39 9.00 11.50 -3.15
CA ASN A 39 8.04 10.62 -3.86
C ASN A 39 8.77 9.90 -5.03
N PRO A 40 8.20 8.77 -5.59
CA PRO A 40 8.82 8.02 -6.71
C PRO A 40 8.89 8.84 -8.02
N ASP A 41 9.99 9.60 -8.18
CA ASP A 41 10.42 10.17 -9.48
C ASP A 41 11.67 9.40 -9.96
N ASP A 42 11.89 8.24 -9.33
CA ASP A 42 13.00 7.31 -9.62
C ASP A 42 12.60 6.37 -10.77
N GLU A 43 13.61 5.71 -11.40
CA GLU A 43 13.39 4.67 -12.42
C GLU A 43 12.56 3.51 -11.83
N ASP A 44 13.21 2.69 -10.98
CA ASP A 44 12.60 1.51 -10.33
C ASP A 44 13.64 0.79 -9.45
N ARG A 45 13.78 1.24 -8.19
CA ARG A 45 14.60 0.55 -7.16
C ARG A 45 13.71 0.16 -5.96
N ALA A 46 14.17 -0.86 -5.21
CA ALA A 46 13.43 -1.43 -4.05
C ALA A 46 13.91 -0.81 -2.70
N SER A 47 14.64 0.33 -2.79
CA SER A 47 15.29 0.98 -1.63
C SER A 47 14.25 1.47 -0.57
N GLU A 48 14.06 0.64 0.47
CA GLU A 48 12.99 0.79 1.48
C GLU A 48 13.52 1.37 2.80
N ARG A 49 12.58 1.94 3.60
CA ARG A 49 12.82 2.40 4.98
C ARG A 49 11.74 1.78 5.89
N SER A 50 11.48 0.47 5.66
CA SER A 50 10.38 -0.25 6.31
C SER A 50 10.59 -0.37 7.82
N ASN A 51 11.52 -1.25 8.24
CA ASN A 51 11.85 -1.50 9.66
C ASN A 51 10.61 -1.99 10.47
N ASP A 52 10.64 -3.28 10.86
CA ASP A 52 9.53 -3.94 11.58
C ASP A 52 9.48 -3.50 13.05
N GLU A 53 8.91 -2.31 13.24
CA GLU A 53 8.52 -1.76 14.54
C GLU A 53 7.47 -0.66 14.32
N VAL A 54 6.61 -0.39 15.32
CA VAL A 54 5.58 0.65 15.22
C VAL A 54 6.15 1.98 15.74
N LEU A 55 6.06 2.22 17.08
CA LEU A 55 6.39 3.51 17.74
C LEU A 55 5.35 4.60 17.35
N ASP A 56 4.84 5.36 18.35
CA ASP A 56 3.78 6.37 18.13
C ASP A 56 4.30 7.63 17.42
N GLU A 57 5.61 7.68 17.16
CA GLU A 57 6.27 8.82 16.49
C GLU A 57 6.24 8.69 14.96
N LEU A 58 5.33 7.85 14.42
CA LEU A 58 5.14 7.74 12.98
C LEU A 58 4.15 8.82 12.46
N GLY A 59 2.85 8.54 12.54
CA GLY A 59 1.81 9.47 12.05
C GLY A 59 0.55 8.74 11.59
N GLN A 60 -0.63 9.30 11.92
CA GLN A 60 -1.95 8.65 11.73
C GLN A 60 -2.21 8.23 10.25
N VAL A 61 -2.30 9.24 9.36
CA VAL A 61 -2.61 9.06 7.91
C VAL A 61 -1.56 8.15 7.24
N GLY A 62 -0.31 8.26 7.72
CA GLY A 62 0.79 7.44 7.24
C GLY A 62 0.56 5.96 7.55
N GLN A 63 0.32 5.64 8.84
CA GLN A 63 0.20 4.25 9.35
C GLN A 63 -1.05 3.55 8.82
N ASP A 64 -2.14 4.31 8.70
CA ASP A 64 -3.45 3.80 8.24
C ASP A 64 -3.37 3.43 6.76
N GLU A 65 -2.77 4.32 5.96
CA GLU A 65 -2.59 4.09 4.52
C GLU A 65 -1.53 2.98 4.30
N LEU A 66 -0.51 2.95 5.19
CA LEU A 66 0.62 1.99 5.16
C LEU A 66 0.09 0.54 5.29
N ARG A 67 -0.82 0.37 6.27
CA ARG A 67 -1.48 -0.93 6.56
C ARG A 67 -2.39 -1.34 5.40
N ALA A 68 -3.10 -0.36 4.82
CA ALA A 68 -4.01 -0.57 3.67
C ALA A 68 -3.24 -1.06 2.43
N ILE A 69 -2.05 -0.46 2.23
CA ILE A 69 -1.10 -0.81 1.17
C ILE A 69 -0.55 -2.23 1.41
N ASP A 70 -0.15 -2.48 2.66
CA ASP A 70 0.44 -3.76 3.09
C ASP A 70 -0.56 -4.92 2.98
N ALA A 71 -1.86 -4.61 3.20
CA ALA A 71 -2.96 -5.58 3.09
C ALA A 71 -3.17 -6.00 1.63
N ALA A 72 -3.14 -5.00 0.73
CA ALA A 72 -3.28 -5.20 -0.72
C ALA A 72 -2.12 -6.04 -1.28
N LEU A 73 -0.88 -5.62 -0.92
CA LEU A 73 0.38 -6.30 -1.32
C LEU A 73 0.47 -7.74 -0.81
N ALA A 74 -0.03 -7.96 0.43
CA ALA A 74 -0.09 -9.28 1.06
C ALA A 74 -0.98 -10.23 0.25
N ARG A 75 -2.11 -9.69 -0.20
CA ARG A 75 -3.11 -10.42 -0.98
C ARG A 75 -2.66 -10.66 -2.42
N ILE A 76 -1.73 -9.84 -2.94
CA ILE A 76 -1.10 -10.08 -4.25
C ILE A 76 -0.24 -11.36 -4.18
N ALA A 77 0.59 -11.44 -3.13
CA ALA A 77 1.47 -12.60 -2.86
C ALA A 77 0.65 -13.86 -2.49
N SER A 78 -0.52 -13.64 -1.86
CA SER A 78 -1.47 -14.71 -1.49
C SER A 78 -2.32 -15.14 -2.71
N GLY A 79 -2.47 -14.24 -3.70
CA GLY A 79 -3.28 -14.50 -4.91
C GLY A 79 -4.76 -14.13 -4.75
N THR A 80 -5.10 -13.48 -3.62
CA THR A 80 -6.48 -13.07 -3.31
C THR A 80 -6.59 -11.51 -3.29
N PHE A 81 -5.72 -10.84 -4.10
CA PHE A 81 -5.83 -9.40 -4.36
C PHE A 81 -7.14 -9.09 -5.10
N GLY A 82 -7.71 -7.91 -4.80
CA GLY A 82 -8.98 -7.49 -5.38
C GLY A 82 -10.17 -8.24 -4.77
N THR A 83 -10.05 -8.62 -3.49
CA THR A 83 -11.14 -9.28 -2.76
C THR A 83 -11.60 -8.41 -1.56
N CYS A 84 -12.82 -7.87 -1.67
CA CYS A 84 -13.48 -7.11 -0.60
C CYS A 84 -14.04 -8.05 0.45
N VAL A 85 -13.26 -8.26 1.52
CA VAL A 85 -13.57 -9.22 2.60
C VAL A 85 -14.86 -8.86 3.36
N LYS A 86 -15.17 -7.55 3.45
CA LYS A 86 -16.33 -7.03 4.21
C LYS A 86 -17.68 -7.57 3.67
N CYS A 87 -17.76 -7.82 2.35
CA CYS A 87 -18.95 -8.44 1.71
C CYS A 87 -18.60 -9.78 1.03
N GLY A 88 -17.32 -10.19 1.13
CA GLY A 88 -16.82 -11.41 0.48
C GLY A 88 -16.90 -11.35 -1.06
N LYS A 89 -16.99 -10.13 -1.62
CA LYS A 89 -17.15 -9.91 -3.08
C LYS A 89 -15.84 -9.40 -3.69
N ARG A 90 -15.86 -9.22 -5.02
CA ARG A 90 -14.73 -8.69 -5.79
C ARG A 90 -14.66 -7.14 -5.67
N ILE A 91 -13.43 -6.59 -5.65
CA ILE A 91 -13.20 -5.13 -5.78
C ILE A 91 -13.29 -4.77 -7.28
N SER A 92 -13.81 -3.58 -7.59
CA SER A 92 -13.92 -3.10 -9.00
C SER A 92 -12.54 -2.69 -9.53
N GLU A 93 -12.35 -2.85 -10.85
CA GLU A 93 -11.13 -2.39 -11.56
C GLU A 93 -10.97 -0.87 -11.43
N ASP A 94 -12.11 -0.16 -11.58
CA ASP A 94 -12.21 1.31 -11.42
C ASP A 94 -11.72 1.73 -10.02
N ARG A 95 -12.17 0.95 -9.03
CA ARG A 95 -11.83 1.15 -7.61
C ARG A 95 -10.32 0.94 -7.37
N LEU A 96 -9.75 -0.13 -7.99
CA LEU A 96 -8.32 -0.52 -7.81
C LEU A 96 -7.35 0.45 -8.49
N LYS A 97 -7.76 1.04 -9.62
CA LYS A 97 -6.90 1.99 -10.36
C LYS A 97 -6.96 3.38 -9.71
N ALA A 98 -8.10 3.67 -9.05
CA ALA A 98 -8.33 4.93 -8.32
C ALA A 98 -7.67 4.89 -6.93
N VAL A 99 -7.66 3.68 -6.33
CA VAL A 99 -7.07 3.41 -5.02
C VAL A 99 -6.73 1.89 -4.94
N PRO A 100 -5.45 1.48 -5.21
CA PRO A 100 -5.04 0.04 -5.17
C PRO A 100 -4.89 -0.53 -3.75
N TYR A 101 -4.96 0.36 -2.74
CA TYR A 101 -4.79 -0.01 -1.32
C TYR A 101 -6.14 0.00 -0.58
N THR A 102 -7.15 -0.59 -1.21
CA THR A 102 -8.51 -0.63 -0.66
C THR A 102 -8.95 -2.10 -0.39
N PRO A 103 -8.90 -2.57 0.90
CA PRO A 103 -9.39 -3.93 1.30
C PRO A 103 -10.90 -4.11 1.10
N PHE A 104 -11.66 -2.99 1.12
CA PHE A 104 -13.14 -2.97 0.98
C PHE A 104 -13.52 -2.26 -0.33
N CYS A 105 -14.64 -2.67 -0.97
CA CYS A 105 -15.07 -2.08 -2.24
C CYS A 105 -15.86 -0.79 -1.97
N GLN A 106 -16.09 0.03 -3.02
CA GLN A 106 -16.50 1.46 -2.90
C GLN A 106 -17.65 1.71 -1.91
N GLU A 107 -18.67 0.83 -1.92
CA GLU A 107 -19.88 1.01 -1.06
C GLU A 107 -19.64 0.50 0.38
N CYS A 108 -18.69 -0.43 0.53
CA CYS A 108 -18.23 -0.95 1.84
C CYS A 108 -17.32 0.06 2.55
N ALA A 109 -16.59 0.87 1.75
CA ALA A 109 -15.76 1.97 2.25
C ALA A 109 -16.65 3.19 2.59
N ALA A 110 -17.71 3.36 1.80
CA ALA A 110 -18.75 4.39 2.03
C ALA A 110 -19.64 4.03 3.23
N ALA A 111 -19.67 2.73 3.57
CA ALA A 111 -20.40 2.20 4.74
C ALA A 111 -19.68 2.54 6.06
N LEU A 112 -18.36 2.73 5.99
CA LEU A 112 -17.50 3.04 7.17
C LEU A 112 -17.88 4.41 7.77
N LEU A 1 5.68 -5.74 -16.71
CA LEU A 1 5.68 -4.27 -16.53
C LEU A 1 4.45 -3.68 -17.27
N ALA A 2 3.51 -3.11 -16.48
CA ALA A 2 2.26 -2.45 -16.95
C ALA A 2 1.16 -3.46 -17.36
N GLY A 3 1.56 -4.68 -17.75
CA GLY A 3 0.62 -5.72 -18.20
C GLY A 3 0.05 -5.47 -19.59
N GLY A 4 0.47 -4.36 -20.24
CA GLY A 4 -0.07 -3.91 -21.51
C GLY A 4 -1.39 -3.15 -21.36
N LYS A 5 -2.37 -3.82 -20.72
CA LYS A 5 -3.74 -3.30 -20.56
C LYS A 5 -4.38 -3.93 -19.31
N SER A 6 -5.72 -3.73 -19.17
CA SER A 6 -6.56 -4.43 -18.17
C SER A 6 -6.26 -3.94 -16.72
N MET A 7 -6.87 -4.63 -15.74
CA MET A 7 -6.70 -4.36 -14.31
C MET A 7 -5.20 -4.48 -13.90
N ASN A 8 -4.67 -5.70 -14.08
CA ASN A 8 -3.27 -6.07 -13.81
C ASN A 8 -2.85 -5.79 -12.34
N VAL A 9 -2.78 -6.87 -11.55
CA VAL A 9 -2.35 -6.83 -10.14
C VAL A 9 -0.90 -6.27 -10.02
N GLU A 10 -0.05 -6.58 -11.02
CA GLU A 10 1.37 -6.15 -11.08
C GLU A 10 1.52 -4.61 -11.02
N SER A 11 0.67 -3.89 -11.80
CA SER A 11 0.66 -2.40 -11.82
C SER A 11 0.41 -1.86 -10.41
N TYR A 12 -0.50 -2.52 -9.68
CA TYR A 12 -0.88 -2.15 -8.32
C TYR A 12 0.21 -2.56 -7.31
N GLU A 13 0.87 -3.70 -7.58
CA GLU A 13 1.91 -4.27 -6.72
C GLU A 13 3.05 -3.25 -6.52
N LYS A 14 3.58 -2.76 -7.65
CA LYS A 14 4.71 -1.83 -7.66
C LYS A 14 4.32 -0.43 -7.15
N ILE A 15 3.13 0.11 -7.56
CA ILE A 15 2.71 1.48 -7.16
C ILE A 15 2.54 1.55 -5.64
N LEU A 16 2.06 0.43 -5.04
CA LEU A 16 1.92 0.29 -3.60
C LEU A 16 3.29 0.34 -2.90
N ARG A 17 4.27 -0.37 -3.48
CA ARG A 17 5.64 -0.38 -2.96
C ARG A 17 6.30 1.01 -3.02
N ASP A 18 6.20 1.69 -4.16
CA ASP A 18 6.80 3.04 -4.35
C ASP A 18 6.17 4.08 -3.40
N ARG A 19 4.84 4.01 -3.28
CA ARG A 19 4.06 4.92 -2.41
C ARG A 19 4.35 4.66 -0.93
N GLN A 20 4.49 3.37 -0.55
CA GLN A 20 4.75 3.00 0.86
C GLN A 20 6.17 3.40 1.27
N ARG A 21 7.15 3.30 0.33
CA ARG A 21 8.59 3.57 0.60
C ARG A 21 8.84 5.07 0.86
N GLU A 22 8.19 5.94 0.06
CA GLU A 22 8.26 7.40 0.28
C GLU A 22 7.56 7.78 1.61
N LEU A 23 6.48 7.02 1.95
CA LEU A 23 5.79 7.17 3.23
C LEU A 23 6.66 6.66 4.39
N TYR A 24 7.42 5.56 4.18
CA TYR A 24 8.25 4.95 5.25
C TYR A 24 9.32 5.94 5.74
N ARG A 25 9.99 6.61 4.78
CA ARG A 25 11.03 7.62 5.10
C ARG A 25 10.38 8.90 5.70
N ARG A 26 9.13 9.20 5.27
CA ARG A 26 8.34 10.33 5.77
C ARG A 26 8.04 10.18 7.28
N LEU A 27 7.35 9.09 7.67
CA LEU A 27 6.87 8.90 9.07
C LEU A 27 7.99 8.38 10.01
N HIS A 28 9.03 7.72 9.44
CA HIS A 28 10.23 7.28 10.21
C HIS A 28 11.31 8.38 10.15
N LYS A 29 10.88 9.65 10.00
CA LYS A 29 11.75 10.84 9.89
C LYS A 29 12.84 10.93 11.01
N ILE A 30 12.51 10.37 12.20
CA ILE A 30 13.39 10.39 13.39
C ILE A 30 14.71 9.62 13.14
N GLU A 31 14.62 8.52 12.39
CA GLU A 31 15.76 7.64 12.08
C GLU A 31 16.22 7.83 10.62
N ALA A 32 15.28 8.28 9.75
CA ALA A 32 15.48 8.41 8.31
C ALA A 32 15.97 9.82 7.98
N ASP A 33 17.26 9.95 7.63
CA ASP A 33 17.87 11.21 7.18
C ASP A 33 17.33 11.60 5.78
N PHE A 34 16.83 10.60 5.03
CA PHE A 34 16.16 10.80 3.74
C PHE A 34 14.74 11.34 3.95
N GLU A 35 14.59 12.67 3.88
CA GLU A 35 13.27 13.33 3.79
C GLU A 35 12.78 13.20 2.35
N GLU A 36 13.58 13.81 1.43
CA GLU A 36 13.36 13.79 -0.02
C GLU A 36 12.01 14.43 -0.42
N PRO A 37 12.00 15.76 -0.76
CA PRO A 37 10.78 16.45 -1.30
C PRO A 37 10.47 16.01 -2.76
N ARG A 38 9.72 16.84 -3.51
CA ARG A 38 9.33 16.53 -4.91
C ARG A 38 10.55 16.63 -5.84
N ASN A 39 11.20 15.48 -6.06
CA ASN A 39 12.31 15.31 -7.00
C ASN A 39 11.86 14.36 -8.14
N PRO A 40 12.38 14.53 -9.40
CA PRO A 40 12.14 13.55 -10.48
C PRO A 40 12.65 12.15 -10.08
N ASP A 41 13.93 12.11 -9.64
CA ASP A 41 14.66 10.87 -9.24
C ASP A 41 14.85 9.92 -10.46
N ASP A 42 15.71 8.92 -10.30
CA ASP A 42 15.98 7.90 -11.36
C ASP A 42 14.98 6.74 -11.26
N GLU A 43 14.74 6.25 -10.02
CA GLU A 43 13.81 5.14 -9.71
C GLU A 43 13.73 4.92 -8.19
N ASP A 44 14.91 5.08 -7.53
CA ASP A 44 15.18 4.68 -6.13
C ASP A 44 15.11 3.14 -6.01
N ARG A 45 16.27 2.54 -5.78
CA ARG A 45 16.44 1.10 -5.55
C ARG A 45 17.39 0.89 -4.33
N ALA A 46 17.77 2.02 -3.68
CA ALA A 46 18.71 2.03 -2.56
C ALA A 46 18.00 1.90 -1.21
N SER A 47 16.73 2.40 -1.13
CA SER A 47 15.90 2.29 0.10
C SER A 47 15.47 0.83 0.31
N GLU A 48 16.35 0.10 1.02
CA GLU A 48 16.16 -1.30 1.42
C GLU A 48 15.60 -1.36 2.88
N ARG A 49 15.74 -2.54 3.53
CA ARG A 49 15.38 -2.77 4.96
C ARG A 49 13.85 -2.80 5.18
N SER A 50 13.33 -3.94 5.63
CA SER A 50 11.95 -4.05 6.10
C SER A 50 11.89 -3.60 7.58
N ASN A 51 11.16 -2.50 7.85
CA ASN A 51 11.03 -1.93 9.20
C ASN A 51 10.23 -2.86 10.13
N ASP A 52 10.96 -3.68 10.91
CA ASP A 52 10.38 -4.52 11.97
C ASP A 52 9.89 -3.63 13.12
N GLU A 53 10.65 -2.56 13.36
CA GLU A 53 10.28 -1.46 14.28
C GLU A 53 9.07 -0.71 13.75
N VAL A 54 8.07 -0.50 14.62
CA VAL A 54 6.94 0.38 14.33
C VAL A 54 7.30 1.79 14.83
N LEU A 55 7.36 1.94 16.18
CA LEU A 55 7.64 3.22 16.89
C LEU A 55 6.54 4.26 16.54
N ASP A 56 5.64 4.53 17.52
CA ASP A 56 4.40 5.31 17.33
C ASP A 56 4.62 6.82 17.00
N GLU A 57 5.86 7.22 16.67
CA GLU A 57 6.15 8.56 16.11
C GLU A 57 5.76 8.64 14.62
N LEU A 58 5.30 7.50 14.06
CA LEU A 58 4.70 7.47 12.71
C LEU A 58 3.31 8.12 12.77
N GLY A 59 2.99 8.97 11.79
CA GLY A 59 1.71 9.71 11.76
C GLY A 59 0.52 8.80 11.50
N GLN A 60 -0.66 9.16 12.06
CA GLN A 60 -1.91 8.35 12.00
C GLN A 60 -2.25 7.92 10.56
N VAL A 61 -2.48 8.93 9.67
CA VAL A 61 -2.82 8.68 8.24
C VAL A 61 -1.77 7.81 7.55
N GLY A 62 -0.48 7.99 7.94
CA GLY A 62 0.61 7.20 7.41
C GLY A 62 0.55 5.74 7.84
N GLN A 63 0.20 5.50 9.13
CA GLN A 63 0.14 4.14 9.72
C GLN A 63 -1.03 3.33 9.11
N ASP A 64 -2.20 3.99 8.97
CA ASP A 64 -3.41 3.40 8.38
C ASP A 64 -3.21 3.15 6.88
N GLU A 65 -2.43 4.04 6.24
CA GLU A 65 -2.12 3.95 4.81
C GLU A 65 -1.21 2.75 4.55
N LEU A 66 -0.16 2.63 5.39
CA LEU A 66 0.79 1.48 5.39
C LEU A 66 0.04 0.18 5.68
N ARG A 67 -0.93 0.24 6.60
CA ARG A 67 -1.72 -0.93 7.01
C ARG A 67 -2.56 -1.44 5.82
N ALA A 68 -3.11 -0.49 5.04
CA ALA A 68 -3.92 -0.79 3.84
C ALA A 68 -3.03 -1.30 2.69
N ILE A 69 -1.86 -0.65 2.50
CA ILE A 69 -0.92 -0.98 1.41
C ILE A 69 -0.36 -2.39 1.61
N ASP A 70 0.24 -2.61 2.79
CA ASP A 70 0.85 -3.90 3.18
C ASP A 70 -0.19 -5.02 3.33
N ALA A 71 -1.48 -4.65 3.62
CA ALA A 71 -2.60 -5.61 3.60
C ALA A 71 -2.82 -6.11 2.18
N ALA A 72 -2.93 -5.14 1.25
CA ALA A 72 -3.17 -5.38 -0.19
C ALA A 72 -2.01 -6.21 -0.79
N LEU A 73 -0.76 -5.86 -0.42
CA LEU A 73 0.47 -6.54 -0.88
C LEU A 73 0.52 -8.01 -0.38
N ALA A 74 0.07 -8.22 0.87
CA ALA A 74 -0.05 -9.57 1.48
C ALA A 74 -1.11 -10.41 0.74
N ARG A 75 -2.19 -9.73 0.32
CA ARG A 75 -3.30 -10.34 -0.43
C ARG A 75 -2.89 -10.64 -1.89
N ILE A 76 -1.91 -9.88 -2.43
CA ILE A 76 -1.34 -10.14 -3.77
C ILE A 76 -0.59 -11.47 -3.76
N ALA A 77 0.28 -11.64 -2.75
CA ALA A 77 1.08 -12.86 -2.56
C ALA A 77 0.17 -14.07 -2.25
N SER A 78 -0.92 -13.82 -1.50
CA SER A 78 -1.93 -14.84 -1.15
C SER A 78 -2.89 -15.12 -2.34
N GLY A 79 -2.88 -14.22 -3.34
CA GLY A 79 -3.70 -14.38 -4.57
C GLY A 79 -5.14 -13.90 -4.40
N THR A 80 -5.45 -13.31 -3.25
CA THR A 80 -6.81 -12.83 -2.87
C THR A 80 -6.92 -11.28 -2.99
N PHE A 81 -5.94 -10.65 -3.68
CA PHE A 81 -6.03 -9.22 -4.06
C PHE A 81 -7.16 -9.02 -5.09
N GLY A 82 -7.74 -7.81 -5.08
CA GLY A 82 -8.86 -7.47 -5.95
C GLY A 82 -10.14 -8.16 -5.49
N THR A 83 -10.17 -8.58 -4.21
CA THR A 83 -11.33 -9.23 -3.57
C THR A 83 -11.68 -8.50 -2.26
N CYS A 84 -12.84 -7.82 -2.26
CA CYS A 84 -13.43 -7.19 -1.07
C CYS A 84 -13.98 -8.27 -0.12
N VAL A 85 -13.13 -8.67 0.82
CA VAL A 85 -13.41 -9.70 1.83
C VAL A 85 -14.60 -9.32 2.76
N LYS A 86 -14.87 -8.01 2.88
CA LYS A 86 -15.92 -7.49 3.79
C LYS A 86 -17.35 -7.78 3.26
N CYS A 87 -17.46 -8.17 1.98
CA CYS A 87 -18.75 -8.63 1.39
C CYS A 87 -18.58 -9.88 0.50
N GLY A 88 -17.35 -10.43 0.46
CA GLY A 88 -17.03 -11.61 -0.38
C GLY A 88 -17.14 -11.34 -1.88
N LYS A 89 -17.14 -10.04 -2.26
CA LYS A 89 -17.26 -9.59 -3.66
C LYS A 89 -15.87 -9.20 -4.18
N ARG A 90 -15.75 -9.06 -5.51
CA ARG A 90 -14.54 -8.53 -6.15
C ARG A 90 -14.53 -6.99 -6.08
N ILE A 91 -13.30 -6.42 -6.03
CA ILE A 91 -13.09 -4.97 -6.11
C ILE A 91 -13.20 -4.55 -7.60
N SER A 92 -13.72 -3.34 -7.84
CA SER A 92 -13.85 -2.78 -9.20
C SER A 92 -12.48 -2.31 -9.71
N GLU A 93 -12.26 -2.33 -11.03
CA GLU A 93 -10.99 -1.90 -11.64
C GLU A 93 -10.74 -0.40 -11.39
N ASP A 94 -11.81 0.41 -11.50
CA ASP A 94 -11.74 1.87 -11.30
C ASP A 94 -11.53 2.22 -9.82
N ARG A 95 -12.09 1.37 -8.94
CA ARG A 95 -11.84 1.43 -7.49
C ARG A 95 -10.35 1.14 -7.18
N LEU A 96 -9.74 0.21 -7.94
CA LEU A 96 -8.33 -0.20 -7.76
C LEU A 96 -7.34 0.84 -8.33
N LYS A 97 -7.65 1.40 -9.51
CA LYS A 97 -6.75 2.35 -10.20
C LYS A 97 -6.73 3.69 -9.44
N ALA A 98 -7.84 3.99 -8.73
CA ALA A 98 -7.96 5.15 -7.84
C ALA A 98 -7.34 4.83 -6.47
N VAL A 99 -7.74 3.69 -5.88
CA VAL A 99 -7.33 3.27 -4.52
C VAL A 99 -6.83 1.79 -4.59
N PRO A 100 -5.52 1.55 -4.91
CA PRO A 100 -4.97 0.16 -5.04
C PRO A 100 -4.68 -0.52 -3.68
N TYR A 101 -4.80 0.23 -2.58
CA TYR A 101 -4.48 -0.26 -1.22
C TYR A 101 -5.74 -0.60 -0.41
N THR A 102 -6.92 -0.25 -0.92
CA THR A 102 -8.17 -0.46 -0.17
C THR A 102 -8.55 -1.97 -0.13
N PRO A 103 -8.75 -2.56 1.09
CA PRO A 103 -9.27 -3.95 1.21
C PRO A 103 -10.81 -4.00 1.02
N PHE A 104 -11.45 -2.82 0.92
CA PHE A 104 -12.91 -2.67 0.84
C PHE A 104 -13.30 -2.04 -0.51
N CYS A 105 -14.39 -2.54 -1.10
CA CYS A 105 -14.97 -1.96 -2.34
C CYS A 105 -15.71 -0.67 -1.99
N GLN A 106 -16.07 0.13 -3.02
CA GLN A 106 -16.69 1.47 -2.86
C GLN A 106 -17.90 1.43 -1.91
N GLU A 107 -18.72 0.36 -2.05
CA GLU A 107 -19.98 0.18 -1.31
C GLU A 107 -19.70 0.00 0.20
N CYS A 108 -18.68 -0.83 0.51
CA CYS A 108 -18.24 -1.09 1.91
C CYS A 108 -17.57 0.17 2.51
N ALA A 109 -16.77 0.88 1.69
CA ALA A 109 -16.09 2.13 2.11
C ALA A 109 -17.11 3.25 2.40
N ALA A 110 -18.23 3.22 1.67
CA ALA A 110 -19.37 4.13 1.89
C ALA A 110 -20.15 3.74 3.16
N ALA A 111 -20.21 2.43 3.43
CA ALA A 111 -20.88 1.87 4.61
C ALA A 111 -20.02 2.02 5.89
N LEU A 112 -18.72 2.35 5.73
CA LEU A 112 -17.82 2.71 6.85
C LEU A 112 -18.26 4.08 7.44
N LEU A 1 7.82 -7.70 -15.71
CA LEU A 1 7.70 -7.55 -17.18
C LEU A 1 6.46 -8.34 -17.66
N ALA A 2 5.70 -7.72 -18.60
CA ALA A 2 4.46 -8.28 -19.20
C ALA A 2 3.32 -8.40 -18.17
N GLY A 3 3.26 -9.55 -17.46
CA GLY A 3 2.15 -9.86 -16.55
C GLY A 3 0.86 -10.19 -17.30
N GLY A 4 0.15 -9.12 -17.75
CA GLY A 4 -1.09 -9.27 -18.53
C GLY A 4 -2.27 -9.77 -17.69
N LYS A 5 -2.71 -11.02 -18.00
CA LYS A 5 -3.77 -11.74 -17.25
C LYS A 5 -5.16 -11.02 -17.33
N SER A 6 -6.08 -11.42 -16.43
CA SER A 6 -7.40 -10.78 -16.25
C SER A 6 -7.26 -9.29 -15.86
N MET A 7 -6.18 -8.99 -15.12
CA MET A 7 -5.81 -7.63 -14.71
C MET A 7 -4.29 -7.62 -14.43
N ASN A 8 -3.60 -6.59 -14.95
CA ASN A 8 -2.17 -6.37 -14.71
C ASN A 8 -1.92 -5.94 -13.25
N VAL A 9 -1.88 -6.94 -12.36
CA VAL A 9 -1.67 -6.74 -10.91
C VAL A 9 -0.23 -6.27 -10.64
N GLU A 10 0.71 -6.66 -11.52
CA GLU A 10 2.14 -6.31 -11.43
C GLU A 10 2.34 -4.78 -11.29
N SER A 11 1.50 -4.03 -12.03
CA SER A 11 1.46 -2.57 -11.99
C SER A 11 1.11 -2.07 -10.57
N TYR A 12 0.12 -2.73 -9.95
CA TYR A 12 -0.34 -2.41 -8.60
C TYR A 12 0.69 -2.84 -7.54
N GLU A 13 1.44 -3.93 -7.79
CA GLU A 13 2.48 -4.46 -6.86
C GLU A 13 3.56 -3.41 -6.60
N LYS A 14 4.16 -2.95 -7.70
CA LYS A 14 5.28 -2.00 -7.66
C LYS A 14 4.83 -0.63 -7.12
N ILE A 15 3.66 -0.13 -7.59
CA ILE A 15 3.17 1.23 -7.23
C ILE A 15 2.80 1.29 -5.74
N LEU A 16 2.31 0.16 -5.20
CA LEU A 16 2.00 0.02 -3.76
C LEU A 16 3.28 0.12 -2.93
N ARG A 17 4.33 -0.60 -3.36
CA ARG A 17 5.62 -0.60 -2.67
C ARG A 17 6.26 0.79 -2.70
N ASP A 18 6.17 1.47 -3.86
CA ASP A 18 6.69 2.84 -4.04
C ASP A 18 5.97 3.84 -3.10
N ARG A 19 4.65 3.60 -2.89
CA ARG A 19 3.80 4.47 -2.05
C ARG A 19 3.96 4.16 -0.56
N GLN A 20 4.29 2.91 -0.20
CA GLN A 20 4.60 2.56 1.19
C GLN A 20 6.02 3.02 1.53
N ARG A 21 6.91 3.16 0.52
CA ARG A 21 8.29 3.66 0.70
C ARG A 21 8.27 5.15 1.11
N GLU A 22 7.50 5.96 0.35
CA GLU A 22 7.34 7.40 0.64
C GLU A 22 6.61 7.63 1.98
N LEU A 23 5.61 6.78 2.28
CA LEU A 23 4.90 6.82 3.57
C LEU A 23 5.82 6.39 4.72
N TYR A 24 6.58 5.29 4.55
CA TYR A 24 7.48 4.73 5.60
C TYR A 24 8.50 5.79 6.02
N ARG A 25 9.19 6.39 5.04
CA ARG A 25 10.23 7.42 5.29
C ARG A 25 9.61 8.72 5.85
N ARG A 26 8.34 8.99 5.49
CA ARG A 26 7.59 10.15 6.01
C ARG A 26 7.40 10.04 7.52
N LEU A 27 6.75 8.94 7.96
CA LEU A 27 6.44 8.72 9.39
C LEU A 27 7.65 8.17 10.17
N HIS A 28 8.73 7.81 9.44
CA HIS A 28 10.04 7.44 10.02
C HIS A 28 11.04 8.54 9.63
N LYS A 29 10.67 9.79 9.95
CA LYS A 29 11.46 10.99 9.60
C LYS A 29 12.74 11.08 10.47
N ILE A 30 12.73 10.36 11.62
CA ILE A 30 13.91 10.25 12.51
C ILE A 30 15.10 9.58 11.80
N GLU A 31 14.83 8.56 10.96
CA GLU A 31 15.86 7.84 10.19
C GLU A 31 15.98 8.45 8.78
N ALA A 32 14.88 9.02 8.26
CA ALA A 32 14.86 9.74 6.98
C ALA A 32 15.19 11.21 7.22
N ASP A 33 16.47 11.45 7.47
CA ASP A 33 17.03 12.78 7.81
C ASP A 33 17.51 13.51 6.52
N PHE A 34 17.09 12.98 5.35
CA PHE A 34 17.55 13.41 4.01
C PHE A 34 19.04 13.05 3.81
N GLU A 35 19.45 11.95 4.48
CA GLU A 35 20.75 11.28 4.29
C GLU A 35 20.61 10.13 3.27
N GLU A 36 19.45 10.12 2.60
CA GLU A 36 19.06 9.14 1.58
C GLU A 36 19.97 9.22 0.33
N PRO A 37 20.12 8.12 -0.47
CA PRO A 37 20.93 8.12 -1.72
C PRO A 37 20.49 9.25 -2.70
N ARG A 38 21.46 10.11 -3.07
CA ARG A 38 21.23 11.24 -4.00
C ARG A 38 20.87 10.73 -5.41
N ASN A 39 21.41 9.55 -5.76
CA ASN A 39 21.02 8.83 -6.98
C ASN A 39 19.68 8.10 -6.71
N PRO A 40 18.58 8.43 -7.46
CA PRO A 40 17.23 7.93 -7.17
C PRO A 40 17.11 6.39 -7.29
N ASP A 41 17.09 5.71 -6.14
CA ASP A 41 16.87 4.25 -6.07
C ASP A 41 15.84 3.95 -4.97
N ASP A 42 15.06 2.89 -5.17
CA ASP A 42 13.91 2.54 -4.31
C ASP A 42 14.35 1.77 -3.05
N GLU A 43 15.47 1.03 -3.16
CA GLU A 43 15.93 0.09 -2.11
C GLU A 43 17.37 0.39 -1.67
N ASP A 44 18.18 0.92 -2.62
CA ASP A 44 19.65 1.13 -2.46
C ASP A 44 20.36 -0.22 -2.14
N ARG A 45 20.36 -0.59 -0.84
CA ARG A 45 20.92 -1.83 -0.30
C ARG A 45 20.88 -1.69 1.23
N ALA A 46 19.66 -1.75 1.78
CA ALA A 46 19.40 -1.58 3.22
C ALA A 46 18.05 -2.21 3.59
N SER A 47 18.09 -3.49 3.95
CA SER A 47 16.94 -4.24 4.44
C SER A 47 17.45 -5.34 5.38
N GLU A 48 18.26 -6.27 4.82
CA GLU A 48 18.99 -7.32 5.56
C GLU A 48 18.03 -8.33 6.24
N ARG A 49 17.49 -7.98 7.42
CA ARG A 49 16.67 -8.87 8.27
C ARG A 49 15.36 -8.16 8.69
N SER A 50 14.57 -8.83 9.57
CA SER A 50 13.26 -8.35 10.03
C SER A 50 13.36 -7.05 10.86
N ASN A 51 12.63 -6.01 10.44
CA ASN A 51 12.51 -4.73 11.16
C ASN A 51 11.02 -4.35 11.25
N ASP A 52 10.45 -4.47 12.45
CA ASP A 52 9.04 -4.12 12.72
C ASP A 52 9.02 -3.00 13.77
N GLU A 53 9.43 -1.81 13.34
CA GLU A 53 9.40 -0.60 14.18
C GLU A 53 8.17 0.23 13.80
N VAL A 54 7.13 0.18 14.65
CA VAL A 54 5.95 1.03 14.50
C VAL A 54 6.31 2.44 15.02
N LEU A 55 6.47 2.57 16.35
CA LEU A 55 6.70 3.86 17.08
C LEU A 55 5.40 4.70 17.20
N ASP A 56 5.45 5.70 18.10
CA ASP A 56 4.42 6.76 18.24
C ASP A 56 4.83 7.99 17.38
N GLU A 57 5.76 7.74 16.45
CA GLU A 57 6.40 8.72 15.55
C GLU A 57 5.51 8.99 14.32
N LEU A 58 4.49 8.11 14.13
CA LEU A 58 3.73 7.99 12.88
C LEU A 58 2.44 8.83 12.89
N GLY A 59 1.90 9.11 11.69
CA GLY A 59 0.59 9.79 11.54
C GLY A 59 -0.55 8.80 11.31
N GLN A 60 -1.81 9.25 11.53
CA GLN A 60 -3.00 8.37 11.48
C GLN A 60 -3.25 7.80 10.06
N VAL A 61 -3.54 8.70 9.10
CA VAL A 61 -3.75 8.34 7.67
C VAL A 61 -2.50 7.68 7.08
N GLY A 62 -1.32 8.05 7.63
CA GLY A 62 -0.06 7.44 7.24
C GLY A 62 -0.04 5.95 7.52
N GLN A 63 -0.38 5.56 8.77
CA GLN A 63 -0.34 4.15 9.24
C GLN A 63 -1.45 3.31 8.58
N ASP A 64 -2.64 3.92 8.47
CA ASP A 64 -3.85 3.23 7.95
C ASP A 64 -3.68 2.88 6.49
N GLU A 65 -3.15 3.83 5.72
CA GLU A 65 -2.87 3.64 4.31
C GLU A 65 -1.68 2.66 4.13
N LEU A 66 -0.68 2.80 5.02
CA LEU A 66 0.55 1.96 5.06
C LEU A 66 0.18 0.47 5.22
N ARG A 67 -0.74 0.23 6.18
CA ARG A 67 -1.17 -1.12 6.61
C ARG A 67 -2.12 -1.71 5.57
N ALA A 68 -2.89 -0.82 4.90
CA ALA A 68 -3.78 -1.20 3.79
C ALA A 68 -2.96 -1.63 2.55
N ILE A 69 -1.84 -0.92 2.30
CA ILE A 69 -0.89 -1.25 1.23
C ILE A 69 -0.26 -2.62 1.51
N ASP A 70 0.20 -2.79 2.75
CA ASP A 70 0.85 -4.03 3.21
C ASP A 70 -0.12 -5.23 3.14
N ALA A 71 -1.40 -4.95 3.43
CA ALA A 71 -2.48 -5.96 3.37
C ALA A 71 -2.79 -6.36 1.92
N ALA A 72 -2.78 -5.36 1.02
CA ALA A 72 -3.04 -5.54 -0.41
C ALA A 72 -1.92 -6.36 -1.08
N LEU A 73 -0.66 -6.02 -0.72
CA LEU A 73 0.55 -6.74 -1.19
C LEU A 73 0.54 -8.21 -0.73
N ALA A 74 0.07 -8.41 0.52
CA ALA A 74 -0.11 -9.75 1.12
C ALA A 74 -1.19 -10.55 0.34
N ARG A 75 -2.25 -9.84 -0.11
CA ARG A 75 -3.34 -10.43 -0.94
C ARG A 75 -2.85 -10.78 -2.34
N ILE A 76 -1.85 -10.06 -2.87
CA ILE A 76 -1.27 -10.37 -4.20
C ILE A 76 -0.47 -11.68 -4.12
N ALA A 77 0.34 -11.80 -3.05
CA ALA A 77 1.12 -13.01 -2.76
C ALA A 77 0.21 -14.20 -2.42
N SER A 78 -0.99 -13.90 -1.88
CA SER A 78 -2.04 -14.90 -1.58
C SER A 78 -2.89 -15.18 -2.85
N GLY A 79 -2.83 -14.28 -3.84
CA GLY A 79 -3.58 -14.41 -5.10
C GLY A 79 -5.03 -13.94 -5.01
N THR A 80 -5.41 -13.33 -3.87
CA THR A 80 -6.77 -12.82 -3.61
C THR A 80 -6.77 -11.27 -3.55
N PHE A 81 -5.86 -10.64 -4.32
CA PHE A 81 -5.87 -9.18 -4.53
C PHE A 81 -7.16 -8.74 -5.27
N GLY A 82 -7.63 -7.54 -4.93
CA GLY A 82 -8.85 -6.99 -5.50
C GLY A 82 -10.08 -7.67 -4.95
N THR A 83 -10.04 -8.02 -3.66
CA THR A 83 -11.16 -8.63 -2.96
C THR A 83 -11.57 -7.77 -1.75
N CYS A 84 -12.80 -7.24 -1.80
CA CYS A 84 -13.43 -6.59 -0.65
C CYS A 84 -13.69 -7.65 0.42
N VAL A 85 -12.83 -7.67 1.45
CA VAL A 85 -12.90 -8.65 2.55
C VAL A 85 -14.21 -8.50 3.38
N LYS A 86 -14.74 -7.26 3.44
CA LYS A 86 -16.01 -6.94 4.13
C LYS A 86 -17.24 -7.44 3.32
N CYS A 87 -17.01 -7.81 2.05
CA CYS A 87 -18.04 -8.41 1.16
C CYS A 87 -17.73 -9.89 0.86
N GLY A 88 -16.45 -10.27 0.98
CA GLY A 88 -15.94 -11.54 0.44
C GLY A 88 -16.03 -11.62 -1.10
N LYS A 89 -16.10 -10.43 -1.76
CA LYS A 89 -16.35 -10.32 -3.22
C LYS A 89 -15.26 -9.45 -3.88
N ARG A 90 -15.40 -9.22 -5.20
CA ARG A 90 -14.45 -8.45 -6.03
C ARG A 90 -14.54 -6.92 -5.74
N ILE A 91 -13.42 -6.22 -5.96
CA ILE A 91 -13.33 -4.74 -5.95
C ILE A 91 -13.54 -4.20 -7.39
N SER A 92 -14.10 -2.99 -7.52
CA SER A 92 -14.25 -2.30 -8.82
C SER A 92 -12.86 -1.97 -9.42
N GLU A 93 -12.74 -2.05 -10.76
CA GLU A 93 -11.48 -1.75 -11.49
C GLU A 93 -11.01 -0.30 -11.18
N ASP A 94 -11.97 0.63 -11.19
CA ASP A 94 -11.72 2.06 -10.94
C ASP A 94 -11.31 2.31 -9.48
N ARG A 95 -11.86 1.51 -8.58
CA ARG A 95 -11.47 1.53 -7.15
C ARG A 95 -10.03 1.00 -6.99
N LEU A 96 -9.59 0.06 -7.85
CA LEU A 96 -8.21 -0.51 -7.78
C LEU A 96 -7.16 0.42 -8.44
N LYS A 97 -7.54 1.08 -9.54
CA LYS A 97 -6.62 1.96 -10.30
C LYS A 97 -6.42 3.29 -9.54
N ALA A 98 -7.45 3.69 -8.77
CA ALA A 98 -7.44 4.91 -7.95
C ALA A 98 -6.93 4.62 -6.53
N VAL A 99 -7.37 3.50 -5.95
CA VAL A 99 -7.07 3.10 -4.56
C VAL A 99 -6.61 1.61 -4.54
N PRO A 100 -5.33 1.30 -4.97
CA PRO A 100 -4.86 -0.11 -5.11
C PRO A 100 -4.56 -0.82 -3.77
N TYR A 101 -4.79 -0.12 -2.65
CA TYR A 101 -4.49 -0.64 -1.30
C TYR A 101 -5.76 -0.98 -0.51
N THR A 102 -6.94 -0.60 -1.04
CA THR A 102 -8.19 -0.68 -0.30
C THR A 102 -8.60 -2.16 0.02
N PRO A 103 -8.80 -2.51 1.33
CA PRO A 103 -9.35 -3.82 1.73
C PRO A 103 -10.88 -3.89 1.52
N PHE A 104 -11.51 -2.71 1.40
CA PHE A 104 -12.97 -2.57 1.27
C PHE A 104 -13.32 -2.03 -0.13
N CYS A 105 -14.58 -2.18 -0.54
CA CYS A 105 -15.07 -1.62 -1.82
C CYS A 105 -15.64 -0.22 -1.57
N GLN A 106 -15.91 0.54 -2.65
CA GLN A 106 -16.43 1.93 -2.57
C GLN A 106 -17.74 2.00 -1.74
N GLU A 107 -18.53 0.91 -1.80
CA GLU A 107 -19.80 0.79 -1.07
C GLU A 107 -19.53 0.69 0.45
N CYS A 108 -18.53 -0.15 0.81
CA CYS A 108 -18.11 -0.32 2.22
C CYS A 108 -17.39 0.95 2.75
N ALA A 109 -16.71 1.69 1.85
CA ALA A 109 -16.09 2.99 2.17
C ALA A 109 -17.17 4.03 2.53
N ALA A 110 -18.35 3.90 1.90
CA ALA A 110 -19.54 4.72 2.19
C ALA A 110 -20.28 4.18 3.44
N ALA A 111 -20.05 2.89 3.77
CA ALA A 111 -20.70 2.21 4.91
C ALA A 111 -19.74 2.02 6.11
N LEU A 112 -18.68 2.84 6.18
CA LEU A 112 -17.72 2.85 7.32
C LEU A 112 -18.38 3.54 8.55
N LEU A 1 3.16 2.05 -20.40
CA LEU A 1 3.04 0.72 -19.75
C LEU A 1 1.64 0.16 -20.01
N ALA A 2 1.56 -1.10 -20.47
CA ALA A 2 0.28 -1.79 -20.76
C ALA A 2 -0.28 -2.44 -19.49
N GLY A 3 -1.54 -2.16 -19.16
CA GLY A 3 -2.19 -2.74 -17.98
C GLY A 3 -3.69 -2.46 -17.93
N GLY A 4 -4.40 -3.14 -17.02
CA GLY A 4 -5.83 -2.91 -16.77
C GLY A 4 -6.75 -3.57 -17.80
N LYS A 5 -6.30 -4.69 -18.41
CA LYS A 5 -7.16 -5.51 -19.30
C LYS A 5 -8.13 -6.33 -18.44
N SER A 6 -7.57 -7.13 -17.53
CA SER A 6 -8.32 -7.81 -16.47
C SER A 6 -8.09 -7.03 -15.17
N MET A 7 -6.82 -6.97 -14.75
CA MET A 7 -6.33 -6.19 -13.61
C MET A 7 -4.91 -5.71 -13.90
N ASN A 8 -4.06 -6.69 -14.25
CA ASN A 8 -2.59 -6.53 -14.35
C ASN A 8 -2.03 -6.09 -12.99
N VAL A 9 -1.94 -7.08 -12.08
CA VAL A 9 -1.63 -6.85 -10.66
C VAL A 9 -0.21 -6.29 -10.46
N GLU A 10 0.70 -6.58 -11.42
CA GLU A 10 2.10 -6.10 -11.37
C GLU A 10 2.20 -4.55 -11.40
N SER A 11 1.23 -3.91 -12.08
CA SER A 11 1.10 -2.45 -12.07
C SER A 11 0.69 -1.96 -10.66
N TYR A 12 -0.21 -2.74 -10.02
CA TYR A 12 -0.70 -2.47 -8.67
C TYR A 12 0.39 -2.78 -7.63
N GLU A 13 1.28 -3.76 -7.92
CA GLU A 13 2.35 -4.17 -7.01
C GLU A 13 3.37 -3.04 -6.84
N LYS A 14 3.87 -2.53 -7.99
CA LYS A 14 4.91 -1.49 -8.02
C LYS A 14 4.41 -0.16 -7.42
N ILE A 15 3.14 0.23 -7.74
CA ILE A 15 2.57 1.51 -7.23
C ILE A 15 2.43 1.46 -5.70
N LEU A 16 2.10 0.27 -5.17
CA LEU A 16 2.01 0.04 -3.71
C LEU A 16 3.39 0.12 -3.05
N ARG A 17 4.42 -0.42 -3.73
CA ARG A 17 5.83 -0.34 -3.27
C ARG A 17 6.26 1.14 -3.11
N ASP A 18 6.01 1.95 -4.16
CA ASP A 18 6.36 3.39 -4.19
C ASP A 18 5.62 4.17 -3.08
N ARG A 19 4.30 3.94 -2.98
CA ARG A 19 3.42 4.64 -2.01
C ARG A 19 3.82 4.31 -0.57
N GLN A 20 4.17 3.05 -0.30
CA GLN A 20 4.52 2.62 1.06
C GLN A 20 5.93 3.09 1.45
N ARG A 21 6.86 3.18 0.47
CA ARG A 21 8.26 3.53 0.74
C ARG A 21 8.42 5.04 1.00
N GLU A 22 7.63 5.87 0.29
CA GLU A 22 7.59 7.32 0.53
C GLU A 22 6.98 7.61 1.90
N LEU A 23 5.89 6.88 2.25
CA LEU A 23 5.27 6.95 3.58
C LEU A 23 6.23 6.45 4.66
N TYR A 24 6.91 5.32 4.37
CA TYR A 24 7.81 4.63 5.32
C TYR A 24 8.92 5.57 5.79
N ARG A 25 9.66 6.17 4.83
CA ARG A 25 10.78 7.07 5.11
C ARG A 25 10.29 8.40 5.73
N ARG A 26 9.03 8.80 5.40
CA ARG A 26 8.39 10.01 5.97
C ARG A 26 8.14 9.84 7.48
N LEU A 27 7.37 8.80 7.85
CA LEU A 27 6.97 8.56 9.24
C LEU A 27 8.16 8.06 10.09
N HIS A 28 9.13 7.41 9.43
CA HIS A 28 10.41 7.01 10.08
C HIS A 28 11.44 8.16 10.07
N LYS A 29 10.95 9.40 10.14
CA LYS A 29 11.79 10.62 10.23
C LYS A 29 12.75 10.62 11.46
N ILE A 30 12.48 9.76 12.47
CA ILE A 30 13.34 9.64 13.66
C ILE A 30 14.76 9.10 13.31
N GLU A 31 14.87 8.06 12.44
CA GLU A 31 16.21 7.49 12.07
C GLU A 31 16.50 7.61 10.57
N ALA A 32 15.44 7.73 9.74
CA ALA A 32 15.58 7.80 8.27
C ALA A 32 15.86 9.24 7.85
N ASP A 33 16.77 9.38 6.88
CA ASP A 33 17.09 10.66 6.24
C ASP A 33 16.96 10.53 4.72
N PHE A 34 16.73 11.68 4.08
CA PHE A 34 16.83 11.82 2.62
C PHE A 34 17.76 13.02 2.33
N GLU A 35 18.90 13.05 3.07
CA GLU A 35 19.93 14.09 2.92
C GLU A 35 20.55 14.03 1.52
N GLU A 36 20.83 12.79 1.08
CA GLU A 36 21.30 12.51 -0.28
C GLU A 36 20.08 12.17 -1.18
N PRO A 37 19.96 12.80 -2.39
CA PRO A 37 18.90 12.47 -3.38
C PRO A 37 19.04 11.03 -3.95
N ARG A 38 18.34 10.08 -3.33
CA ARG A 38 18.25 8.69 -3.81
C ARG A 38 17.05 8.58 -4.79
N ASN A 39 17.17 7.69 -5.79
CA ASN A 39 16.11 7.47 -6.80
C ASN A 39 14.92 6.69 -6.17
N PRO A 40 13.68 6.73 -6.78
CA PRO A 40 12.47 6.03 -6.23
C PRO A 40 12.70 4.54 -5.96
N ASP A 41 13.24 3.86 -6.98
CA ASP A 41 13.51 2.41 -6.95
C ASP A 41 15.01 2.12 -6.74
N ASP A 42 15.76 3.13 -6.23
CA ASP A 42 17.22 3.00 -5.94
C ASP A 42 17.47 1.89 -4.89
N GLU A 43 16.50 1.74 -3.97
CA GLU A 43 16.50 0.69 -2.94
C GLU A 43 16.59 -0.73 -3.56
N ASP A 44 16.12 -0.84 -4.83
CA ASP A 44 16.09 -2.09 -5.62
C ASP A 44 15.13 -3.10 -4.97
N ARG A 45 15.60 -3.79 -3.92
CA ARG A 45 14.80 -4.70 -3.11
C ARG A 45 15.37 -4.66 -1.68
N ALA A 46 15.51 -3.42 -1.16
CA ALA A 46 16.00 -3.15 0.20
C ALA A 46 15.11 -3.87 1.23
N SER A 47 15.76 -4.64 2.12
CA SER A 47 15.09 -5.42 3.15
C SER A 47 14.17 -4.50 4.00
N GLU A 48 12.84 -4.70 3.85
CA GLU A 48 11.82 -3.83 4.45
C GLU A 48 11.77 -4.09 5.97
N ARG A 49 12.46 -3.20 6.71
CA ARG A 49 12.80 -3.36 8.13
C ARG A 49 11.54 -3.44 9.02
N SER A 50 11.32 -4.64 9.60
CA SER A 50 10.16 -4.95 10.42
C SER A 50 10.25 -4.25 11.79
N ASN A 51 9.24 -3.44 12.09
CA ASN A 51 9.09 -2.76 13.39
C ASN A 51 7.86 -3.34 14.10
N ASP A 52 8.12 -4.10 15.19
CA ASP A 52 7.08 -4.85 15.95
C ASP A 52 6.22 -3.89 16.81
N GLU A 53 6.78 -2.71 17.12
CA GLU A 53 6.11 -1.66 17.89
C GLU A 53 5.42 -0.66 16.93
N VAL A 54 4.28 -0.09 17.39
CA VAL A 54 3.52 0.90 16.61
C VAL A 54 4.33 2.20 16.49
N LEU A 55 4.84 2.69 17.64
CA LEU A 55 5.68 3.91 17.75
C LEU A 55 4.88 5.19 17.38
N ASP A 56 4.60 6.01 18.41
CA ASP A 56 3.81 7.25 18.27
C ASP A 56 4.56 8.32 17.43
N GLU A 57 5.89 8.16 17.33
CA GLU A 57 6.76 9.12 16.60
C GLU A 57 6.62 9.01 15.08
N LEU A 58 5.89 7.99 14.60
CA LEU A 58 5.66 7.81 13.16
C LEU A 58 4.56 8.78 12.66
N GLY A 59 3.29 8.51 13.02
CA GLY A 59 2.16 9.36 12.61
C GLY A 59 1.03 8.52 11.99
N GLN A 60 -0.18 8.65 12.56
CA GLN A 60 -1.29 7.70 12.31
C GLN A 60 -1.81 7.69 10.86
N VAL A 61 -1.89 8.87 10.20
CA VAL A 61 -2.33 8.97 8.78
C VAL A 61 -1.36 8.20 7.85
N GLY A 62 -0.06 8.31 8.15
CA GLY A 62 0.97 7.58 7.43
C GLY A 62 0.86 6.08 7.65
N GLN A 63 0.76 5.68 8.93
CA GLN A 63 0.75 4.26 9.38
C GLN A 63 -0.52 3.51 8.92
N ASP A 64 -1.64 4.24 8.91
CA ASP A 64 -2.97 3.68 8.59
C ASP A 64 -3.05 3.40 7.09
N GLU A 65 -2.66 4.41 6.30
CA GLU A 65 -2.63 4.33 4.84
C GLU A 65 -1.58 3.28 4.41
N LEU A 66 -0.49 3.20 5.19
CA LEU A 66 0.60 2.21 5.03
C LEU A 66 0.04 0.78 5.18
N ARG A 67 -0.78 0.61 6.25
CA ARG A 67 -1.41 -0.68 6.61
C ARG A 67 -2.33 -1.18 5.49
N ALA A 68 -3.05 -0.23 4.85
CA ALA A 68 -3.92 -0.51 3.70
C ALA A 68 -3.10 -1.08 2.52
N ILE A 69 -1.93 -0.46 2.30
CA ILE A 69 -0.98 -0.86 1.24
C ILE A 69 -0.41 -2.27 1.53
N ASP A 70 -0.01 -2.50 2.79
CA ASP A 70 0.58 -3.78 3.25
C ASP A 70 -0.46 -4.91 3.20
N ALA A 71 -1.74 -4.54 3.45
CA ALA A 71 -2.89 -5.45 3.38
C ALA A 71 -3.19 -5.85 1.93
N ALA A 72 -2.98 -4.88 1.01
CA ALA A 72 -3.15 -5.07 -0.43
C ALA A 72 -2.06 -6.01 -0.98
N LEU A 73 -0.79 -5.75 -0.59
CA LEU A 73 0.39 -6.57 -0.96
C LEU A 73 0.28 -8.00 -0.38
N ALA A 74 -0.33 -8.11 0.81
CA ALA A 74 -0.62 -9.40 1.48
C ALA A 74 -1.62 -10.22 0.65
N ARG A 75 -2.64 -9.52 0.11
CA ARG A 75 -3.66 -10.13 -0.77
C ARG A 75 -3.06 -10.53 -2.14
N ILE A 76 -2.03 -9.79 -2.60
CA ILE A 76 -1.33 -10.14 -3.87
C ILE A 76 -0.52 -11.44 -3.69
N ALA A 77 0.14 -11.55 -2.53
CA ALA A 77 0.90 -12.75 -2.13
C ALA A 77 -0.05 -13.95 -1.90
N SER A 78 -1.26 -13.65 -1.40
CA SER A 78 -2.32 -14.65 -1.16
C SER A 78 -3.09 -14.97 -2.46
N GLY A 79 -2.89 -14.14 -3.51
CA GLY A 79 -3.55 -14.30 -4.81
C GLY A 79 -5.02 -13.88 -4.81
N THR A 80 -5.46 -13.21 -3.72
CA THR A 80 -6.86 -12.76 -3.52
C THR A 80 -6.91 -11.22 -3.54
N PHE A 81 -5.96 -10.60 -4.27
CA PHE A 81 -5.97 -9.16 -4.51
C PHE A 81 -7.17 -8.79 -5.40
N GLY A 82 -7.75 -7.62 -5.13
CA GLY A 82 -9.00 -7.21 -5.76
C GLY A 82 -10.20 -7.89 -5.14
N THR A 83 -10.15 -8.08 -3.81
CA THR A 83 -11.25 -8.67 -3.03
C THR A 83 -11.70 -7.71 -1.90
N CYS A 84 -12.98 -7.29 -1.98
CA CYS A 84 -13.71 -6.61 -0.91
C CYS A 84 -13.80 -7.56 0.29
N VAL A 85 -12.82 -7.45 1.22
CA VAL A 85 -12.65 -8.38 2.37
C VAL A 85 -13.87 -8.35 3.34
N LYS A 86 -14.55 -7.19 3.36
CA LYS A 86 -15.75 -6.95 4.18
C LYS A 86 -16.97 -7.76 3.66
N CYS A 87 -16.89 -8.16 2.37
CA CYS A 87 -17.99 -8.82 1.66
C CYS A 87 -17.57 -10.22 1.14
N GLY A 88 -16.25 -10.50 1.18
CA GLY A 88 -15.67 -11.73 0.61
C GLY A 88 -15.93 -11.87 -0.90
N LYS A 89 -15.98 -10.73 -1.60
CA LYS A 89 -16.30 -10.67 -3.06
C LYS A 89 -15.34 -9.70 -3.78
N ARG A 90 -15.59 -9.47 -5.07
CA ARG A 90 -14.67 -8.74 -5.99
C ARG A 90 -14.66 -7.21 -5.74
N ILE A 91 -13.51 -6.56 -6.04
CA ILE A 91 -13.37 -5.08 -6.13
C ILE A 91 -13.53 -4.66 -7.61
N SER A 92 -14.07 -3.45 -7.82
CA SER A 92 -14.25 -2.87 -9.15
C SER A 92 -12.89 -2.46 -9.74
N GLU A 93 -12.73 -2.59 -11.08
CA GLU A 93 -11.47 -2.24 -11.79
C GLU A 93 -11.09 -0.76 -11.55
N ASP A 94 -12.13 0.10 -11.59
CA ASP A 94 -12.00 1.57 -11.38
C ASP A 94 -11.50 1.87 -9.96
N ARG A 95 -11.98 1.09 -8.99
CA ARG A 95 -11.59 1.20 -7.58
C ARG A 95 -10.14 0.74 -7.37
N LEU A 96 -9.69 -0.25 -8.16
CA LEU A 96 -8.32 -0.79 -8.08
C LEU A 96 -7.29 0.19 -8.67
N LYS A 97 -7.60 0.75 -9.84
CA LYS A 97 -6.69 1.64 -10.57
C LYS A 97 -6.55 3.00 -9.87
N ALA A 98 -7.61 3.40 -9.14
CA ALA A 98 -7.64 4.67 -8.38
C ALA A 98 -7.09 4.46 -6.95
N VAL A 99 -7.56 3.38 -6.28
CA VAL A 99 -7.21 3.07 -4.87
C VAL A 99 -6.76 1.57 -4.79
N PRO A 100 -5.49 1.24 -5.17
CA PRO A 100 -5.01 -0.18 -5.17
C PRO A 100 -4.76 -0.75 -3.76
N TYR A 101 -4.84 0.12 -2.74
CA TYR A 101 -4.56 -0.27 -1.34
C TYR A 101 -5.83 -0.49 -0.53
N THR A 102 -7.00 -0.16 -1.09
CA THR A 102 -8.28 -0.17 -0.35
C THR A 102 -8.62 -1.61 0.16
N PRO A 103 -8.80 -1.83 1.51
CA PRO A 103 -9.27 -3.12 2.06
C PRO A 103 -10.73 -3.42 1.63
N PHE A 104 -11.54 -2.35 1.60
CA PHE A 104 -12.97 -2.41 1.25
C PHE A 104 -13.17 -1.99 -0.21
N CYS A 105 -14.41 -2.00 -0.63
CA CYS A 105 -14.86 -1.52 -1.94
C CYS A 105 -15.42 -0.10 -1.79
N GLN A 106 -15.87 0.52 -2.90
CA GLN A 106 -16.38 1.91 -2.87
C GLN A 106 -17.66 2.03 -2.02
N GLU A 107 -18.69 1.23 -2.34
CA GLU A 107 -20.01 1.30 -1.66
C GLU A 107 -19.94 0.86 -0.19
N CYS A 108 -19.07 -0.13 0.10
CA CYS A 108 -18.90 -0.64 1.48
C CYS A 108 -17.98 0.26 2.33
N ALA A 109 -17.09 1.04 1.67
CA ALA A 109 -16.29 2.08 2.37
C ALA A 109 -17.16 3.33 2.62
N ALA A 110 -18.22 3.50 1.80
CA ALA A 110 -19.23 4.55 1.99
C ALA A 110 -20.30 4.11 3.02
N ALA A 111 -20.48 2.79 3.13
CA ALA A 111 -21.45 2.17 4.06
C ALA A 111 -20.77 1.03 4.85
N LEU A 112 -19.99 1.43 5.85
CA LEU A 112 -19.32 0.54 6.79
C LEU A 112 -20.33 0.04 7.87
#